data_1JKO
# 
_entry.id   1JKO 
# 
_audit_conform.dict_name       mmcif_pdbx.dic 
_audit_conform.dict_version    5.376 
_audit_conform.dict_location   http://mmcif.pdb.org/dictionaries/ascii/mmcif_pdbx.dic 
# 
loop_
_database_2.database_id 
_database_2.database_code 
_database_2.pdbx_database_accession 
_database_2.pdbx_DOI 
PDB   1JKO         pdb_00001jko 10.2210/pdb1jko/pdb 
NDB   PD0234       ?            ?                   
RCSB  RCSB013882   ?            ?                   
WWPDB D_1000013882 ?            ?                   
# 
loop_
_pdbx_database_related.db_name 
_pdbx_database_related.db_id 
_pdbx_database_related.details 
_pdbx_database_related.content_type 
PDB 1HCR 
;Native wild-type Hin recombinase DNA-binding domain bound to underivatized 
hixL half-site.
;
unspecified 
PDB 1IJW 'FORM1 BR18 DERIVATIVE'                                                                       unspecified 
PDB 1JJ6 'FORM1 I5 DERIVATIVE'                                                                         unspecified 
PDB 1JJ8 'FORM2 I4 DERIVATIVE'                                                                         unspecified 
PDB 1JKP 'FORM1 T11G MUTANT'                                                                           unspecified 
PDB 1JKQ 'FORM1 G9T MUTANT'                                                                            unspecified 
PDB 1JKR 'FORM1 T11C MUTANT'                                                                           unspecified 
# 
_pdbx_database_status.status_code                     REL 
_pdbx_database_status.entry_id                        1JKO 
_pdbx_database_status.recvd_initial_deposition_date   2001-07-12 
_pdbx_database_status.deposit_site                    RCSB 
_pdbx_database_status.process_site                    RCSB 
_pdbx_database_status.status_code_sf                  REL 
_pdbx_database_status.SG_entry                        . 
_pdbx_database_status.pdb_format_compatible           Y 
_pdbx_database_status.status_code_mr                  ? 
_pdbx_database_status.status_code_cs                  ? 
_pdbx_database_status.status_code_nmr_data            ? 
_pdbx_database_status.methods_development_category    ? 
# 
loop_
_audit_author.name 
_audit_author.pdbx_ordinal 
'Chiu, T.K.'      1 
'Sohn, C.'        2 
'Johnson, R.C.'   3 
'Dickerson, R.E.' 4 
# 
loop_
_citation.id 
_citation.title 
_citation.journal_abbrev 
_citation.journal_volume 
_citation.page_first 
_citation.page_last 
_citation.year 
_citation.journal_id_ASTM 
_citation.country 
_citation.journal_id_ISSN 
_citation.journal_id_CSD 
_citation.book_publisher 
_citation.pdbx_database_id_PubMed 
_citation.pdbx_database_id_DOI 
primary 'Testing water-mediated DNA recognition by the Hin recombinase.' 'EMBO J.' 21  801 814 2002 EMJODG UK 0261-4189 0897 ? 
11847127 10.1093/emboj/21.4.801 
1       
'How Hin Recombinase, FIS and Cations Bind DNA. Chapter 4. Water-Mediated Sequence-Specific Recognition by Hin Recombinase' Thesis 
?   145 241 2001 ?      ?  ?         ?    ? ?        ?                      
2       'Hin Recombinase Bound to DNA: The Origin of Specificity in Major and Minor Groove Interactions' Science   263 348 355 
1994 SCIEAS US 0036-8075 0038 ? ?        ?                      
# 
loop_
_citation_author.citation_id 
_citation_author.name 
_citation_author.ordinal 
_citation_author.identifier_ORCID 
primary 'Chiu, T.K.'      1 ? 
primary 'Sohn, C.'        2 ? 
primary 'Dickerson, R.E.' 3 ? 
primary 'Johnson, R.C.'   4 ? 
1       'Chiu, T.K.'      5 ? 
2       'Feng, J.A.'      6 ? 
2       'Johnson, R.C.'   7 ? 
2       'Dickerson, R.E.' 8 ? 
# 
_cell.entry_id           1JKO 
_cell.length_a           85.612 
_cell.length_b           81.996 
_cell.length_c           43.734 
_cell.angle_alpha        90.00 
_cell.angle_beta         90.00 
_cell.angle_gamma        90.00 
_cell.Z_PDB              8 
_cell.pdbx_unique_axis   ? 
# 
_symmetry.entry_id                         1JKO 
_symmetry.space_group_name_H-M             'C 2 2 21' 
_symmetry.pdbx_full_space_group_name_H-M   ? 
_symmetry.cell_setting                     ? 
_symmetry.Int_Tables_number                20 
# 
loop_
_entity.id 
_entity.type 
_entity.src_method 
_entity.pdbx_description 
_entity.formula_weight 
_entity.pdbx_number_of_molecules 
_entity.pdbx_ec 
_entity.pdbx_mutation 
_entity.pdbx_fragment 
_entity.details 
1 polymer     syn "5'-D(*TP*GP*TP*TP*TP*TP*TP*GP*GP*TP*AP*AP*GP*A)-3'" 4340.835 1  ? ? ?                     ? 
2 polymer     syn "5'-D(*AP*TP*CP*TP*TP*AP*CP*CP*AP*AP*AP*AP*AP*C)-3'" 4216.795 1  ? ? ?                     ? 
3 polymer     syn 'DNA-INVERTASE HIN'                                  6047.051 1  ? ? 'RESIDUES 139 TO 190' ? 
4 non-polymer syn 2-AMINO-2-HYDROXYMETHYL-PROPANE-1,3-DIOL             122.143  1  ? ? ?                     ? 
5 water       nat water                                                18.015   13 ? ? ?                     ? 
# 
_entity_name_com.entity_id   3 
_entity_name_com.name        'Hin Recombinase' 
# 
loop_
_entity_poly.entity_id 
_entity_poly.type 
_entity_poly.nstd_linkage 
_entity_poly.nstd_monomer 
_entity_poly.pdbx_seq_one_letter_code 
_entity_poly.pdbx_seq_one_letter_code_can 
_entity_poly.pdbx_strand_id 
_entity_poly.pdbx_target_identifier 
1 polydeoxyribonucleotide no no '(DT)(DG)(DT)(DT)(DT)(DT)(DT)(DG)(DG)(DT)(DA)(DA)(DG)(DA)' TGTTTTTGGTAAGA A ? 
2 polydeoxyribonucleotide no no '(DA)(DT)(DC)(DT)(DT)(DA)(DC)(DC)(DA)(DA)(DA)(DA)(DA)(DC)' ATCTTACCAAAAAC B ? 
3 'polypeptide(L)'        no no GRPRAINKHEQEQISRLLEKGHPRQQLAIIFGIGVSTLYRYFPASSIKKRMN       
GRPRAINKHEQEQISRLLEKGHPRQQLAIIFGIGVSTLYRYFPASSIKKRMN C ? 
# 
loop_
_entity_poly_seq.entity_id 
_entity_poly_seq.num 
_entity_poly_seq.mon_id 
_entity_poly_seq.hetero 
1 1  DT  n 
1 2  DG  n 
1 3  DT  n 
1 4  DT  n 
1 5  DT  n 
1 6  DT  n 
1 7  DT  n 
1 8  DG  n 
1 9  DG  n 
1 10 DT  n 
1 11 DA  n 
1 12 DA  n 
1 13 DG  n 
1 14 DA  n 
2 1  DA  n 
2 2  DT  n 
2 3  DC  n 
2 4  DT  n 
2 5  DT  n 
2 6  DA  n 
2 7  DC  n 
2 8  DC  n 
2 9  DA  n 
2 10 DA  n 
2 11 DA  n 
2 12 DA  n 
2 13 DA  n 
2 14 DC  n 
3 1  GLY n 
3 2  ARG n 
3 3  PRO n 
3 4  ARG n 
3 5  ALA n 
3 6  ILE n 
3 7  ASN n 
3 8  LYS n 
3 9  HIS n 
3 10 GLU n 
3 11 GLN n 
3 12 GLU n 
3 13 GLN n 
3 14 ILE n 
3 15 SER n 
3 16 ARG n 
3 17 LEU n 
3 18 LEU n 
3 19 GLU n 
3 20 LYS n 
3 21 GLY n 
3 22 HIS n 
3 23 PRO n 
3 24 ARG n 
3 25 GLN n 
3 26 GLN n 
3 27 LEU n 
3 28 ALA n 
3 29 ILE n 
3 30 ILE n 
3 31 PHE n 
3 32 GLY n 
3 33 ILE n 
3 34 GLY n 
3 35 VAL n 
3 36 SER n 
3 37 THR n 
3 38 LEU n 
3 39 TYR n 
3 40 ARG n 
3 41 TYR n 
3 42 PHE n 
3 43 PRO n 
3 44 ALA n 
3 45 SER n 
3 46 SER n 
3 47 ILE n 
3 48 LYS n 
3 49 LYS n 
3 50 ARG n 
3 51 MET n 
3 52 ASN n 
# 
_pdbx_entity_src_syn.entity_id              3 
_pdbx_entity_src_syn.pdbx_src_id            1 
_pdbx_entity_src_syn.pdbx_alt_source_flag   sample 
_pdbx_entity_src_syn.pdbx_beg_seq_num       ? 
_pdbx_entity_src_syn.pdbx_end_seq_num       ? 
_pdbx_entity_src_syn.organism_scientific    ? 
_pdbx_entity_src_syn.organism_common_name   ? 
_pdbx_entity_src_syn.ncbi_taxonomy_id       ? 
_pdbx_entity_src_syn.details                'SYNTHETIC PEPTIDE' 
# 
loop_
_struct_ref.id 
_struct_ref.db_name 
_struct_ref.db_code 
_struct_ref.entity_id 
_struct_ref.pdbx_seq_one_letter_code 
_struct_ref.pdbx_align_begin 
_struct_ref.pdbx_db_accession 
_struct_ref.pdbx_db_isoform 
1 UNP HIN_SALTY 3 GRPRAINKHEQEQISRLLEKGHPRQQLAIIFGIGVSTLYRYFPASSIKKRMN 139 P03013 ? 
2 PDB 1JKO      1 ?                                                    ?   1JKO   ? 
3 PDB 1JKO      2 ?                                                    ?   1JKO   ? 
# 
loop_
_struct_ref_seq.align_id 
_struct_ref_seq.ref_id 
_struct_ref_seq.pdbx_PDB_id_code 
_struct_ref_seq.pdbx_strand_id 
_struct_ref_seq.seq_align_beg 
_struct_ref_seq.pdbx_seq_align_beg_ins_code 
_struct_ref_seq.seq_align_end 
_struct_ref_seq.pdbx_seq_align_end_ins_code 
_struct_ref_seq.pdbx_db_accession 
_struct_ref_seq.db_align_beg 
_struct_ref_seq.pdbx_db_align_beg_ins_code 
_struct_ref_seq.db_align_end 
_struct_ref_seq.pdbx_db_align_end_ins_code 
_struct_ref_seq.pdbx_auth_seq_align_beg 
_struct_ref_seq.pdbx_auth_seq_align_end 
1 1 1JKO C 1 ? 52 ? P03013 139 ? 190 ? 139 190 
2 2 1JKO A 1 ? 14 ? 1JKO   2   ? 15  ? 2   15  
3 3 1JKO B 1 ? 14 ? 1JKO   16  ? 29  ? 16  29  
# 
loop_
_chem_comp.id 
_chem_comp.type 
_chem_comp.mon_nstd_flag 
_chem_comp.name 
_chem_comp.pdbx_synonyms 
_chem_comp.formula 
_chem_comp.formula_weight 
ALA 'L-peptide linking' y ALANINE                                  ?             'C3 H7 N O2'      89.093  
ARG 'L-peptide linking' y ARGININE                                 ?             'C6 H15 N4 O2 1'  175.209 
ASN 'L-peptide linking' y ASPARAGINE                               ?             'C4 H8 N2 O3'     132.118 
DA  'DNA linking'       y "2'-DEOXYADENOSINE-5'-MONOPHOSPHATE"     ?             'C10 H14 N5 O6 P' 331.222 
DC  'DNA linking'       y "2'-DEOXYCYTIDINE-5'-MONOPHOSPHATE"      ?             'C9 H14 N3 O7 P'  307.197 
DG  'DNA linking'       y "2'-DEOXYGUANOSINE-5'-MONOPHOSPHATE"     ?             'C10 H14 N5 O7 P' 347.221 
DT  'DNA linking'       y "THYMIDINE-5'-MONOPHOSPHATE"             ?             'C10 H15 N2 O8 P' 322.208 
GLN 'L-peptide linking' y GLUTAMINE                                ?             'C5 H10 N2 O3'    146.144 
GLU 'L-peptide linking' y 'GLUTAMIC ACID'                          ?             'C5 H9 N O4'      147.129 
GLY 'peptide linking'   y GLYCINE                                  ?             'C2 H5 N O2'      75.067  
HIS 'L-peptide linking' y HISTIDINE                                ?             'C6 H10 N3 O2 1'  156.162 
HOH non-polymer         . WATER                                    ?             'H2 O'            18.015  
ILE 'L-peptide linking' y ISOLEUCINE                               ?             'C6 H13 N O2'     131.173 
LEU 'L-peptide linking' y LEUCINE                                  ?             'C6 H13 N O2'     131.173 
LYS 'L-peptide linking' y LYSINE                                   ?             'C6 H15 N2 O2 1'  147.195 
MET 'L-peptide linking' y METHIONINE                               ?             'C5 H11 N O2 S'   149.211 
PHE 'L-peptide linking' y PHENYLALANINE                            ?             'C9 H11 N O2'     165.189 
PRO 'L-peptide linking' y PROLINE                                  ?             'C5 H9 N O2'      115.130 
SER 'L-peptide linking' y SERINE                                   ?             'C3 H7 N O3'      105.093 
THR 'L-peptide linking' y THREONINE                                ?             'C4 H9 N O3'      119.119 
TRS non-polymer         . 2-AMINO-2-HYDROXYMETHYL-PROPANE-1,3-DIOL 'TRIS BUFFER' 'C4 H12 N O3 1'   122.143 
TYR 'L-peptide linking' y TYROSINE                                 ?             'C9 H11 N O3'     181.189 
VAL 'L-peptide linking' y VALINE                                   ?             'C5 H11 N O2'     117.146 
# 
_exptl.entry_id          1JKO 
_exptl.method            'X-RAY DIFFRACTION' 
_exptl.crystals_number   1 
# 
_exptl_crystal.id                    1 
_exptl_crystal.density_meas          ? 
_exptl_crystal.density_Matthews      2.65 
_exptl_crystal.density_percent_sol   51.74 
_exptl_crystal.description           ? 
# 
_exptl_crystal_grow.crystal_id      1 
_exptl_crystal_grow.method          'VAPOR DIFFUSION, HANGING DROP' 
_exptl_crystal_grow.temp            ? 
_exptl_crystal_grow.temp_details    ? 
_exptl_crystal_grow.pH              7.50 
_exptl_crystal_grow.pdbx_details    
;HANGING DROP VAPOR DIFFUSION AT 4C, 
WITH INITIAL CONCENTRATION IN DROP OF 0.10 MM DNA,           
0.06 MM HIN, 10 MM HEPES (PH 7.5), 5 MM CACL2, 
13 MM NACL, 2.8% V/V PEG400, AND 1.56 MM NA CACODYLATE.                  
RESERVOIR SOLUTION CONTAINS 100 MM HEPES (PH 7.5), 
50 MM CACL2, AND 25% PEG400. CONCENTRATION OF                
PEG400 IN RESERVOIR SOLUTION WAS INCREASED IN 5%                    
INCREMENTS TO 35%., pH 7.50, VAPOR DIFFUSION, HANGING DROP
;
_exptl_crystal_grow.pdbx_pH_range   ? 
# 
loop_
_exptl_crystal_grow_comp.crystal_id 
_exptl_crystal_grow_comp.id 
_exptl_crystal_grow_comp.sol_id 
_exptl_crystal_grow_comp.name 
_exptl_crystal_grow_comp.conc 
_exptl_crystal_grow_comp.volume 
_exptl_crystal_grow_comp.details 
1 1  1 DNA                 ? ? ? 
1 2  1 HIN                 ? ? ? 
1 3  1 HEPES               ? ? ? 
1 4  1 CaCl2               ? ? ? 
1 5  1 NaCl                ? ? ? 
1 6  1 'PEG 400'           ? ? ? 
1 7  1 'sodium cacodylate' ? ? ? 
1 8  2 HEPES               ? ? ? 
1 9  2 CaCl2               ? ? ? 
1 10 2 'PEG 400'           ? ? ? 
# 
_diffrn.id                     1 
_diffrn.ambient_temp           100.0 
_diffrn.ambient_temp_details   ? 
_diffrn.crystal_id             1 
# 
_diffrn_detector.diffrn_id              1 
_diffrn_detector.detector               'IMAGE PLATE' 
_diffrn_detector.type                   'MAR scanner 300 mm plate' 
_diffrn_detector.pdbx_collection_date   1997-09-01 
_diffrn_detector.details                ? 
# 
_diffrn_radiation.diffrn_id                        1 
_diffrn_radiation.wavelength_id                    1 
_diffrn_radiation.pdbx_monochromatic_or_laue_m_l   M 
_diffrn_radiation.monochromator                    ? 
_diffrn_radiation.pdbx_diffrn_protocol             
'MOLECULAR REPLACEMENT WITH 1IJW HAVING THE PROPER DNA SUBSTITUTIONS AS THE STARTING MODEL.' 
_diffrn_radiation.pdbx_scattering_type             x-ray 
# 
_diffrn_radiation_wavelength.id           1 
_diffrn_radiation_wavelength.wavelength   1.100 
_diffrn_radiation_wavelength.wt           1.0 
# 
_diffrn_source.diffrn_id                   1 
_diffrn_source.source                      SYNCHROTRON 
_diffrn_source.type                        'NSLS BEAMLINE X25' 
_diffrn_source.pdbx_synchrotron_site       NSLS 
_diffrn_source.pdbx_synchrotron_beamline   X25 
_diffrn_source.pdbx_wavelength             1.100 
_diffrn_source.pdbx_wavelength_list        ? 
# 
_reflns.entry_id                     1JKO 
_reflns.observed_criterion_sigma_I   0.000 
_reflns.observed_criterion_sigma_F   ? 
_reflns.d_resolution_low             14.00 
_reflns.d_resolution_high            2.24 
_reflns.number_obs                   6235 
_reflns.number_all                   ? 
_reflns.percent_possible_obs         81.27 
_reflns.pdbx_Rmerge_I_obs            ? 
_reflns.pdbx_Rsym_value              0.0680000 
_reflns.pdbx_netI_over_sigmaI        19.70 
_reflns.B_iso_Wilson_estimate        67.00 
_reflns.pdbx_redundancy              15.00 
_reflns.R_free_details               ? 
_reflns.pdbx_diffrn_id               1 
_reflns.pdbx_ordinal                 1 
# 
_reflns_shell.d_res_high             2.24 
_reflns_shell.d_res_low              2.34 
_reflns_shell.percent_possible_all   50.80 
_reflns_shell.Rmerge_I_obs           ? 
_reflns_shell.pdbx_Rsym_value        0.2150000 
_reflns_shell.meanI_over_sigI_obs    2.10 
_reflns_shell.pdbx_redundancy        1.49 
_reflns_shell.percent_possible_obs   ? 
_reflns_shell.number_unique_all      ? 
_reflns_shell.pdbx_diffrn_id         ? 
_reflns_shell.pdbx_ordinal           1 
# 
_refine.entry_id                                 1JKO 
_refine.ls_number_reflns_obs                     6235 
_refine.ls_number_reflns_all                     ? 
_refine.pdbx_ls_sigma_I                          ? 
_refine.pdbx_ls_sigma_F                          0.000 
_refine.pdbx_data_cutoff_high_absF               ? 
_refine.pdbx_data_cutoff_low_absF                ? 
_refine.ls_d_res_low                             14.00 
_refine.ls_d_res_high                            2.24 
_refine.ls_percent_reflns_obs                    81.27 
_refine.ls_R_factor_obs                          0.2439000 
_refine.ls_R_factor_all                          ? 
_refine.ls_R_factor_R_work                       0.2439000 
_refine.ls_R_factor_R_free                       0.3057000 
_refine.ls_R_factor_R_free_error                 ? 
_refine.ls_R_factor_R_free_error_details         ? 
_refine.ls_percent_reflns_R_free                 8.21 
_refine.ls_number_reflns_R_free                  630 
_refine.ls_number_parameters                     ? 
_refine.ls_number_restraints                     ? 
_refine.occupancy_min                            ? 
_refine.occupancy_max                            ? 
_refine.B_iso_mean                               64.00 
_refine.aniso_B[1][1]                            19.38 
_refine.aniso_B[2][2]                            2.14 
_refine.aniso_B[3][3]                            -21.52 
_refine.aniso_B[1][2]                            0.00000 
_refine.aniso_B[1][3]                            0.00000 
_refine.aniso_B[2][3]                            0.00000 
_refine.solvent_model_details                    ? 
_refine.solvent_model_param_ksol                 0.40 
_refine.solvent_model_param_bsol                 100.00 
_refine.pdbx_ls_cross_valid_method               ? 
_refine.details                                  ? 
_refine.pdbx_starting_model                      1IJW 
_refine.pdbx_method_to_determine_struct          'MOLECULAR REPLACEMENT' 
_refine.pdbx_isotropic_thermal_model             ANISOTROPIC_FIXED_ISOTROPIC 
_refine.pdbx_stereochemistry_target_values       MLF 
_refine.pdbx_stereochem_target_val_spec_case     ? 
_refine.pdbx_R_Free_selection_details            RANDOM 
_refine.pdbx_overall_ESU_R_Free                  ? 
_refine.overall_SU_B                             ? 
_refine.ls_redundancy_reflns_obs                 ? 
_refine.correlation_coeff_Fo_to_Fc               ? 
_refine.overall_SU_R_Cruickshank_DPI             ? 
_refine.overall_SU_R_free                        ? 
_refine.overall_SU_ML                            ? 
_refine.pdbx_overall_ESU_R                       ? 
_refine.pdbx_data_cutoff_high_rms_absF           10000.00 
_refine.correlation_coeff_Fo_to_Fc_free          ? 
_refine.pdbx_solvent_vdw_probe_radii             ? 
_refine.pdbx_solvent_ion_probe_radii             ? 
_refine.pdbx_solvent_shrinkage_radii             ? 
_refine.pdbx_refine_id                           'X-RAY DIFFRACTION' 
_refine.pdbx_diffrn_id                           1 
_refine.pdbx_TLS_residual_ADP_flag               ? 
_refine.pdbx_overall_phase_error                 ? 
_refine.pdbx_overall_SU_R_free_Cruickshank_DPI   ? 
_refine.pdbx_overall_SU_R_Blow_DPI               ? 
_refine.pdbx_overall_SU_R_free_Blow_DPI          ? 
# 
_refine_analyze.entry_id                        1JKO 
_refine_analyze.Luzzati_coordinate_error_obs    0.47 
_refine_analyze.Luzzati_sigma_a_obs             0.74 
_refine_analyze.Luzzati_d_res_low_obs           5.00 
_refine_analyze.Luzzati_coordinate_error_free   0.41 
_refine_analyze.Luzzati_sigma_a_free            0.73 
_refine_analyze.Luzzati_d_res_low_free          ? 
_refine_analyze.number_disordered_residues      ? 
_refine_analyze.occupancy_sum_hydrogen          ? 
_refine_analyze.occupancy_sum_non_hydrogen      ? 
_refine_analyze.pdbx_refine_id                  'X-RAY DIFFRACTION' 
# 
_refine_hist.pdbx_refine_id                   'X-RAY DIFFRACTION' 
_refine_hist.cycle_id                         LAST 
_refine_hist.pdbx_number_atoms_protein        323 
_refine_hist.pdbx_number_atoms_nucleic_acid   568 
_refine_hist.pdbx_number_atoms_ligand         8 
_refine_hist.number_atoms_solvent             13 
_refine_hist.number_atoms_total               912 
_refine_hist.d_res_high                       2.24 
_refine_hist.d_res_low                        14.00 
# 
loop_
_refine_ls_restr.type 
_refine_ls_restr.dev_ideal 
_refine_ls_restr.dev_ideal_target 
_refine_ls_restr.weight 
_refine_ls_restr.number 
_refine_ls_restr.pdbx_refine_id 
_refine_ls_restr.pdbx_restraint_function 
c_bond_d                0.007  ?     ? ? 'X-RAY DIFFRACTION' ? 
c_bond_d_na             ?      ?     ? ? 'X-RAY DIFFRACTION' ? 
c_bond_d_prot           ?      ?     ? ? 'X-RAY DIFFRACTION' ? 
c_angle_d               ?      ?     ? ? 'X-RAY DIFFRACTION' ? 
c_angle_d_na            ?      ?     ? ? 'X-RAY DIFFRACTION' ? 
c_angle_d_prot          ?      ?     ? ? 'X-RAY DIFFRACTION' ? 
c_angle_deg             1.251  ?     ? ? 'X-RAY DIFFRACTION' ? 
c_angle_deg_na          ?      ?     ? ? 'X-RAY DIFFRACTION' ? 
c_angle_deg_prot        ?      ?     ? ? 'X-RAY DIFFRACTION' ? 
c_dihedral_angle_d      19.443 ?     ? ? 'X-RAY DIFFRACTION' ? 
c_dihedral_angle_d_na   ?      ?     ? ? 'X-RAY DIFFRACTION' ? 
c_dihedral_angle_d_prot ?      ?     ? ? 'X-RAY DIFFRACTION' ? 
c_improper_angle_d      1.489  ?     ? ? 'X-RAY DIFFRACTION' ? 
c_improper_angle_d_na   ?      ?     ? ? 'X-RAY DIFFRACTION' ? 
c_improper_angle_d_prot ?      ?     ? ? 'X-RAY DIFFRACTION' ? 
c_mcbond_it             4.09   4.000 ? ? 'X-RAY DIFFRACTION' ? 
c_mcangle_it            6.22   6.000 ? ? 'X-RAY DIFFRACTION' ? 
c_scbond_it             6.10   6.000 ? ? 'X-RAY DIFFRACTION' ? 
c_scangle_it            9.24   7.000 ? ? 'X-RAY DIFFRACTION' ? 
# 
_refine_ls_shell.pdbx_total_number_of_bins_used   8 
_refine_ls_shell.d_res_high                       2.24 
_refine_ls_shell.d_res_low                        2.34 
_refine_ls_shell.number_reflns_R_work             432 
_refine_ls_shell.R_factor_R_work                  0.4660000 
_refine_ls_shell.percent_reflns_obs               50.80 
_refine_ls_shell.R_factor_R_free                  0.4314000 
_refine_ls_shell.R_factor_R_free_error            ? 
_refine_ls_shell.percent_reflns_R_free            4.50 
_refine_ls_shell.number_reflns_R_free             42 
_refine_ls_shell.redundancy_reflns_obs            ? 
_refine_ls_shell.pdbx_refine_id                   'X-RAY DIFFRACTION' 
_refine_ls_shell.number_reflns_all                ? 
_refine_ls_shell.R_factor_all                     ? 
# 
loop_
_pdbx_xplor_file.serial_no 
_pdbx_xplor_file.param_file 
_pdbx_xplor_file.topol_file 
_pdbx_xplor_file.pdbx_refine_id 
1 PROTEIN_REP.PARAM PROTEIN.TOP 'X-RAY DIFFRACTION' 
2 DNA-RNA_REP.PARAM DNA-RNA.TOP 'X-RAY DIFFRACTION' 
3 WATER_REP.PARAM   WATER.TOP   'X-RAY DIFFRACTION' 
4 ION.PARAM         ION.TOP     'X-RAY DIFFRACTION' 
# 
_struct.entry_id                  1JKO 
_struct.title                     'Testing the Water-Mediated HIN Recombinase DNA Recognition by Systematic Mutations' 
_struct.pdbx_model_details        ? 
_struct.pdbx_CASP_flag            ? 
_struct.pdbx_model_type_details   ? 
# 
_struct_keywords.entry_id        1JKO 
_struct_keywords.pdbx_keywords   'DNA BINDING PROTEIN/DNA' 
_struct_keywords.text            
'WATER-MEDIATED RECOGNITION, PROTEIN-DNA COMPLEX, HIN RECOMBINASE, A10G MUTANT, DNA BINDING PROTEIN-DNA COMPLEX' 
# 
loop_
_struct_asym.id 
_struct_asym.pdbx_blank_PDB_chainid_flag 
_struct_asym.pdbx_modified 
_struct_asym.entity_id 
_struct_asym.details 
A N N 1 ? 
B N N 2 ? 
C N N 3 ? 
D N N 4 ? 
E N N 5 ? 
F N N 5 ? 
G N N 5 ? 
# 
_struct_biol.id                    1 
_struct_biol.pdbx_parent_biol_id   ? 
_struct_biol.details               ? 
# 
loop_
_struct_conf.conf_type_id 
_struct_conf.id 
_struct_conf.pdbx_PDB_helix_id 
_struct_conf.beg_label_comp_id 
_struct_conf.beg_label_asym_id 
_struct_conf.beg_label_seq_id 
_struct_conf.pdbx_beg_PDB_ins_code 
_struct_conf.end_label_comp_id 
_struct_conf.end_label_asym_id 
_struct_conf.end_label_seq_id 
_struct_conf.pdbx_end_PDB_ins_code 
_struct_conf.beg_auth_comp_id 
_struct_conf.beg_auth_asym_id 
_struct_conf.beg_auth_seq_id 
_struct_conf.end_auth_comp_id 
_struct_conf.end_auth_asym_id 
_struct_conf.end_auth_seq_id 
_struct_conf.pdbx_PDB_helix_class 
_struct_conf.details 
_struct_conf.pdbx_PDB_helix_length 
HELX_P HELX_P1 1 HIS C 9  ? LYS C 20 ? HIS C 147 LYS C 158 1 ? 12 
HELX_P HELX_P2 2 PRO C 23 ? ILE C 30 ? PRO C 161 ILE C 168 1 ? 8  
HELX_P HELX_P3 3 GLY C 34 ? PHE C 42 ? GLY C 172 PHE C 180 1 ? 9  
# 
_struct_conf_type.id          HELX_P 
_struct_conf_type.criteria    ? 
_struct_conf_type.reference   ? 
# 
loop_
_struct_conn.id 
_struct_conn.conn_type_id 
_struct_conn.pdbx_leaving_atom_flag 
_struct_conn.pdbx_PDB_id 
_struct_conn.ptnr1_label_asym_id 
_struct_conn.ptnr1_label_comp_id 
_struct_conn.ptnr1_label_seq_id 
_struct_conn.ptnr1_label_atom_id 
_struct_conn.pdbx_ptnr1_label_alt_id 
_struct_conn.pdbx_ptnr1_PDB_ins_code 
_struct_conn.pdbx_ptnr1_standard_comp_id 
_struct_conn.ptnr1_symmetry 
_struct_conn.ptnr2_label_asym_id 
_struct_conn.ptnr2_label_comp_id 
_struct_conn.ptnr2_label_seq_id 
_struct_conn.ptnr2_label_atom_id 
_struct_conn.pdbx_ptnr2_label_alt_id 
_struct_conn.pdbx_ptnr2_PDB_ins_code 
_struct_conn.ptnr1_auth_asym_id 
_struct_conn.ptnr1_auth_comp_id 
_struct_conn.ptnr1_auth_seq_id 
_struct_conn.ptnr2_auth_asym_id 
_struct_conn.ptnr2_auth_comp_id 
_struct_conn.ptnr2_auth_seq_id 
_struct_conn.ptnr2_symmetry 
_struct_conn.pdbx_ptnr3_label_atom_id 
_struct_conn.pdbx_ptnr3_label_seq_id 
_struct_conn.pdbx_ptnr3_label_comp_id 
_struct_conn.pdbx_ptnr3_label_asym_id 
_struct_conn.pdbx_ptnr3_label_alt_id 
_struct_conn.pdbx_ptnr3_PDB_ins_code 
_struct_conn.details 
_struct_conn.pdbx_dist_value 
_struct_conn.pdbx_value_order 
_struct_conn.pdbx_role 
hydrog1  hydrog ? ? A DG 2  N1 ? ? ? 1_555 B DC 14 N3 ? ? A DG 3  B DC 29 1_555 ? ? ? ? ? ? WATSON-CRICK ? ? ? 
hydrog2  hydrog ? ? A DG 2  N2 ? ? ? 1_555 B DC 14 O2 ? ? A DG 3  B DC 29 1_555 ? ? ? ? ? ? WATSON-CRICK ? ? ? 
hydrog3  hydrog ? ? A DG 2  O6 ? ? ? 1_555 B DC 14 N4 ? ? A DG 3  B DC 29 1_555 ? ? ? ? ? ? WATSON-CRICK ? ? ? 
hydrog4  hydrog ? ? A DT 3  N3 ? ? ? 1_555 B DA 13 N1 ? ? A DT 4  B DA 28 1_555 ? ? ? ? ? ? WATSON-CRICK ? ? ? 
hydrog5  hydrog ? ? A DT 3  O4 ? ? ? 1_555 B DA 13 N6 ? ? A DT 4  B DA 28 1_555 ? ? ? ? ? ? WATSON-CRICK ? ? ? 
hydrog6  hydrog ? ? A DT 4  N3 ? ? ? 1_555 B DA 12 N1 ? ? A DT 5  B DA 27 1_555 ? ? ? ? ? ? WATSON-CRICK ? ? ? 
hydrog7  hydrog ? ? A DT 4  O4 ? ? ? 1_555 B DA 12 N6 ? ? A DT 5  B DA 27 1_555 ? ? ? ? ? ? WATSON-CRICK ? ? ? 
hydrog8  hydrog ? ? A DT 5  N3 ? ? ? 1_555 B DA 11 N1 ? ? A DT 6  B DA 26 1_555 ? ? ? ? ? ? WATSON-CRICK ? ? ? 
hydrog9  hydrog ? ? A DT 5  O4 ? ? ? 1_555 B DA 11 N6 ? ? A DT 6  B DA 26 1_555 ? ? ? ? ? ? WATSON-CRICK ? ? ? 
hydrog10 hydrog ? ? A DT 6  N3 ? ? ? 1_555 B DA 10 N1 ? ? A DT 7  B DA 25 1_555 ? ? ? ? ? ? WATSON-CRICK ? ? ? 
hydrog11 hydrog ? ? A DT 6  O4 ? ? ? 1_555 B DA 10 N6 ? ? A DT 7  B DA 25 1_555 ? ? ? ? ? ? WATSON-CRICK ? ? ? 
hydrog12 hydrog ? ? A DT 7  N3 ? ? ? 1_555 B DA 9  N1 ? ? A DT 8  B DA 24 1_555 ? ? ? ? ? ? WATSON-CRICK ? ? ? 
hydrog13 hydrog ? ? A DT 7  O4 ? ? ? 1_555 B DA 9  N6 ? ? A DT 8  B DA 24 1_555 ? ? ? ? ? ? WATSON-CRICK ? ? ? 
hydrog14 hydrog ? ? A DG 8  N1 ? ? ? 1_555 B DC 8  N3 ? ? A DG 9  B DC 23 1_555 ? ? ? ? ? ? WATSON-CRICK ? ? ? 
hydrog15 hydrog ? ? A DG 8  N2 ? ? ? 1_555 B DC 8  O2 ? ? A DG 9  B DC 23 1_555 ? ? ? ? ? ? WATSON-CRICK ? ? ? 
hydrog16 hydrog ? ? A DG 8  O6 ? ? ? 1_555 B DC 8  N4 ? ? A DG 9  B DC 23 1_555 ? ? ? ? ? ? WATSON-CRICK ? ? ? 
hydrog17 hydrog ? ? A DG 9  N1 ? ? ? 1_555 B DC 7  N3 ? ? A DG 10 B DC 22 1_555 ? ? ? ? ? ? WATSON-CRICK ? ? ? 
hydrog18 hydrog ? ? A DG 9  N2 ? ? ? 1_555 B DC 7  O2 ? ? A DG 10 B DC 22 1_555 ? ? ? ? ? ? WATSON-CRICK ? ? ? 
hydrog19 hydrog ? ? A DG 9  O6 ? ? ? 1_555 B DC 7  N4 ? ? A DG 10 B DC 22 1_555 ? ? ? ? ? ? WATSON-CRICK ? ? ? 
hydrog20 hydrog ? ? A DT 10 N3 ? ? ? 1_555 B DA 6  N1 ? ? A DT 11 B DA 21 1_555 ? ? ? ? ? ? WATSON-CRICK ? ? ? 
hydrog21 hydrog ? ? A DT 10 O4 ? ? ? 1_555 B DA 6  N6 ? ? A DT 11 B DA 21 1_555 ? ? ? ? ? ? WATSON-CRICK ? ? ? 
hydrog22 hydrog ? ? A DA 11 N1 ? ? ? 1_555 B DT 5  N3 ? ? A DA 12 B DT 20 1_555 ? ? ? ? ? ? WATSON-CRICK ? ? ? 
hydrog23 hydrog ? ? A DA 11 N6 ? ? ? 1_555 B DT 5  O4 ? ? A DA 12 B DT 20 1_555 ? ? ? ? ? ? WATSON-CRICK ? ? ? 
hydrog24 hydrog ? ? A DA 12 N1 ? ? ? 1_555 B DT 4  N3 ? ? A DA 13 B DT 19 1_555 ? ? ? ? ? ? WATSON-CRICK ? ? ? 
hydrog25 hydrog ? ? A DA 12 N6 ? ? ? 1_555 B DT 4  O4 ? ? A DA 13 B DT 19 1_555 ? ? ? ? ? ? WATSON-CRICK ? ? ? 
hydrog26 hydrog ? ? A DG 13 N1 ? ? ? 1_555 B DC 3  N3 ? ? A DG 14 B DC 18 1_555 ? ? ? ? ? ? WATSON-CRICK ? ? ? 
hydrog27 hydrog ? ? A DG 13 N2 ? ? ? 1_555 B DC 3  O2 ? ? A DG 14 B DC 18 1_555 ? ? ? ? ? ? WATSON-CRICK ? ? ? 
hydrog28 hydrog ? ? A DG 13 O6 ? ? ? 1_555 B DC 3  N4 ? ? A DG 14 B DC 18 1_555 ? ? ? ? ? ? WATSON-CRICK ? ? ? 
# 
_struct_conn_type.id          hydrog 
_struct_conn_type.criteria    ? 
_struct_conn_type.reference   ? 
# 
_struct_site.id                   AC1 
_struct_site.pdbx_evidence_code   Software 
_struct_site.pdbx_auth_asym_id    A 
_struct_site.pdbx_auth_comp_id    TRS 
_struct_site.pdbx_auth_seq_id     204 
_struct_site.pdbx_auth_ins_code   ? 
_struct_site.pdbx_num_residues    3 
_struct_site.details              'BINDING SITE FOR RESIDUE TRS A 204' 
# 
loop_
_struct_site_gen.id 
_struct_site_gen.site_id 
_struct_site_gen.pdbx_num_res 
_struct_site_gen.label_comp_id 
_struct_site_gen.label_asym_id 
_struct_site_gen.label_seq_id 
_struct_site_gen.pdbx_auth_ins_code 
_struct_site_gen.auth_comp_id 
_struct_site_gen.auth_asym_id 
_struct_site_gen.auth_seq_id 
_struct_site_gen.label_atom_id 
_struct_site_gen.label_alt_id 
_struct_site_gen.symmetry 
_struct_site_gen.details 
1 AC1 3 DG A 8  ? DG A 9  . ? 1_555 ? 
2 AC1 3 DG A 9  ? DG A 10 . ? 1_555 ? 
3 AC1 3 DA B 10 ? DA B 25 . ? 1_555 ? 
# 
_atom_sites.entry_id                    1JKO 
_atom_sites.fract_transf_matrix[1][1]   0.00892010 
_atom_sites.fract_transf_matrix[1][2]   -0.00609263 
_atom_sites.fract_transf_matrix[1][3]   0.00444493 
_atom_sites.fract_transf_matrix[2][1]   0.00543856 
_atom_sites.fract_transf_matrix[2][2]   -0.00000155 
_atom_sites.fract_transf_matrix[2][3]   -0.01091625 
_atom_sites.fract_transf_matrix[3][1]   0.01067571 
_atom_sites.fract_transf_matrix[3][2]   0.01950841 
_atom_sites.fract_transf_matrix[3][3]   0.00531595 
_atom_sites.fract_transf_vector[1]      0.278568 
_atom_sites.fract_transf_vector[2]      0.050849 
_atom_sites.fract_transf_vector[3]      0.208957 
# 
loop_
_atom_type.symbol 
C 
N 
O 
P 
# 
loop_
_atom_site.group_PDB 
_atom_site.id 
_atom_site.type_symbol 
_atom_site.label_atom_id 
_atom_site.label_alt_id 
_atom_site.label_comp_id 
_atom_site.label_asym_id 
_atom_site.label_entity_id 
_atom_site.label_seq_id 
_atom_site.pdbx_PDB_ins_code 
_atom_site.Cartn_x 
_atom_site.Cartn_y 
_atom_site.Cartn_z 
_atom_site.occupancy 
_atom_site.B_iso_or_equiv 
_atom_site.pdbx_formal_charge 
_atom_site.auth_seq_id 
_atom_site.auth_comp_id 
_atom_site.auth_asym_id 
_atom_site.auth_atom_id 
_atom_site.pdbx_PDB_model_num 
ATOM   1   O "O5'" . DT  A 1 1  ? -6.789  9.992   -36.647 1.00 110.00 ? 2   DT  A "O5'" 1 
ATOM   2   C "C5'" . DT  A 1 1  ? -7.210  9.669   -35.318 1.00 109.73 ? 2   DT  A "C5'" 1 
ATOM   3   C "C4'" . DT  A 1 1  ? -6.684  10.645  -34.290 1.00 109.16 ? 2   DT  A "C4'" 1 
ATOM   4   O "O4'" . DT  A 1 1  ? -7.432  10.484  -33.060 1.00 106.12 ? 2   DT  A "O4'" 1 
ATOM   5   C "C3'" . DT  A 1 1  ? -5.212  10.477  -33.911 1.00 105.87 ? 2   DT  A "C3'" 1 
ATOM   6   O "O3'" . DT  A 1 1  ? -4.641  11.770  -33.651 1.00 105.63 ? 2   DT  A "O3'" 1 
ATOM   7   C "C2'" . DT  A 1 1  ? -5.280  9.613   -32.663 1.00 105.20 ? 2   DT  A "C2'" 1 
ATOM   8   C "C1'" . DT  A 1 1  ? -6.574  10.067  -32.003 1.00 99.19  ? 2   DT  A "C1'" 1 
ATOM   9   N N1    . DT  A 1 1  ? -7.279  9.007   -31.259 1.00 88.61  ? 2   DT  A N1    1 
ATOM   10  C C2    . DT  A 1 1  ? -8.048  9.367   -30.174 1.00 84.51  ? 2   DT  A C2    1 
ATOM   11  O O2    . DT  A 1 1  ? -8.137  10.515  -29.769 1.00 82.39  ? 2   DT  A O2    1 
ATOM   12  N N3    . DT  A 1 1  ? -8.713  8.330   -29.579 1.00 84.77  ? 2   DT  A N3    1 
ATOM   13  C C4    . DT  A 1 1  ? -8.683  6.999   -29.949 1.00 85.82  ? 2   DT  A C4    1 
ATOM   14  O O4    . DT  A 1 1  ? -9.360  6.177   -29.334 1.00 88.05  ? 2   DT  A O4    1 
ATOM   15  C C5    . DT  A 1 1  ? -7.830  6.690   -31.075 1.00 85.75  ? 2   DT  A C5    1 
ATOM   16  C C7    . DT  A 1 1  ? -7.713  5.272   -31.534 1.00 87.30  ? 2   DT  A C7    1 
ATOM   17  C C6    . DT  A 1 1  ? -7.180  7.695   -31.663 1.00 85.26  ? 2   DT  A C6    1 
ATOM   18  P P     . DG  A 1 2  ? -3.356  11.921  -32.682 1.00 110.00 ? 3   DG  A P     1 
ATOM   19  O OP1   . DG  A 1 2  ? -2.452  12.917  -33.323 1.00 109.12 ? 3   DG  A OP1   1 
ATOM   20  O OP2   . DG  A 1 2  ? -2.815  10.594  -32.270 1.00 110.00 ? 3   DG  A OP2   1 
ATOM   21  O "O5'" . DG  A 1 2  ? -3.951  12.633  -31.391 1.00 98.51  ? 3   DG  A "O5'" 1 
ATOM   22  C "C5'" . DG  A 1 2  ? -4.408  13.982  -31.460 1.00 85.98  ? 3   DG  A "C5'" 1 
ATOM   23  C "C4'" . DG  A 1 2  ? -4.272  14.633  -30.109 1.00 74.97  ? 3   DG  A "C4'" 1 
ATOM   24  O "O4'" . DG  A 1 2  ? -5.206  14.011  -29.196 1.00 71.20  ? 3   DG  A "O4'" 1 
ATOM   25  C "C3'" . DG  A 1 2  ? -2.888  14.421  -29.506 1.00 71.81  ? 3   DG  A "C3'" 1 
ATOM   26  O "O3'" . DG  A 1 2  ? -2.519  15.561  -28.723 1.00 76.72  ? 3   DG  A "O3'" 1 
ATOM   27  C "C2'" . DG  A 1 2  ? -3.079  13.185  -28.649 1.00 75.54  ? 3   DG  A "C2'" 1 
ATOM   28  C "C1'" . DG  A 1 2  ? -4.510  13.331  -28.167 1.00 65.76  ? 3   DG  A "C1'" 1 
ATOM   29  N N9    . DG  A 1 2  ? -5.172  12.048  -27.941 1.00 60.96  ? 3   DG  A N9    1 
ATOM   30  C C8    . DG  A 1 2  ? -4.969  10.875  -28.634 1.00 59.18  ? 3   DG  A C8    1 
ATOM   31  N N7    . DG  A 1 2  ? -5.657  9.871   -28.153 1.00 59.52  ? 3   DG  A N7    1 
ATOM   32  C C5    . DG  A 1 2  ? -6.370  10.416  -27.090 1.00 55.29  ? 3   DG  A C5    1 
ATOM   33  C C6    . DG  A 1 2  ? -7.266  9.804   -26.186 1.00 50.04  ? 3   DG  A C6    1 
ATOM   34  O O6    . DG  A 1 2  ? -7.635  8.615   -26.151 1.00 48.04  ? 3   DG  A O6    1 
ATOM   35  N N1    . DG  A 1 2  ? -7.752  10.717  -25.249 1.00 47.16  ? 3   DG  A N1    1 
ATOM   36  C C2    . DG  A 1 2  ? -7.421  12.058  -25.203 1.00 52.18  ? 3   DG  A C2    1 
ATOM   37  N N2    . DG  A 1 2  ? -7.978  12.788  -24.227 1.00 50.56  ? 3   DG  A N2    1 
ATOM   38  N N3    . DG  A 1 2  ? -6.597  12.639  -26.053 1.00 57.17  ? 3   DG  A N3    1 
ATOM   39  C C4    . DG  A 1 2  ? -6.102  11.761  -26.958 1.00 57.35  ? 3   DG  A C4    1 
ATOM   40  P P     . DT  A 1 3  ? -1.225  15.494  -27.780 1.00 82.36  ? 4   DT  A P     1 
ATOM   41  O OP1   . DT  A 1 3  ? -0.311  16.608  -28.117 1.00 81.30  ? 4   DT  A OP1   1 
ATOM   42  O OP2   . DT  A 1 3  ? -0.724  14.090  -27.792 1.00 78.14  ? 4   DT  A OP2   1 
ATOM   43  O "O5'" . DT  A 1 3  ? -1.813  15.848  -26.352 1.00 77.25  ? 4   DT  A "O5'" 1 
ATOM   44  C "C5'" . DT  A 1 3  ? -2.685  16.961  -26.200 1.00 60.94  ? 4   DT  A "C5'" 1 
ATOM   45  C "C4'" . DT  A 1 3  ? -3.210  17.000  -24.786 1.00 57.09  ? 4   DT  A "C4'" 1 
ATOM   46  O "O4'" . DT  A 1 3  ? -4.016  15.816  -24.541 1.00 46.81  ? 4   DT  A "O4'" 1 
ATOM   47  C "C3'" . DT  A 1 3  ? -2.083  16.959  -23.762 1.00 56.60  ? 4   DT  A "C3'" 1 
ATOM   48  O "O3'" . DT  A 1 3  ? -2.436  17.782  -22.652 1.00 65.84  ? 4   DT  A "O3'" 1 
ATOM   49  C "C2'" . DT  A 1 3  ? -2.019  15.491  -23.373 1.00 56.48  ? 4   DT  A "C2'" 1 
ATOM   50  C "C1'" . DT  A 1 3  ? -3.477  15.074  -23.473 1.00 45.98  ? 4   DT  A "C1'" 1 
ATOM   51  N N1    . DT  A 1 3  ? -3.706  13.643  -23.743 1.00 45.57  ? 4   DT  A N1    1 
ATOM   52  C C2    . DT  A 1 3  ? -4.575  12.985  -22.904 1.00 46.59  ? 4   DT  A C2    1 
ATOM   53  O O2    . DT  A 1 3  ? -5.143  13.540  -21.980 1.00 50.11  ? 4   DT  A O2    1 
ATOM   54  N N3    . DT  A 1 3  ? -4.734  11.644  -23.166 1.00 41.08  ? 4   DT  A N3    1 
ATOM   55  C C4    . DT  A 1 3  ? -4.097  10.914  -24.146 1.00 44.57  ? 4   DT  A C4    1 
ATOM   56  O O4    . DT  A 1 3  ? -4.299  9.707   -24.247 1.00 45.61  ? 4   DT  A O4    1 
ATOM   57  C C5    . DT  A 1 3  ? -3.210  11.665  -24.996 1.00 41.99  ? 4   DT  A C5    1 
ATOM   58  C C7    . DT  A 1 3  ? -2.502  10.938  -26.089 1.00 45.43  ? 4   DT  A C7    1 
ATOM   59  C C6    . DT  A 1 3  ? -3.063  12.981  -24.769 1.00 43.42  ? 4   DT  A C6    1 
ATOM   60  P P     . DT  A 1 4  ? -1.422  17.926  -21.421 1.00 63.46  ? 5   DT  A P     1 
ATOM   61  O OP1   . DT  A 1 4  ? -1.455  19.318  -20.880 1.00 64.13  ? 5   DT  A OP1   1 
ATOM   62  O OP2   . DT  A 1 4  ? -0.128  17.343  -21.892 1.00 71.72  ? 5   DT  A OP2   1 
ATOM   63  O "O5'" . DT  A 1 4  ? -2.080  17.021  -20.294 1.00 59.12  ? 5   DT  A "O5'" 1 
ATOM   64  C "C5'" . DT  A 1 4  ? -3.313  17.407  -19.725 1.00 59.61  ? 5   DT  A "C5'" 1 
ATOM   65  C "C4'" . DT  A 1 4  ? -3.753  16.403  -18.688 1.00 64.79  ? 5   DT  A "C4'" 1 
ATOM   66  O "O4'" . DT  A 1 4  ? -4.019  15.107  -19.281 1.00 67.30  ? 5   DT  A "O4'" 1 
ATOM   67  C "C3'" . DT  A 1 4  ? -2.740  16.164  -17.578 1.00 60.98  ? 5   DT  A "C3'" 1 
ATOM   68  O "O3'" . DT  A 1 4  ? -3.437  16.193  -16.340 1.00 68.24  ? 5   DT  A "O3'" 1 
ATOM   69  C "C2'" . DT  A 1 4  ? -2.190  14.778  -17.877 1.00 61.25  ? 5   DT  A "C2'" 1 
ATOM   70  C "C1'" . DT  A 1 4  ? -3.381  14.098  -18.523 1.00 54.77  ? 5   DT  A "C1'" 1 
ATOM   71  N N1    . DT  A 1 4  ? -3.062  12.973  -19.432 1.00 51.66  ? 5   DT  A N1    1 
ATOM   72  C C2    . DT  A 1 4  ? -3.832  11.833  -19.331 1.00 50.19  ? 5   DT  A C2    1 
ATOM   73  O O2    . DT  A 1 4  ? -4.810  11.752  -18.592 1.00 46.55  ? 5   DT  A O2    1 
ATOM   74  N N3    . DT  A 1 4  ? -3.429  10.790  -20.143 1.00 48.80  ? 5   DT  A N3    1 
ATOM   75  C C4    . DT  A 1 4  ? -2.374  10.790  -21.037 1.00 49.82  ? 5   DT  A C4    1 
ATOM   76  O O4    . DT  A 1 4  ? -2.109  9.761   -21.668 1.00 58.56  ? 5   DT  A O4    1 
ATOM   77  C C5    . DT  A 1 4  ? -1.645  12.054  -21.136 1.00 47.23  ? 5   DT  A C5    1 
ATOM   78  C C7    . DT  A 1 4  ? -0.520  12.182  -22.116 1.00 38.95  ? 5   DT  A C7    1 
ATOM   79  C C6    . DT  A 1 4  ? -2.023  13.057  -20.334 1.00 51.24  ? 5   DT  A C6    1 
ATOM   80  P P     . DT  A 1 5  ? -2.656  16.610  -15.007 1.00 76.52  ? 6   DT  A P     1 
ATOM   81  O OP1   . DT  A 1 5  ? -3.448  17.663  -14.330 1.00 76.13  ? 6   DT  A OP1   1 
ATOM   82  O OP2   . DT  A 1 5  ? -1.236  16.880  -15.370 1.00 70.61  ? 6   DT  A OP2   1 
ATOM   83  O "O5'" . DT  A 1 5  ? -2.787  15.282  -14.146 1.00 73.31  ? 6   DT  A "O5'" 1 
ATOM   84  C "C5'" . DT  A 1 5  ? -4.057  14.643  -14.043 1.00 79.90  ? 6   DT  A "C5'" 1 
ATOM   85  C "C4'" . DT  A 1 5  ? -3.890  13.206  -13.621 1.00 75.87  ? 6   DT  A "C4'" 1 
ATOM   86  O "O4'" . DT  A 1 5  ? -3.565  12.338  -14.736 1.00 73.52  ? 6   DT  A "O4'" 1 
ATOM   87  C "C3'" . DT  A 1 5  ? -2.780  13.019  -12.595 1.00 81.69  ? 6   DT  A "C3'" 1 
ATOM   88  O "O3'" . DT  A 1 5  ? -3.266  12.174  -11.553 1.00 89.22  ? 6   DT  A "O3'" 1 
ATOM   89  C "C2'" . DT  A 1 5  ? -1.664  12.352  -13.394 1.00 76.06  ? 6   DT  A "C2'" 1 
ATOM   90  C "C1'" . DT  A 1 5  ? -2.458  11.524  -14.385 1.00 59.92  ? 6   DT  A "C1'" 1 
ATOM   91  N N1    . DT  A 1 5  ? -1.771  11.088  -15.629 1.00 44.87  ? 6   DT  A N1    1 
ATOM   92  C C2    . DT  A 1 5  ? -2.204  9.898   -16.199 1.00 44.52  ? 6   DT  A C2    1 
ATOM   93  O O2    . DT  A 1 5  ? -3.114  9.223   -15.732 1.00 47.90  ? 6   DT  A O2    1 
ATOM   94  N N3    . DT  A 1 5  ? -1.536  9.525   -17.336 1.00 38.69  ? 6   DT  A N3    1 
ATOM   95  C C4    . DT  A 1 5  ? -0.507  10.203  -17.957 1.00 34.49  ? 6   DT  A C4    1 
ATOM   96  O O4    . DT  A 1 5  ? 0.015   9.728   -18.980 1.00 37.72  ? 6   DT  A O4    1 
ATOM   97  C C5    . DT  A 1 5  ? -0.120  11.457  -17.322 1.00 32.48  ? 6   DT  A C5    1 
ATOM   98  C C7    . DT  A 1 5  ? 0.940   12.286  -17.962 1.00 30.77  ? 6   DT  A C7    1 
ATOM   99  C C6    . DT  A 1 5  ? -0.754  11.820  -16.197 1.00 36.12  ? 6   DT  A C6    1 
ATOM   100 P P     . DT  A 1 6  ? -2.557  12.196  -10.116 1.00 89.54  ? 7   DT  A P     1 
ATOM   101 O OP1   . DT  A 1 6  ? -3.523  12.769  -9.144  1.00 86.80  ? 7   DT  A OP1   1 
ATOM   102 O OP2   . DT  A 1 6  ? -1.206  12.807  -10.254 1.00 94.56  ? 7   DT  A OP2   1 
ATOM   103 O "O5'" . DT  A 1 6  ? -2.410  10.646  -9.823  1.00 78.17  ? 7   DT  A "O5'" 1 
ATOM   104 C "C5'" . DT  A 1 6  ? -3.465  9.773   -10.192 1.00 75.36  ? 7   DT  A "C5'" 1 
ATOM   105 C "C4'" . DT  A 1 6  ? -2.912  8.441   -10.631 1.00 77.49  ? 7   DT  A "C4'" 1 
ATOM   106 O "O4'" . DT  A 1 6  ? -2.300  8.543   -11.951 1.00 70.08  ? 7   DT  A "O4'" 1 
ATOM   107 C "C3'" . DT  A 1 6  ? -1.858  7.844   -9.690  1.00 72.20  ? 7   DT  A "C3'" 1 
ATOM   108 O "O3'" . DT  A 1 6  ? -2.256  6.522   -9.336  1.00 67.64  ? 7   DT  A "O3'" 1 
ATOM   109 C "C2'" . DT  A 1 6  ? -0.590  7.832   -10.528 1.00 74.77  ? 7   DT  A "C2'" 1 
ATOM   110 C "C1'" . DT  A 1 6  ? -1.122  7.767   -11.956 1.00 68.49  ? 7   DT  A "C1'" 1 
ATOM   111 N N1    . DT  A 1 6  ? -0.194  8.309   -12.978 1.00 61.62  ? 7   DT  A N1    1 
ATOM   112 C C2    . DT  A 1 6  ? -0.017  7.579   -14.133 1.00 60.01  ? 7   DT  A C2    1 
ATOM   113 O O2    . DT  A 1 6  ? -0.671  6.574   -14.400 1.00 57.73  ? 7   DT  A O2    1 
ATOM   114 N N3    . DT  A 1 6  ? 0.946   8.073   -14.979 1.00 54.11  ? 7   DT  A N3    1 
ATOM   115 C C4    . DT  A 1 6  ? 1.712   9.209   -14.805 1.00 55.00  ? 7   DT  A C4    1 
ATOM   116 O O4    . DT  A 1 6  ? 2.570   9.508   -15.645 1.00 57.08  ? 7   DT  A O4    1 
ATOM   117 C C5    . DT  A 1 6  ? 1.438   9.958   -13.607 1.00 54.21  ? 7   DT  A C5    1 
ATOM   118 C C7    . DT  A 1 6  ? 2.194   11.225  -13.355 1.00 57.00  ? 7   DT  A C7    1 
ATOM   119 C C6    . DT  A 1 6  ? 0.507   9.481   -12.763 1.00 57.63  ? 7   DT  A C6    1 
ATOM   120 P P     . DT  A 1 7  ? -1.260  5.554   -8.519  1.00 62.25  ? 8   DT  A P     1 
ATOM   121 O OP1   . DT  A 1 7  ? -2.132  4.897   -7.513  1.00 58.32  ? 8   DT  A OP1   1 
ATOM   122 O OP2   . DT  A 1 7  ? -0.027  6.281   -8.075  1.00 51.82  ? 8   DT  A OP2   1 
ATOM   123 O "O5'" . DT  A 1 7  ? -0.996  4.441   -9.626  1.00 57.05  ? 8   DT  A "O5'" 1 
ATOM   124 C "C5'" . DT  A 1 7  ? -2.124  3.992   -10.387 1.00 53.44  ? 8   DT  A "C5'" 1 
ATOM   125 C "C4'" . DT  A 1 7  ? -1.756  2.885   -11.342 1.00 53.05  ? 8   DT  A "C4'" 1 
ATOM   126 O "O4'" . DT  A 1 7  ? -0.993  3.396   -12.464 1.00 52.49  ? 8   DT  A "O4'" 1 
ATOM   127 C "C3'" . DT  A 1 7  ? -0.944  1.760   -10.720 1.00 46.35  ? 8   DT  A "C3'" 1 
ATOM   128 O "O3'" . DT  A 1 7  ? -1.476  0.501   -11.123 1.00 46.34  ? 8   DT  A "O3'" 1 
ATOM   129 C "C2'" . DT  A 1 7  ? 0.460   1.989   -11.263 1.00 50.27  ? 8   DT  A "C2'" 1 
ATOM   130 C "C1'" . DT  A 1 7  ? 0.243   2.706   -12.596 1.00 42.89  ? 8   DT  A "C1'" 1 
ATOM   131 N N1    . DT  A 1 7  ? 1.281   3.724   -12.918 1.00 33.79  ? 8   DT  A N1    1 
ATOM   132 C C2    . DT  A 1 7  ? 1.960   3.639   -14.120 1.00 32.67  ? 8   DT  A C2    1 
ATOM   133 O O2    . DT  A 1 7  ? 1.784   2.721   -14.921 1.00 35.18  ? 8   DT  A O2    1 
ATOM   134 N N3    . DT  A 1 7  ? 2.869   4.657   -14.343 1.00 30.86  ? 8   DT  A N3    1 
ATOM   135 C C4    . DT  A 1 7  ? 3.157   5.713   -13.491 1.00 40.90  ? 8   DT  A C4    1 
ATOM   136 O O4    . DT  A 1 7  ? 3.985   6.581   -13.814 1.00 45.94  ? 8   DT  A O4    1 
ATOM   137 C C5    . DT  A 1 7  ? 2.446   5.711   -12.255 1.00 40.48  ? 8   DT  A C5    1 
ATOM   138 C C7    . DT  A 1 7  ? 2.752   6.785   -11.262 1.00 48.60  ? 8   DT  A C7    1 
ATOM   139 C C6    . DT  A 1 7  ? 1.551   4.738   -12.030 1.00 36.70  ? 8   DT  A C6    1 
ATOM   140 P P     . DG  A 1 8  ? -0.862  -0.823  -10.500 1.00 55.61  ? 9   DG  A P     1 
ATOM   141 O OP1   . DG  A 1 8  ? -1.746  -2.032  -10.628 1.00 45.90  ? 9   DG  A OP1   1 
ATOM   142 O OP2   . DG  A 1 8  ? -0.416  -0.380  -9.149  1.00 53.41  ? 9   DG  A OP2   1 
ATOM   143 O "O5'" . DG  A 1 8  ? 0.415   -1.061  -11.413 1.00 64.72  ? 9   DG  A "O5'" 1 
ATOM   144 C "C5'" . DG  A 1 8  ? 0.304   -1.655  -12.697 1.00 58.35  ? 9   DG  A "C5'" 1 
ATOM   145 C "C4'" . DG  A 1 8  ? 1.684   -1.995  -13.204 1.00 50.94  ? 9   DG  A "C4'" 1 
ATOM   146 O "O4'" . DG  A 1 8  ? 2.456   -0.778  -13.361 1.00 49.02  ? 9   DG  A "O4'" 1 
ATOM   147 C "C3'" . DG  A 1 8  ? 2.495   -2.851  -12.234 1.00 45.55  ? 9   DG  A "C3'" 1 
ATOM   148 O "O3'" . DG  A 1 8  ? 3.382   -3.652  -12.985 1.00 59.45  ? 9   DG  A "O3'" 1 
ATOM   149 C "C2'" . DG  A 1 8  ? 3.329   -1.820  -11.496 1.00 39.30  ? 9   DG  A "C2'" 1 
ATOM   150 C "C1'" . DG  A 1 8  ? 3.661   -0.882  -12.623 1.00 33.66  ? 9   DG  A "C1'" 1 
ATOM   151 N N9    . DG  A 1 8  ? 4.031   0.449   -12.175 1.00 33.64  ? 9   DG  A N9    1 
ATOM   152 C C8    . DG  A 1 8  ? 3.663   1.039   -10.993 1.00 31.17  ? 9   DG  A C8    1 
ATOM   153 N N7    . DG  A 1 8  ? 4.183   2.235   -10.837 1.00 37.84  ? 9   DG  A N7    1 
ATOM   154 C C5    . DG  A 1 8  ? 4.920   2.454   -11.991 1.00 34.22  ? 9   DG  A C5    1 
ATOM   155 C C6    . DG  A 1 8  ? 5.658   3.598   -12.401 1.00 44.10  ? 9   DG  A C6    1 
ATOM   156 O O6    . DG  A 1 8  ? 5.773   4.683   -11.833 1.00 53.70  ? 9   DG  A O6    1 
ATOM   157 N N1    . DG  A 1 8  ? 6.282   3.399   -13.629 1.00 43.38  ? 9   DG  A N1    1 
ATOM   158 C C2    . DG  A 1 8  ? 6.175   2.256   -14.382 1.00 47.94  ? 9   DG  A C2    1 
ATOM   159 N N2    . DG  A 1 8  ? 6.886   2.258   -15.511 1.00 55.05  ? 9   DG  A N2    1 
ATOM   160 N N3    . DG  A 1 8  ? 5.428   1.192   -14.039 1.00 37.92  ? 9   DG  A N3    1 
ATOM   161 C C4    . DG  A 1 8  ? 4.844   1.364   -12.834 1.00 34.89  ? 9   DG  A C4    1 
ATOM   162 P P     . DG  A 1 9  ? 3.547   -5.190  -12.620 1.00 71.58  ? 10  DG  A P     1 
ATOM   163 O OP1   . DG  A 1 9  ? 2.282   -5.896  -12.948 1.00 66.28  ? 10  DG  A OP1   1 
ATOM   164 O OP2   . DG  A 1 9  ? 4.072   -5.221  -11.231 1.00 74.57  ? 10  DG  A OP2   1 
ATOM   165 O "O5'" . DG  A 1 9  ? 4.677   -5.673  -13.627 1.00 66.47  ? 10  DG  A "O5'" 1 
ATOM   166 C "C5'" . DG  A 1 9  ? 4.563   -5.430  -15.024 1.00 58.94  ? 10  DG  A "C5'" 1 
ATOM   167 C "C4'" . DG  A 1 9  ? 5.917   -5.108  -15.610 1.00 58.79  ? 10  DG  A "C4'" 1 
ATOM   168 O "O4'" . DG  A 1 9  ? 6.325   -3.767  -15.242 1.00 59.25  ? 10  DG  A "O4'" 1 
ATOM   169 C "C3'" . DG  A 1 9  ? 7.059   -6.033  -15.193 1.00 56.98  ? 10  DG  A "C3'" 1 
ATOM   170 O "O3'" . DG  A 1 9  ? 7.837   -6.331  -16.351 1.00 62.02  ? 10  DG  A "O3'" 1 
ATOM   171 C "C2'" . DG  A 1 9  ? 7.847   -5.208  -14.183 1.00 52.03  ? 10  DG  A "C2'" 1 
ATOM   172 C "C1'" . DG  A 1 9  ? 7.603   -3.762  -14.614 1.00 47.96  ? 10  DG  A "C1'" 1 
ATOM   173 N N9    . DG  A 1 9  ? 7.513   -2.818  -13.506 1.00 43.78  ? 10  DG  A N9    1 
ATOM   174 C C8    . DG  A 1 9  ? 6.824   -3.018  -12.332 1.00 50.35  ? 10  DG  A C8    1 
ATOM   175 N N7    . DG  A 1 9  ? 6.839   -1.977  -11.539 1.00 46.36  ? 10  DG  A N7    1 
ATOM   176 C C5    . DG  A 1 9  ? 7.600   -1.044  -12.215 1.00 40.62  ? 10  DG  A C5    1 
ATOM   177 C C6    . DG  A 1 9  ? 7.939   0.272   -11.856 1.00 43.31  ? 10  DG  A C6    1 
ATOM   178 O O6    . DG  A 1 9  ? 7.621   0.890   -10.848 1.00 45.22  ? 10  DG  A O6    1 
ATOM   179 N N1    . DG  A 1 9  ? 8.727   0.885   -12.825 1.00 41.02  ? 10  DG  A N1    1 
ATOM   180 C C2    . DG  A 1 9  ? 9.134   0.295   -13.987 1.00 42.80  ? 10  DG  A C2    1 
ATOM   181 N N2    . DG  A 1 9  ? 9.927   1.047   -14.753 1.00 45.25  ? 10  DG  A N2    1 
ATOM   182 N N3    . DG  A 1 9  ? 8.801   -0.941  -14.358 1.00 40.90  ? 10  DG  A N3    1 
ATOM   183 C C4    . DG  A 1 9  ? 8.040   -1.549  -13.429 1.00 40.60  ? 10  DG  A C4    1 
ATOM   184 P P     . DT  A 1 10 ? 9.168   -7.204  -16.213 1.00 66.08  ? 11  DT  A P     1 
ATOM   185 O OP1   . DT  A 1 10 ? 9.518   -7.644  -17.584 1.00 67.37  ? 11  DT  A OP1   1 
ATOM   186 O OP2   . DT  A 1 10 ? 8.963   -8.215  -15.141 1.00 67.86  ? 11  DT  A OP2   1 
ATOM   187 O "O5'" . DT  A 1 10 ? 10.246  -6.157  -15.691 1.00 59.60  ? 11  DT  A "O5'" 1 
ATOM   188 C "C5'" . DT  A 1 10 ? 10.352  -4.866  -16.282 1.00 61.81  ? 11  DT  A "C5'" 1 
ATOM   189 C "C4'" . DT  A 1 10 ? 11.565  -4.147  -15.745 1.00 56.89  ? 11  DT  A "C4'" 1 
ATOM   190 O "O4'" . DT  A 1 10 ? 11.210  -3.140  -14.760 1.00 61.68  ? 11  DT  A "O4'" 1 
ATOM   191 C "C3'" . DT  A 1 10 ? 12.603  -5.059  -15.084 1.00 61.33  ? 11  DT  A "C3'" 1 
ATOM   192 O "O3'" . DT  A 1 10 ? 13.901  -4.684  -15.530 1.00 72.45  ? 11  DT  A "O3'" 1 
ATOM   193 C "C2'" . DT  A 1 10 ? 12.466  -4.731  -13.605 1.00 51.59  ? 11  DT  A "C2'" 1 
ATOM   194 C "C1'" . DT  A 1 10 ? 12.081  -3.258  -13.651 1.00 46.86  ? 11  DT  A "C1'" 1 
ATOM   195 N N1    . DT  A 1 10 ? 11.388  -2.735  -12.457 1.00 41.71  ? 11  DT  A N1    1 
ATOM   196 C C2    . DT  A 1 10 ? 11.649  -1.424  -12.077 1.00 45.07  ? 11  DT  A C2    1 
ATOM   197 O O2    . DT  A 1 10 ? 12.333  -0.661  -12.742 1.00 52.37  ? 11  DT  A O2    1 
ATOM   198 N N3    . DT  A 1 10 ? 11.054  -1.033  -10.892 1.00 35.51  ? 11  DT  A N3    1 
ATOM   199 C C4    . DT  A 1 10 ? 10.242  -1.799  -10.108 1.00 32.82  ? 11  DT  A C4    1 
ATOM   200 O O4    . DT  A 1 10 ? 9.815   -1.351  -9.076  1.00 40.27  ? 11  DT  A O4    1 
ATOM   201 C C5    . DT  A 1 10 ? 9.961   -3.134  -10.597 1.00 30.72  ? 11  DT  A C5    1 
ATOM   202 C C7    . DT  A 1 10 ? 9.050   -3.999  -9.801  1.00 35.86  ? 11  DT  A C7    1 
ATOM   203 C C6    . DT  A 1 10 ? 10.533  -3.532  -11.729 1.00 34.89  ? 11  DT  A C6    1 
ATOM   204 P P     . DA  A 1 11 ? 15.011  -5.812  -15.818 1.00 74.79  ? 12  DA  A P     1 
ATOM   205 O OP1   . DA  A 1 11 ? 14.701  -6.388  -17.148 1.00 69.46  ? 12  DA  A OP1   1 
ATOM   206 O OP2   . DA  A 1 11 ? 15.137  -6.712  -14.635 1.00 78.00  ? 12  DA  A OP2   1 
ATOM   207 O "O5'" . DA  A 1 11 ? 16.331  -4.933  -15.930 1.00 67.98  ? 12  DA  A "O5'" 1 
ATOM   208 C "C5'" . DA  A 1 11 ? 16.297  -3.702  -16.634 1.00 64.77  ? 12  DA  A "C5'" 1 
ATOM   209 C "C4'" . DA  A 1 11 ? 16.900  -2.592  -15.806 1.00 69.79  ? 12  DA  A "C4'" 1 
ATOM   210 O "O4'" . DA  A 1 11 ? 16.055  -2.244  -14.671 1.00 66.72  ? 12  DA  A "O4'" 1 
ATOM   211 C "C3'" . DA  A 1 11 ? 18.292  -2.870  -15.243 1.00 71.08  ? 12  DA  A "C3'" 1 
ATOM   212 O "O3'" . DA  A 1 11 ? 19.127  -1.735  -15.516 1.00 79.12  ? 12  DA  A "O3'" 1 
ATOM   213 C "C2'" . DA  A 1 11 ? 18.042  -3.056  -13.752 1.00 68.26  ? 12  DA  A "C2'" 1 
ATOM   214 C "C1'" . DA  A 1 11 ? 16.839  -2.161  -13.486 1.00 63.02  ? 12  DA  A "C1'" 1 
ATOM   215 N N9    . DA  A 1 11 ? 15.993  -2.575  -12.358 1.00 58.70  ? 12  DA  A N9    1 
ATOM   216 C C8    . DA  A 1 11 ? 15.500  -3.840  -12.136 1.00 56.86  ? 12  DA  A C8    1 
ATOM   217 N N7    . DA  A 1 11 ? 14.732  -3.930  -11.076 1.00 54.88  ? 12  DA  A N7    1 
ATOM   218 C C5    . DA  A 1 11 ? 14.717  -2.639  -10.557 1.00 52.91  ? 12  DA  A C5    1 
ATOM   219 C C6    . DA  A 1 11 ? 14.069  -2.072  -9.426  1.00 51.46  ? 12  DA  A C6    1 
ATOM   220 N N6    . DA  A 1 11 ? 13.232  -2.747  -8.628  1.00 49.94  ? 12  DA  A N6    1 
ATOM   221 N N1    . DA  A 1 11 ? 14.299  -0.773  -9.157  1.00 49.49  ? 12  DA  A N1    1 
ATOM   222 C C2    . DA  A 1 11 ? 15.094  -0.084  -9.990  1.00 51.91  ? 12  DA  A C2    1 
ATOM   223 N N3    . DA  A 1 11 ? 15.731  -0.496  -11.097 1.00 56.84  ? 12  DA  A N3    1 
ATOM   224 C C4    . DA  A 1 11 ? 15.503  -1.797  -11.324 1.00 54.92  ? 12  DA  A C4    1 
ATOM   225 P P     . DA  A 1 12 ? 20.655  -1.713  -15.011 1.00 83.67  ? 13  DA  A P     1 
ATOM   226 O OP1   . DA  A 1 12 ? 21.400  -0.698  -15.806 1.00 75.40  ? 13  DA  A OP1   1 
ATOM   227 O OP2   . DA  A 1 12 ? 21.173  -3.108  -14.927 1.00 81.76  ? 13  DA  A OP2   1 
ATOM   228 O "O5'" . DA  A 1 12 ? 20.530  -1.109  -13.545 1.00 86.60  ? 13  DA  A "O5'" 1 
ATOM   229 C "C5'" . DA  A 1 12 ? 20.103  0.238   -13.361 1.00 87.81  ? 13  DA  A "C5'" 1 
ATOM   230 C "C4'" . DA  A 1 12 ? 20.381  0.674   -11.945 1.00 83.89  ? 13  DA  A "C4'" 1 
ATOM   231 O "O4'" . DA  A 1 12 ? 19.404  0.098   -11.041 1.00 81.98  ? 13  DA  A "O4'" 1 
ATOM   232 C "C3'" . DA  A 1 12 ? 21.746  0.210   -11.439 1.00 80.12  ? 13  DA  A "C3'" 1 
ATOM   233 O "O3'" . DA  A 1 12 ? 22.290  1.209   -10.577 1.00 75.98  ? 13  DA  A "O3'" 1 
ATOM   234 C "C2'" . DA  A 1 12 ? 21.411  -1.041  -10.647 1.00 74.08  ? 13  DA  A "C2'" 1 
ATOM   235 C "C1'" . DA  A 1 12 ? 20.073  -0.658  -10.043 1.00 71.43  ? 13  DA  A "C1'" 1 
ATOM   236 N N9    . DA  A 1 12 ? 19.209  -1.781  -9.691  1.00 60.13  ? 13  DA  A N9    1 
ATOM   237 C C8    . DA  A 1 12 ? 19.122  -3.015  -10.280 1.00 58.33  ? 13  DA  A C8    1 
ATOM   238 N N7    . DA  A 1 12 ? 18.210  -3.783  -9.747  1.00 56.54  ? 13  DA  A N7    1 
ATOM   239 C C5    . DA  A 1 12 ? 17.662  -2.998  -8.738  1.00 45.50  ? 13  DA  A C5    1 
ATOM   240 C C6    . DA  A 1 12 ? 16.617  -3.218  -7.834  1.00 43.27  ? 13  DA  A C6    1 
ATOM   241 N N6    . DA  A 1 12 ? 15.845  -4.306  -7.852  1.00 45.48  ? 13  DA  A N6    1 
ATOM   242 N N1    . DA  A 1 12 ? 16.357  -2.256  -6.928  1.00 44.31  ? 13  DA  A N1    1 
ATOM   243 C C2    . DA  A 1 12 ? 17.062  -1.125  -6.987  1.00 47.18  ? 13  DA  A C2    1 
ATOM   244 N N3    . DA  A 1 12 ? 18.030  -0.781  -7.828  1.00 43.48  ? 13  DA  A N3    1 
ATOM   245 C C4    . DA  A 1 12 ? 18.286  -1.777  -8.680  1.00 48.71  ? 13  DA  A C4    1 
ATOM   246 P P     . DG  A 1 13 ? 23.826  1.127   -10.131 1.00 80.48  ? 14  DG  A P     1 
ATOM   247 O OP1   . DG  A 1 13 ? 24.475  2.380   -10.597 1.00 76.31  ? 14  DG  A OP1   1 
ATOM   248 O OP2   . DG  A 1 13 ? 24.380  -0.200  -10.531 1.00 73.11  ? 14  DG  A OP2   1 
ATOM   249 O "O5'" . DG  A 1 13 ? 23.727  1.188   -8.545  1.00 80.34  ? 14  DG  A "O5'" 1 
ATOM   250 C "C5'" . DG  A 1 13 ? 23.008  2.250   -7.926  1.00 76.33  ? 14  DG  A "C5'" 1 
ATOM   251 C "C4'" . DG  A 1 13 ? 22.720  1.916   -6.485  1.00 73.02  ? 14  DG  A "C4'" 1 
ATOM   252 O "O4'" . DG  A 1 13 ? 21.622  0.974   -6.374  1.00 71.57  ? 14  DG  A "O4'" 1 
ATOM   253 C "C3'" . DG  A 1 13 ? 23.905  1.290   -5.756  1.00 73.89  ? 14  DG  A "C3'" 1 
ATOM   254 O "O3'" . DG  A 1 13 ? 23.981  1.861   -4.448  1.00 85.92  ? 14  DG  A "O3'" 1 
ATOM   255 C "C2'" . DG  A 1 13 ? 23.518  -0.178  -5.674  1.00 69.63  ? 14  DG  A "C2'" 1 
ATOM   256 C "C1'" . DG  A 1 13 ? 22.006  -0.084  -5.516  1.00 60.38  ? 14  DG  A "C1'" 1 
ATOM   257 N N9    . DG  A 1 13 ? 21.237  -1.280  -5.873  1.00 47.11  ? 14  DG  A N9    1 
ATOM   258 C C8    . DG  A 1 13 ? 21.427  -2.091  -6.955  1.00 46.39  ? 14  DG  A C8    1 
ATOM   259 N N7    . DG  A 1 13 ? 20.625  -3.122  -6.968  1.00 43.91  ? 14  DG  A N7    1 
ATOM   260 C C5    . DG  A 1 13 ? 19.841  -2.966  -5.837  1.00 38.97  ? 14  DG  A C5    1 
ATOM   261 C C6    . DG  A 1 13 ? 18.795  -3.773  -5.337  1.00 44.34  ? 14  DG  A C6    1 
ATOM   262 O O6    . DG  A 1 13 ? 18.319  -4.812  -5.826  1.00 49.76  ? 14  DG  A O6    1 
ATOM   263 N N1    . DG  A 1 13 ? 18.278  -3.267  -4.149  1.00 43.30  ? 14  DG  A N1    1 
ATOM   264 C C2    . DG  A 1 13 ? 18.703  -2.118  -3.544  1.00 46.65  ? 14  DG  A C2    1 
ATOM   265 N N2    . DG  A 1 13 ? 18.088  -1.799  -2.400  1.00 53.61  ? 14  DG  A N2    1 
ATOM   266 N N3    . DG  A 1 13 ? 19.663  -1.343  -4.018  1.00 44.55  ? 14  DG  A N3    1 
ATOM   267 C C4    . DG  A 1 13 ? 20.189  -1.831  -5.157  1.00 40.80  ? 14  DG  A C4    1 
ATOM   268 P P     . DA  A 1 14 ? 24.533  3.364   -4.262  1.00 93.51  ? 15  DA  A P     1 
ATOM   269 O OP1   . DA  A 1 14 ? 23.379  4.288   -4.129  1.00 95.90  ? 15  DA  A OP1   1 
ATOM   270 O OP2   . DA  A 1 14 ? 25.565  3.619   -5.308  1.00 96.75  ? 15  DA  A OP2   1 
ATOM   271 O "O5'" . DA  A 1 14 ? 25.272  3.313   -2.860  1.00 91.86  ? 15  DA  A "O5'" 1 
ATOM   272 C "C5'" . DA  A 1 14 ? 26.175  2.256   -2.562  1.00 87.74  ? 15  DA  A "C5'" 1 
ATOM   273 C "C4'" . DA  A 1 14 ? 27.423  2.388   -3.403  1.00 81.44  ? 15  DA  A "C4'" 1 
ATOM   274 O "O4'" . DA  A 1 14 ? 27.917  3.750   -3.317  1.00 75.92  ? 15  DA  A "O4'" 1 
ATOM   275 C "C3'" . DA  A 1 14 ? 28.569  1.514   -2.913  1.00 78.33  ? 15  DA  A "C3'" 1 
ATOM   276 O "O3'" . DA  A 1 14 ? 29.507  1.334   -3.978  1.00 83.78  ? 15  DA  A "O3'" 1 
ATOM   277 C "C2'" . DA  A 1 14 ? 29.220  2.420   -1.889  1.00 69.44  ? 15  DA  A "C2'" 1 
ATOM   278 C "C1'" . DA  A 1 14 ? 29.097  3.784   -2.549  1.00 57.78  ? 15  DA  A "C1'" 1 
ATOM   279 N N9    . DA  A 1 14 ? 28.976  4.859   -1.573  1.00 52.77  ? 15  DA  A N9    1 
ATOM   280 C C8    . DA  A 1 14 ? 27.948  5.124   -0.692  1.00 53.66  ? 15  DA  A C8    1 
ATOM   281 N N7    . DA  A 1 14 ? 28.218  6.096   0.161   1.00 54.20  ? 15  DA  A N7    1 
ATOM   282 C C5    . DA  A 1 14 ? 29.498  6.514   -0.203  1.00 52.59  ? 15  DA  A C5    1 
ATOM   283 C C6    . DA  A 1 14 ? 30.385  7.474   0.343   1.00 52.69  ? 15  DA  A C6    1 
ATOM   284 N N6    . DA  A 1 14 ? 30.136  8.184   1.450   1.00 52.23  ? 15  DA  A N6    1 
ATOM   285 N N1    . DA  A 1 14 ? 31.575  7.655   -0.279  1.00 52.87  ? 15  DA  A N1    1 
ATOM   286 C C2    . DA  A 1 14 ? 31.865  6.890   -1.343  1.00 57.10  ? 15  DA  A C2    1 
ATOM   287 N N3    . DA  A 1 14 ? 31.137  5.936   -1.923  1.00 54.34  ? 15  DA  A N3    1 
ATOM   288 C C4    . DA  A 1 14 ? 29.955  5.793   -1.299  1.00 51.05  ? 15  DA  A C4    1 
ATOM   289 O "O5'" . DA  B 2 1  ? 16.994  -15.475 -5.805  1.00 74.12  ? 16  DA  B "O5'" 1 
ATOM   290 C "C5'" . DA  B 2 1  ? 16.968  -16.673 -5.022  1.00 75.96  ? 16  DA  B "C5'" 1 
ATOM   291 C "C4'" . DA  B 2 1  ? 16.990  -16.371 -3.543  1.00 72.82  ? 16  DA  B "C4'" 1 
ATOM   292 O "O4'" . DA  B 2 1  ? 18.310  -15.863 -3.217  1.00 61.65  ? 16  DA  B "O4'" 1 
ATOM   293 C "C3'" . DA  B 2 1  ? 15.985  -15.288 -3.140  1.00 74.56  ? 16  DA  B "C3'" 1 
ATOM   294 O "O3'" . DA  B 2 1  ? 15.218  -15.588 -1.975  1.00 86.25  ? 16  DA  B "O3'" 1 
ATOM   295 C "C2'" . DA  B 2 1  ? 16.822  -14.059 -2.864  1.00 66.36  ? 16  DA  B "C2'" 1 
ATOM   296 C "C1'" . DA  B 2 1  ? 18.229  -14.569 -2.632  1.00 53.15  ? 16  DA  B "C1'" 1 
ATOM   297 N N9    . DA  B 2 1  ? 19.107  -13.702 -3.394  1.00 47.99  ? 16  DA  B N9    1 
ATOM   298 C C8    . DA  B 2 1  ? 19.434  -13.761 -4.733  1.00 50.48  ? 16  DA  B C8    1 
ATOM   299 N N7    . DA  B 2 1  ? 20.166  -12.749 -5.143  1.00 44.99  ? 16  DA  B N7    1 
ATOM   300 C C5    . DA  B 2 1  ? 20.349  -12.001 -3.989  1.00 40.12  ? 16  DA  B C5    1 
ATOM   301 C C6    . DA  B 2 1  ? 21.045  -10.840 -3.752  1.00 37.30  ? 16  DA  B C6    1 
ATOM   302 N N6    . DA  B 2 1  ? 21.727  -10.194 -4.709  1.00 36.52  ? 16  DA  B N6    1 
ATOM   303 N N1    . DA  B 2 1  ? 21.039  -10.351 -2.490  1.00 40.16  ? 16  DA  B N1    1 
ATOM   304 C C2    . DA  B 2 1  ? 20.385  -11.034 -1.534  1.00 40.88  ? 16  DA  B C2    1 
ATOM   305 N N3    . DA  B 2 1  ? 19.699  -12.171 -1.640  1.00 35.27  ? 16  DA  B N3    1 
ATOM   306 C C4    . DA  B 2 1  ? 19.718  -12.593 -2.906  1.00 40.72  ? 16  DA  B C4    1 
ATOM   307 P P     . DT  B 2 2  ? 14.022  -14.590 -1.560  1.00 95.42  ? 17  DT  B P     1 
ATOM   308 O OP1   . DT  B 2 2  ? 13.275  -15.154 -0.407  1.00 92.71  ? 17  DT  B OP1   1 
ATOM   309 O OP2   . DT  B 2 2  ? 13.292  -14.203 -2.800  1.00 94.32  ? 17  DT  B OP2   1 
ATOM   310 O "O5'" . DT  B 2 2  ? 14.780  -13.295 -1.047  1.00 90.04  ? 17  DT  B "O5'" 1 
ATOM   311 C "C5'" . DT  B 2 2  ? 15.296  -13.249 0.262   1.00 83.22  ? 17  DT  B "C5'" 1 
ATOM   312 C "C4'" . DT  B 2 2  ? 15.282  -11.826 0.754   1.00 73.46  ? 17  DT  B "C4'" 1 
ATOM   313 O "O4'" . DT  B 2 2  ? 16.374  -11.077 0.161   1.00 63.89  ? 17  DT  B "O4'" 1 
ATOM   314 C "C3'" . DT  B 2 2  ? 13.998  -11.070 0.403   1.00 68.54  ? 17  DT  B "C3'" 1 
ATOM   315 O "O3'" . DT  B 2 2  ? 13.637  -10.241 1.502   1.00 75.52  ? 17  DT  B "O3'" 1 
ATOM   316 C "C2'" . DT  B 2 2  ? 14.423  -10.191 -0.750  1.00 60.35  ? 17  DT  B "C2'" 1 
ATOM   317 C "C1'" . DT  B 2 2  ? 15.864  -9.886  -0.375  1.00 54.04  ? 17  DT  B "C1'" 1 
ATOM   318 N N1    . DT  B 2 2  ? 16.704  -9.515  -1.497  1.00 45.68  ? 17  DT  B N1    1 
ATOM   319 C C2    . DT  B 2 2  ? 17.582  -8.489  -1.314  1.00 49.06  ? 17  DT  B C2    1 
ATOM   320 O O2    . DT  B 2 2  ? 17.694  -7.896  -0.258  1.00 53.42  ? 17  DT  B O2    1 
ATOM   321 N N3    . DT  B 2 2  ? 18.329  -8.178  -2.409  1.00 46.92  ? 17  DT  B N3    1 
ATOM   322 C C4    . DT  B 2 2  ? 18.288  -8.786  -3.648  1.00 45.25  ? 17  DT  B C4    1 
ATOM   323 O O4    . DT  B 2 2  ? 19.062  -8.428  -4.537  1.00 52.06  ? 17  DT  B O4    1 
ATOM   324 C C5    . DT  B 2 2  ? 17.319  -9.843  -3.775  1.00 42.76  ? 17  DT  B C5    1 
ATOM   325 C C7    . DT  B 2 2  ? 17.161  -10.525 -5.094  1.00 34.70  ? 17  DT  B C7    1 
ATOM   326 C C6    . DT  B 2 2  ? 16.594  -10.164 -2.699  1.00 42.36  ? 17  DT  B C6    1 
ATOM   327 P P     . DC  B 2 3  ? 12.209  -9.521  1.529   1.00 72.55  ? 18  DC  B P     1 
ATOM   328 O OP1   . DC  B 2 3  ? 11.656  -9.819  2.876   1.00 68.47  ? 18  DC  B OP1   1 
ATOM   329 O OP2   . DC  B 2 3  ? 11.436  -9.895  0.311   1.00 71.08  ? 18  DC  B OP2   1 
ATOM   330 O "O5'" . DC  B 2 3  ? 12.605  -7.981  1.512   1.00 71.70  ? 18  DC  B "O5'" 1 
ATOM   331 C "C5'" . DC  B 2 3  ? 13.562  -7.503  2.445   1.00 61.86  ? 18  DC  B "C5'" 1 
ATOM   332 C "C4'" . DC  B 2 3  ? 14.040  -6.120  2.068   1.00 59.96  ? 18  DC  B "C4'" 1 
ATOM   333 O "O4'" . DC  B 2 3  ? 14.931  -6.154  0.907   1.00 55.81  ? 18  DC  B "O4'" 1 
ATOM   334 C "C3'" . DC  B 2 3  ? 12.935  -5.104  1.757   1.00 55.15  ? 18  DC  B "C3'" 1 
ATOM   335 O "O3'" . DC  B 2 3  ? 13.191  -3.882  2.495   1.00 52.35  ? 18  DC  B "O3'" 1 
ATOM   336 C "C2'" . DC  B 2 3  ? 13.064  -4.912  0.247   1.00 52.69  ? 18  DC  B "C2'" 1 
ATOM   337 C "C1'" . DC  B 2 3  ? 14.561  -5.107  0.028   1.00 46.25  ? 18  DC  B "C1'" 1 
ATOM   338 N N1    . DC  B 2 3  ? 15.018  -5.447  -1.328  1.00 39.91  ? 18  DC  B N1    1 
ATOM   339 C C2    . DC  B 2 3  ? 16.050  -4.698  -1.872  1.00 44.62  ? 18  DC  B C2    1 
ATOM   340 O O2    . DC  B 2 3  ? 16.537  -3.776  -1.202  1.00 55.96  ? 18  DC  B O2    1 
ATOM   341 N N3    . DC  B 2 3  ? 16.502  -4.980  -3.107  1.00 37.11  ? 18  DC  B N3    1 
ATOM   342 C C4    . DC  B 2 3  ? 15.960  -5.975  -3.798  1.00 34.36  ? 18  DC  B C4    1 
ATOM   343 N N4    . DC  B 2 3  ? 16.460  -6.226  -5.015  1.00 41.01  ? 18  DC  B N4    1 
ATOM   344 C C5    . DC  B 2 3  ? 14.893  -6.762  -3.274  1.00 34.35  ? 18  DC  B C5    1 
ATOM   345 C C6    . DC  B 2 3  ? 14.459  -6.462  -2.042  1.00 40.08  ? 18  DC  B C6    1 
ATOM   346 P P     . DT  B 2 4  ? 11.981  -2.871  2.856   1.00 53.77  ? 19  DT  B P     1 
ATOM   347 O OP1   . DT  B 2 4  ? 12.150  -2.387  4.254   1.00 53.12  ? 19  DT  B OP1   1 
ATOM   348 O OP2   . DT  B 2 4  ? 10.680  -3.483  2.440   1.00 51.20  ? 19  DT  B OP2   1 
ATOM   349 O "O5'" . DT  B 2 4  ? 12.321  -1.610  1.940   1.00 45.79  ? 19  DT  B "O5'" 1 
ATOM   350 C "C5'" . DT  B 2 4  ? 13.230  -1.749  0.851   1.00 45.72  ? 19  DT  B "C5'" 1 
ATOM   351 C "C4'" . DT  B 2 4  ? 13.873  -0.428  0.501   1.00 42.82  ? 19  DT  B "C4'" 1 
ATOM   352 O "O4'" . DT  B 2 4  ? 14.734  -0.715  -0.628  1.00 48.06  ? 19  DT  B "O4'" 1 
ATOM   353 C "C3'" . DT  B 2 4  ? 12.882  0.622   0.006   1.00 54.94  ? 19  DT  B "C3'" 1 
ATOM   354 O "O3'" . DT  B 2 4  ? 13.286  1.958   0.355   1.00 55.60  ? 19  DT  B "O3'" 1 
ATOM   355 C "C2'" . DT  B 2 4  ? 12.842  0.405   -1.498  1.00 53.06  ? 19  DT  B "C2'" 1 
ATOM   356 C "C1'" . DT  B 2 4  ? 14.206  -0.178  -1.838  1.00 45.50  ? 19  DT  B "C1'" 1 
ATOM   357 N N1    . DT  B 2 4  ? 14.090  -1.288  -2.807  1.00 36.74  ? 19  DT  B N1    1 
ATOM   358 C C2    . DT  B 2 4  ? 14.787  -1.241  -3.998  1.00 38.83  ? 19  DT  B C2    1 
ATOM   359 O O2    . DT  B 2 4  ? 15.520  -0.315  -4.311  1.00 49.08  ? 19  DT  B O2    1 
ATOM   360 N N3    . DT  B 2 4  ? 14.574  -2.311  -4.827  1.00 32.21  ? 19  DT  B N3    1 
ATOM   361 C C4    . DT  B 2 4  ? 13.734  -3.371  -4.604  1.00 37.29  ? 19  DT  B C4    1 
ATOM   362 O O4    . DT  B 2 4  ? 13.622  -4.248  -5.452  1.00 41.22  ? 19  DT  B O4    1 
ATOM   363 C C5    . DT  B 2 4  ? 13.034  -3.346  -3.347  1.00 34.33  ? 19  DT  B C5    1 
ATOM   364 C C7    . DT  B 2 4  ? 12.075  -4.444  -3.030  1.00 43.63  ? 19  DT  B C7    1 
ATOM   365 C C6    . DT  B 2 4  ? 13.261  -2.334  -2.515  1.00 33.38  ? 19  DT  B C6    1 
ATOM   366 P P     . DT  B 2 5  ? 12.255  3.186   0.134   1.00 62.20  ? 20  DT  B P     1 
ATOM   367 O OP1   . DT  B 2 5  ? 12.201  4.058   1.334   1.00 66.36  ? 20  DT  B OP1   1 
ATOM   368 O OP2   . DT  B 2 5  ? 10.992  2.599   -0.392  1.00 64.72  ? 20  DT  B OP2   1 
ATOM   369 O "O5'" . DT  B 2 5  ? 13.007  4.016   -0.991  1.00 57.03  ? 20  DT  B "O5'" 1 
ATOM   370 C "C5'" . DT  B 2 5  ? 13.864  3.324   -1.901  1.00 61.25  ? 20  DT  B "C5'" 1 
ATOM   371 C "C4'" . DT  B 2 5  ? 14.253  4.212   -3.060  1.00 62.08  ? 20  DT  B "C4'" 1 
ATOM   372 O "O4'" . DT  B 2 5  ? 14.628  3.298   -4.127  1.00 65.90  ? 20  DT  B "O4'" 1 
ATOM   373 C "C3'" . DT  B 2 5  ? 13.120  5.079   -3.612  1.00 63.20  ? 20  DT  B "C3'" 1 
ATOM   374 O "O3'" . DT  B 2 5  ? 13.595  6.401   -3.934  1.00 68.71  ? 20  DT  B "O3'" 1 
ATOM   375 C "C2'" . DT  B 2 5  ? 12.594  4.291   -4.800  1.00 62.61  ? 20  DT  B "C2'" 1 
ATOM   376 C "C1'" . DT  B 2 5  ? 13.748  3.384   -5.233  1.00 55.20  ? 20  DT  B "C1'" 1 
ATOM   377 N N1    . DT  B 2 5  ? 13.307  1.997   -5.586  1.00 46.77  ? 20  DT  B N1    1 
ATOM   378 C C2    . DT  B 2 5  ? 13.994  1.256   -6.526  1.00 43.73  ? 20  DT  B C2    1 
ATOM   379 O O2    . DT  B 2 5  ? 15.051  1.608   -7.038  1.00 47.24  ? 20  DT  B O2    1 
ATOM   380 N N3    . DT  B 2 5  ? 13.408  0.054   -6.840  1.00 39.75  ? 20  DT  B N3    1 
ATOM   381 C C4    . DT  B 2 5  ? 12.287  -0.494  -6.289  1.00 37.26  ? 20  DT  B C4    1 
ATOM   382 O O4    . DT  B 2 5  ? 11.898  -1.586  -6.658  1.00 43.15  ? 20  DT  B O4    1 
ATOM   383 C C5    . DT  B 2 5  ? 11.659  0.289   -5.278  1.00 35.84  ? 20  DT  B C5    1 
ATOM   384 C C7    . DT  B 2 5  ? 10.454  -0.262  -4.585  1.00 40.37  ? 20  DT  B C7    1 
ATOM   385 C C6    . DT  B 2 5  ? 12.184  1.484   -4.983  1.00 41.00  ? 20  DT  B C6    1 
ATOM   386 P P     . DA  B 2 6  ? 12.552  7.567   -4.380  1.00 69.78  ? 21  DA  B P     1 
ATOM   387 O OP1   . DA  B 2 6  ? 12.987  8.863   -3.785  1.00 62.13  ? 21  DA  B OP1   1 
ATOM   388 O OP2   . DA  B 2 6  ? 11.159  7.121   -4.184  1.00 70.75  ? 21  DA  B OP2   1 
ATOM   389 O "O5'" . DA  B 2 6  ? 12.890  7.665   -5.930  1.00 65.53  ? 21  DA  B "O5'" 1 
ATOM   390 C "C5'" . DA  B 2 6  ? 14.262  7.784   -6.322  1.00 64.73  ? 21  DA  B "C5'" 1 
ATOM   391 C "C4'" . DA  B 2 6  ? 14.423  7.648   -7.817  1.00 66.81  ? 21  DA  B "C4'" 1 
ATOM   392 O "O4'" . DA  B 2 6  ? 14.160  6.283   -8.210  1.00 65.04  ? 21  DA  B "O4'" 1 
ATOM   393 C "C3'" . DA  B 2 6  ? 13.544  8.542   -8.694  1.00 67.18  ? 21  DA  B "C3'" 1 
ATOM   394 O "O3'" . DA  B 2 6  ? 14.361  9.117   -9.741  1.00 70.94  ? 21  DA  B "O3'" 1 
ATOM   395 C "C2'" . DA  B 2 6  ? 12.454  7.589   -9.176  1.00 62.19  ? 21  DA  B "C2'" 1 
ATOM   396 C "C1'" . DA  B 2 6  ? 13.102  6.200   -9.146  1.00 50.75  ? 21  DA  B "C1'" 1 
ATOM   397 N N9    . DA  B 2 6  ? 12.215  5.114   -8.700  1.00 43.68  ? 21  DA  B N9    1 
ATOM   398 C C8    . DA  B 2 6  ? 11.328  5.188   -7.656  1.00 35.52  ? 21  DA  B C8    1 
ATOM   399 N N7    . DA  B 2 6  ? 10.639  4.072   -7.468  1.00 38.62  ? 21  DA  B N7    1 
ATOM   400 C C5    . DA  B 2 6  ? 11.117  3.204   -8.446  1.00 31.19  ? 21  DA  B C5    1 
ATOM   401 C C6    . DA  B 2 6  ? 10.778  1.857   -8.777  1.00 35.13  ? 21  DA  B C6    1 
ATOM   402 N N6    . DA  B 2 6  ? 9.855   1.146   -8.111  1.00 36.68  ? 21  DA  B N6    1 
ATOM   403 N N1    . DA  B 2 6  ? 11.428  1.270   -9.821  1.00 35.23  ? 21  DA  B N1    1 
ATOM   404 C C2    . DA  B 2 6  ? 12.351  1.995   -10.464 1.00 37.95  ? 21  DA  B C2    1 
ATOM   405 N N3    . DA  B 2 6  ? 12.748  3.277   -10.244 1.00 38.87  ? 21  DA  B N3    1 
ATOM   406 C C4    . DA  B 2 6  ? 12.084  3.825   -9.215  1.00 35.57  ? 21  DA  B C4    1 
ATOM   407 P P     . DC  B 2 7  ? 13.757  10.234  -10.742 1.00 72.00  ? 22  DC  B P     1 
ATOM   408 O OP1   . DC  B 2 7  ? 14.669  11.400  -10.871 1.00 73.60  ? 22  DC  B OP1   1 
ATOM   409 O OP2   . DC  B 2 7  ? 12.338  10.457  -10.363 1.00 70.64  ? 22  DC  B OP2   1 
ATOM   410 O "O5'" . DC  B 2 7  ? 13.783  9.443   -12.116 1.00 68.05  ? 22  DC  B "O5'" 1 
ATOM   411 C "C5'" . DC  B 2 7  ? 13.235  8.140   -12.148 1.00 67.99  ? 22  DC  B "C5'" 1 
ATOM   412 C "C4'" . DC  B 2 7  ? 13.770  7.353   -13.313 1.00 60.11  ? 22  DC  B "C4'" 1 
ATOM   413 O "O4'" . DC  B 2 7  ? 13.329  5.998   -13.087 1.00 64.03  ? 22  DC  B "O4'" 1 
ATOM   414 C "C3'" . DC  B 2 7  ? 13.190  7.766   -14.663 1.00 61.44  ? 22  DC  B "C3'" 1 
ATOM   415 O "O3'" . DC  B 2 7  ? 14.144  7.486   -15.698 1.00 66.67  ? 22  DC  B "O3'" 1 
ATOM   416 C "C2'" . DC  B 2 7  ? 11.935  6.915   -14.771 1.00 58.91  ? 22  DC  B "C2'" 1 
ATOM   417 C "C1'" . DC  B 2 7  ? 12.256  5.668   -13.950 1.00 58.90  ? 22  DC  B "C1'" 1 
ATOM   418 N N1    . DC  B 2 7  ? 11.161  5.160   -13.103 1.00 51.13  ? 22  DC  B N1    1 
ATOM   419 C C2    . DC  B 2 7  ? 10.713  3.847   -13.315 1.00 52.01  ? 22  DC  B C2    1 
ATOM   420 O O2    . DC  B 2 7  ? 11.247  3.174   -14.215 1.00 52.29  ? 22  DC  B O2    1 
ATOM   421 N N3    . DC  B 2 7  ? 9.722   3.346   -12.533 1.00 45.21  ? 22  DC  B N3    1 
ATOM   422 C C4    . DC  B 2 7  ? 9.193   4.097   -11.566 1.00 43.16  ? 22  DC  B C4    1 
ATOM   423 N N4    . DC  B 2 7  ? 8.250   3.544   -10.799 1.00 49.72  ? 22  DC  B N4    1 
ATOM   424 C C5    . DC  B 2 7  ? 9.617   5.446   -11.334 1.00 34.96  ? 22  DC  B C5    1 
ATOM   425 C C6    . DC  B 2 7  ? 10.594  5.936   -12.122 1.00 41.81  ? 22  DC  B C6    1 
ATOM   426 P P     . DC  B 2 8  ? 14.083  8.287   -17.098 1.00 72.02  ? 23  DC  B P     1 
ATOM   427 O OP1   . DC  B 2 8  ? 15.370  8.029   -17.788 1.00 65.85  ? 23  DC  B OP1   1 
ATOM   428 O OP2   . DC  B 2 8  ? 13.626  9.687   -16.884 1.00 68.76  ? 23  DC  B OP2   1 
ATOM   429 O "O5'" . DC  B 2 8  ? 12.920  7.555   -17.898 1.00 69.84  ? 23  DC  B "O5'" 1 
ATOM   430 C "C5'" . DC  B 2 8  ? 13.010  6.184   -18.249 1.00 64.08  ? 23  DC  B "C5'" 1 
ATOM   431 C "C4'" . DC  B 2 8  ? 11.643  5.680   -18.641 1.00 68.85  ? 23  DC  B "C4'" 1 
ATOM   432 O "O4'" . DC  B 2 8  ? 10.813  5.536   -17.460 1.00 69.65  ? 23  DC  B "O4'" 1 
ATOM   433 C "C3'" . DC  B 2 8  ? 10.887  6.635   -19.570 1.00 70.08  ? 23  DC  B "C3'" 1 
ATOM   434 O "O3'" . DC  B 2 8  ? 10.147  5.885   -20.527 1.00 64.31  ? 23  DC  B "O3'" 1 
ATOM   435 C "C2'" . DC  B 2 8  ? 9.913   7.329   -18.635 1.00 69.42  ? 23  DC  B "C2'" 1 
ATOM   436 C "C1'" . DC  B 2 8  ? 9.581   6.190   -17.696 1.00 60.05  ? 23  DC  B "C1'" 1 
ATOM   437 N N1    . DC  B 2 8  ? 8.973   6.521   -16.397 1.00 50.67  ? 23  DC  B N1    1 
ATOM   438 C C2    . DC  B 2 8  ? 8.300   5.501   -15.728 1.00 49.20  ? 23  DC  B C2    1 
ATOM   439 O O2    . DC  B 2 8  ? 8.231   4.372   -16.272 1.00 43.03  ? 23  DC  B O2    1 
ATOM   440 N N3    . DC  B 2 8  ? 7.739   5.756   -14.519 1.00 49.32  ? 23  DC  B N3    1 
ATOM   441 C C4    . DC  B 2 8  ? 7.830   6.979   -13.988 1.00 49.10  ? 23  DC  B C4    1 
ATOM   442 N N4    . DC  B 2 8  ? 7.267   7.176   -12.788 1.00 46.98  ? 23  DC  B N4    1 
ATOM   443 C C5    . DC  B 2 8  ? 8.499   8.048   -14.658 1.00 48.77  ? 23  DC  B C5    1 
ATOM   444 C C6    . DC  B 2 8  ? 9.052   7.777   -15.852 1.00 49.73  ? 23  DC  B C6    1 
ATOM   445 P P     . DA  B 2 9  ? 10.475  6.043   -22.094 1.00 61.09  ? 24  DA  B P     1 
ATOM   446 O OP1   . DA  B 2 9  ? 11.847  5.499   -22.288 1.00 53.93  ? 24  DA  B OP1   1 
ATOM   447 O OP2   . DA  B 2 9  ? 10.146  7.424   -22.543 1.00 55.22  ? 24  DA  B OP2   1 
ATOM   448 O "O5'" . DA  B 2 9  ? 9.482   5.015   -22.785 1.00 56.10  ? 24  DA  B "O5'" 1 
ATOM   449 C "C5'" . DA  B 2 9  ? 9.753   3.623   -22.698 1.00 60.56  ? 24  DA  B "C5'" 1 
ATOM   450 C "C4'" . DA  B 2 9  ? 8.489   2.864   -22.379 1.00 60.41  ? 24  DA  B "C4'" 1 
ATOM   451 O "O4'" . DA  B 2 9  ? 7.973   3.251   -21.075 1.00 57.03  ? 24  DA  B "O4'" 1 
ATOM   452 C "C3'" . DA  B 2 9  ? 7.359   3.101   -23.375 1.00 58.53  ? 24  DA  B "C3'" 1 
ATOM   453 O "O3'" . DA  B 2 9  ? 6.759   1.846   -23.656 1.00 61.30  ? 24  DA  B "O3'" 1 
ATOM   454 C "C2'" . DA  B 2 9  ? 6.412   4.040   -22.638 1.00 60.65  ? 24  DA  B "C2'" 1 
ATOM   455 C "C1'" . DA  B 2 9  ? 6.615   3.652   -21.181 1.00 51.32  ? 24  DA  B "C1'" 1 
ATOM   456 N N9    . DA  B 2 9  ? 6.384   4.727   -20.209 1.00 52.32  ? 24  DA  B N9    1 
ATOM   457 C C8    . DA  B 2 9  ? 6.744   6.054   -20.301 1.00 55.82  ? 24  DA  B C8    1 
ATOM   458 N N7    . DA  B 2 9  ? 6.409   6.772   -19.251 1.00 52.15  ? 24  DA  B N7    1 
ATOM   459 C C5    . DA  B 2 9  ? 5.784   5.856   -18.411 1.00 50.54  ? 24  DA  B C5    1 
ATOM   460 C C6    . DA  B 2 9  ? 5.198   5.985   -17.141 1.00 47.33  ? 24  DA  B C6    1 
ATOM   461 N N6    . DA  B 2 9  ? 5.128   7.138   -16.467 1.00 50.18  ? 24  DA  B N6    1 
ATOM   462 N N1    . DA  B 2 9  ? 4.670   4.879   -16.582 1.00 48.93  ? 24  DA  B N1    1 
ATOM   463 C C2    . DA  B 2 9  ? 4.729   3.730   -17.257 1.00 49.18  ? 24  DA  B C2    1 
ATOM   464 N N3    . DA  B 2 9  ? 5.242   3.482   -18.456 1.00 51.05  ? 24  DA  B N3    1 
ATOM   465 C C4    . DA  B 2 9  ? 5.759   4.597   -18.988 1.00 51.45  ? 24  DA  B C4    1 
ATOM   466 P P     . DA  B 2 10 ? 5.431   1.779   -24.546 1.00 65.52  ? 25  DA  B P     1 
ATOM   467 O OP1   . DA  B 2 10 ? 5.421   0.374   -25.050 1.00 56.83  ? 25  DA  B OP1   1 
ATOM   468 O OP2   . DA  B 2 10 ? 5.406   2.905   -25.500 1.00 58.21  ? 25  DA  B OP2   1 
ATOM   469 O "O5'" . DA  B 2 10 ? 4.266   1.992   -23.475 1.00 59.04  ? 25  DA  B "O5'" 1 
ATOM   470 C "C5'" . DA  B 2 10 ? 3.966   0.978   -22.517 1.00 56.09  ? 25  DA  B "C5'" 1 
ATOM   471 C "C4'" . DA  B 2 10 ? 2.660   1.285   -21.820 1.00 55.15  ? 25  DA  B "C4'" 1 
ATOM   472 O "O4'" . DA  B 2 10 ? 2.841   2.368   -20.876 1.00 62.61  ? 25  DA  B "O4'" 1 
ATOM   473 C "C3'" . DA  B 2 10 ? 1.538   1.737   -22.756 1.00 58.33  ? 25  DA  B "C3'" 1 
ATOM   474 O "O3'" . DA  B 2 10 ? 0.289   1.257   -22.261 1.00 58.67  ? 25  DA  B "O3'" 1 
ATOM   475 C "C2'" . DA  B 2 10 ? 1.562   3.248   -22.608 1.00 53.65  ? 25  DA  B "C2'" 1 
ATOM   476 C "C1'" . DA  B 2 10 ? 1.866   3.367   -21.135 1.00 49.01  ? 25  DA  B "C1'" 1 
ATOM   477 N N9    . DA  B 2 10 ? 2.394   4.659   -20.713 1.00 41.21  ? 25  DA  B N9    1 
ATOM   478 C C8    . DA  B 2 10 ? 3.103   5.563   -21.465 1.00 39.42  ? 25  DA  B C8    1 
ATOM   479 N N7    . DA  B 2 10 ? 3.380   6.683   -20.822 1.00 48.19  ? 25  DA  B N7    1 
ATOM   480 C C5    . DA  B 2 10 ? 2.822   6.496   -19.560 1.00 42.47  ? 25  DA  B C5    1 
ATOM   481 C C6    . DA  B 2 10 ? 2.767   7.320   -18.405 1.00 47.23  ? 25  DA  B C6    1 
ATOM   482 N N6    . DA  B 2 10 ? 3.225   8.568   -18.357 1.00 53.17  ? 25  DA  B N6    1 
ATOM   483 N N1    . DA  B 2 10 ? 2.195   6.809   -17.299 1.00 47.44  ? 25  DA  B N1    1 
ATOM   484 C C2    . DA  B 2 10 ? 1.664   5.565   -17.372 1.00 45.87  ? 25  DA  B C2    1 
ATOM   485 N N3    . DA  B 2 10 ? 1.621   4.717   -18.398 1.00 39.62  ? 25  DA  B N3    1 
ATOM   486 C C4    . DA  B 2 10 ? 2.234   5.241   -19.471 1.00 38.40  ? 25  DA  B C4    1 
ATOM   487 P P     . DA  B 2 11 ? -0.287  -0.147  -22.784 1.00 57.50  ? 26  DA  B P     1 
ATOM   488 O OP1   . DA  B 2 11 ? 0.815   -1.120  -22.658 1.00 63.23  ? 26  DA  B OP1   1 
ATOM   489 O OP2   . DA  B 2 11 ? -0.951  0.032   -24.103 1.00 57.47  ? 26  DA  B OP2   1 
ATOM   490 O "O5'" . DA  B 2 11 ? -1.394  -0.491  -21.700 1.00 56.63  ? 26  DA  B "O5'" 1 
ATOM   491 C "C5'" . DA  B 2 11 ? -1.016  -0.920  -20.407 1.00 56.00  ? 26  DA  B "C5'" 1 
ATOM   492 C "C4'" . DA  B 2 11 ? -1.912  -0.297  -19.364 1.00 60.74  ? 26  DA  B "C4'" 1 
ATOM   493 O "O4'" . DA  B 2 11 ? -1.554  1.077   -19.083 1.00 62.40  ? 26  DA  B "O4'" 1 
ATOM   494 C "C3'" . DA  B 2 11 ? -3.401  -0.289  -19.683 1.00 53.22  ? 26  DA  B "C3'" 1 
ATOM   495 O "O3'" . DA  B 2 11 ? -4.082  -0.618  -18.479 1.00 60.39  ? 26  DA  B "O3'" 1 
ATOM   496 C "C2'" . DA  B 2 11 ? -3.667  1.159   -20.063 1.00 52.01  ? 26  DA  B "C2'" 1 
ATOM   497 C "C1'" . DA  B 2 11 ? -2.694  1.918   -19.177 1.00 45.95  ? 26  DA  B "C1'" 1 
ATOM   498 N N9    . DA  B 2 11 ? -2.235  3.184   -19.738 1.00 43.73  ? 26  DA  B N9    1 
ATOM   499 C C8    . DA  B 2 11 ? -1.835  3.420   -21.037 1.00 48.03  ? 26  DA  B C8    1 
ATOM   500 N N7    . DA  B 2 11 ? -1.421  4.648   -21.248 1.00 46.05  ? 26  DA  B N7    1 
ATOM   501 C C5    . DA  B 2 11 ? -1.571  5.263   -20.015 1.00 42.53  ? 26  DA  B C5    1 
ATOM   502 C C6    . DA  B 2 11 ? -1.291  6.564   -19.576 1.00 45.56  ? 26  DA  B C6    1 
ATOM   503 N N6    . DA  B 2 11 ? -0.821  7.519   -20.373 1.00 45.99  ? 26  DA  B N6    1 
ATOM   504 N N1    . DA  B 2 11 ? -1.518  6.854   -18.274 1.00 44.15  ? 26  DA  B N1    1 
ATOM   505 C C2    . DA  B 2 11 ? -2.013  5.892   -17.488 1.00 45.78  ? 26  DA  B C2    1 
ATOM   506 N N3    . DA  B 2 11 ? -2.327  4.632   -17.790 1.00 44.92  ? 26  DA  B N3    1 
ATOM   507 C C4    . DA  B 2 11 ? -2.075  4.375   -19.080 1.00 41.07  ? 26  DA  B C4    1 
ATOM   508 P P     . DA  B 2 12 ? -5.673  -0.781  -18.477 1.00 67.58  ? 27  DA  B P     1 
ATOM   509 O OP1   . DA  B 2 12 ? -5.933  -1.745  -17.367 1.00 73.16  ? 27  DA  B OP1   1 
ATOM   510 O OP2   . DA  B 2 12 ? -6.169  -1.080  -19.847 1.00 73.04  ? 27  DA  B OP2   1 
ATOM   511 O "O5'" . DA  B 2 12 ? -6.174  0.655   -18.023 1.00 61.04  ? 27  DA  B "O5'" 1 
ATOM   512 C "C5'" . DA  B 2 12 ? -5.764  1.173   -16.764 1.00 64.91  ? 27  DA  B "C5'" 1 
ATOM   513 C "C4'" . DA  B 2 12 ? -6.467  2.478   -16.493 1.00 63.60  ? 27  DA  B "C4'" 1 
ATOM   514 O "O4'" . DA  B 2 12 ? -5.867  3.571   -17.227 1.00 63.51  ? 27  DA  B "O4'" 1 
ATOM   515 C "C3'" . DA  B 2 12 ? -7.944  2.466   -16.877 1.00 67.48  ? 27  DA  B "C3'" 1 
ATOM   516 O "O3'" . DA  B 2 12 ? -8.649  3.146   -15.845 1.00 79.35  ? 27  DA  B "O3'" 1 
ATOM   517 C "C2'" . DA  B 2 12 ? -7.970  3.220   -18.199 1.00 59.02  ? 27  DA  B "C2'" 1 
ATOM   518 C "C1'" . DA  B 2 12 ? -6.858  4.238   -17.997 1.00 53.08  ? 27  DA  B "C1'" 1 
ATOM   519 N N9    . DA  B 2 12 ? -6.193  4.746   -19.194 1.00 45.24  ? 27  DA  B N9    1 
ATOM   520 C C8    . DA  B 2 12 ? -5.995  4.123   -20.404 1.00 40.12  ? 27  DA  B C8    1 
ATOM   521 N N7    . DA  B 2 12 ? -5.211  4.793   -21.217 1.00 42.83  ? 27  DA  B N7    1 
ATOM   522 C C5    . DA  B 2 12 ? -4.916  5.954   -20.512 1.00 40.67  ? 27  DA  B C5    1 
ATOM   523 C C6    . DA  B 2 12 ? -4.118  7.062   -20.818 1.00 45.42  ? 27  DA  B C6    1 
ATOM   524 N N6    . DA  B 2 12 ? -3.465  7.199   -21.975 1.00 57.93  ? 27  DA  B N6    1 
ATOM   525 N N1    . DA  B 2 12 ? -4.016  8.042   -19.889 1.00 45.82  ? 27  DA  B N1    1 
ATOM   526 C C2    . DA  B 2 12 ? -4.704  7.909   -18.747 1.00 49.22  ? 27  DA  B C2    1 
ATOM   527 N N3    . DA  B 2 12 ? -5.492  6.919   -18.351 1.00 48.51  ? 27  DA  B N3    1 
ATOM   528 C C4    . DA  B 2 12 ? -5.547  5.956   -19.285 1.00 43.86  ? 27  DA  B C4    1 
ATOM   529 P P     . DA  B 2 13 ? -10.243 3.034   -15.745 1.00 88.97  ? 28  DA  B P     1 
ATOM   530 O OP1   . DA  B 2 13 ? -10.546 2.487   -14.398 1.00 86.69  ? 28  DA  B OP1   1 
ATOM   531 O OP2   . DA  B 2 13 ? -10.785 2.366   -16.958 1.00 88.42  ? 28  DA  B OP2   1 
ATOM   532 O "O5'" . DA  B 2 13 ? -10.627 4.569   -15.788 1.00 88.03  ? 28  DA  B "O5'" 1 
ATOM   533 C "C5'" . DA  B 2 13 ? -9.661  5.474   -16.281 1.00 88.38  ? 28  DA  B "C5'" 1 
ATOM   534 C "C4'" . DA  B 2 13 ? -10.265 6.829   -16.515 1.00 88.00  ? 28  DA  B "C4'" 1 
ATOM   535 O "O4'" . DA  B 2 13 ? -9.300  7.495   -17.367 1.00 77.95  ? 28  DA  B "O4'" 1 
ATOM   536 C "C3'" . DA  B 2 13 ? -11.587 6.797   -17.293 1.00 86.14  ? 28  DA  B "C3'" 1 
ATOM   537 O "O3'" . DA  B 2 13 ? -12.426 7.901   -16.918 1.00 88.64  ? 28  DA  B "O3'" 1 
ATOM   538 C "C2'" . DA  B 2 13 ? -11.143 6.936   -18.729 1.00 80.61  ? 28  DA  B "C2'" 1 
ATOM   539 C "C1'" . DA  B 2 13 ? -9.917  7.825   -18.591 1.00 72.55  ? 28  DA  B "C1'" 1 
ATOM   540 N N9    . DA  B 2 13 ? -8.963  7.621   -19.668 1.00 56.43  ? 28  DA  B N9    1 
ATOM   541 C C8    . DA  B 2 13 ? -8.890  6.558   -20.536 1.00 53.53  ? 28  DA  B C8    1 
ATOM   542 N N7    . DA  B 2 13 ? -8.053  6.748   -21.524 1.00 57.04  ? 28  DA  B N7    1 
ATOM   543 C C5    . DA  B 2 13 ? -7.508  7.996   -21.258 1.00 53.36  ? 28  DA  B C5    1 
ATOM   544 C C6    . DA  B 2 13 ? -6.580  8.769   -21.938 1.00 58.23  ? 28  DA  B C6    1 
ATOM   545 N N6    . DA  B 2 13 ? -6.008  8.385   -23.079 1.00 61.67  ? 28  DA  B N6    1 
ATOM   546 N N1    . DA  B 2 13 ? -6.250  9.964   -21.406 1.00 60.19  ? 28  DA  B N1    1 
ATOM   547 C C2    . DA  B 2 13 ? -6.826  10.331  -20.260 1.00 56.36  ? 28  DA  B C2    1 
ATOM   548 N N3    . DA  B 2 13 ? -7.717  9.690   -19.529 1.00 49.46  ? 28  DA  B N3    1 
ATOM   549 C C4    . DA  B 2 13 ? -8.025  8.519   -20.093 1.00 50.40  ? 28  DA  B C4    1 
ATOM   550 P P     . DC  B 2 14 ? -13.928 8.029   -17.513 1.00 83.92  ? 29  DC  B P     1 
ATOM   551 O OP1   . DC  B 2 14 ? -14.824 8.283   -16.359 1.00 77.30  ? 29  DC  B OP1   1 
ATOM   552 O OP2   . DC  B 2 14 ? -14.222 6.897   -18.430 1.00 78.30  ? 29  DC  B OP2   1 
ATOM   553 O "O5'" . DC  B 2 14 ? -13.872 9.378   -18.366 1.00 80.52  ? 29  DC  B "O5'" 1 
ATOM   554 C "C5'" . DC  B 2 14 ? -13.437 10.594  -17.754 1.00 78.39  ? 29  DC  B "C5'" 1 
ATOM   555 C "C4'" . DC  B 2 14 ? -13.163 11.650  -18.799 1.00 74.93  ? 29  DC  B "C4'" 1 
ATOM   556 O "O4'" . DC  B 2 14 ? -12.000 11.304  -19.594 1.00 69.81  ? 29  DC  B "O4'" 1 
ATOM   557 C "C3'" . DC  B 2 14 ? -14.305 11.855  -19.790 1.00 73.59  ? 29  DC  B "C3'" 1 
ATOM   558 O "O3'" . DC  B 2 14 ? -14.378 13.246  -20.114 1.00 82.78  ? 29  DC  B "O3'" 1 
ATOM   559 C "C2'" . DC  B 2 14 ? -13.846 11.056  -20.993 1.00 72.18  ? 29  DC  B "C2'" 1 
ATOM   560 C "C1'" . DC  B 2 14 ? -12.350 11.300  -20.962 1.00 67.48  ? 29  DC  B "C1'" 1 
ATOM   561 N N1    . DC  B 2 14 ? -11.541 10.277  -21.656 1.00 61.94  ? 29  DC  B N1    1 
ATOM   562 C C2    . DC  B 2 14 ? -10.424 10.692  -22.376 1.00 60.35  ? 29  DC  B C2    1 
ATOM   563 O O2    . DC  B 2 14 ? -10.092 11.893  -22.327 1.00 59.21  ? 29  DC  B O2    1 
ATOM   564 N N3    . DC  B 2 14 ? -9.732  9.786   -23.107 1.00 62.48  ? 29  DC  B N3    1 
ATOM   565 C C4    . DC  B 2 14 ? -10.121 8.512   -23.125 1.00 65.10  ? 29  DC  B C4    1 
ATOM   566 N N4    . DC  B 2 14 ? -9.445  7.661   -23.910 1.00 63.71  ? 29  DC  B N4    1 
ATOM   567 C C5    . DC  B 2 14 ? -11.224 8.053   -22.357 1.00 66.18  ? 29  DC  B C5    1 
ATOM   568 C C6    . DC  B 2 14 ? -11.896 8.959   -21.637 1.00 65.40  ? 29  DC  B C6    1 
ATOM   569 N N     . GLY C 3 1  ? -6.739  11.917  -14.469 1.00 72.69  ? 139 GLY C N     1 
ATOM   570 C CA    . GLY C 3 1  ? -6.532  11.063  -15.679 1.00 72.42  ? 139 GLY C CA    1 
ATOM   571 C C     . GLY C 3 1  ? -6.752  9.617   -15.297 1.00 75.65  ? 139 GLY C C     1 
ATOM   572 O O     . GLY C 3 1  ? -7.875  9.103   -15.357 1.00 75.01  ? 139 GLY C O     1 
ATOM   573 N N     . ARG C 3 2  ? -5.677  8.947   -14.892 1.00 79.08  ? 140 ARG C N     1 
ATOM   574 C CA    . ARG C 3 2  ? -5.805  7.557   -14.485 1.00 76.15  ? 140 ARG C CA    1 
ATOM   575 C C     . ARG C 3 2  ? -6.227  7.517   -13.033 1.00 73.06  ? 140 ARG C C     1 
ATOM   576 O O     . ARG C 3 2  ? -5.647  8.185   -12.166 1.00 72.47  ? 140 ARG C O     1 
ATOM   577 C CB    . ARG C 3 2  ? -4.502  6.791   -14.657 1.00 72.14  ? 140 ARG C CB    1 
ATOM   578 C CG    . ARG C 3 2  ? -4.626  5.334   -14.273 1.00 63.48  ? 140 ARG C CG    1 
ATOM   579 C CD    . ARG C 3 2  ? -3.320  4.603   -14.492 1.00 68.95  ? 140 ARG C CD    1 
ATOM   580 N NE    . ARG C 3 2  ? -3.480  3.189   -14.193 1.00 69.08  ? 140 ARG C NE    1 
ATOM   581 C CZ    . ARG C 3 2  ? -2.823  2.224   -14.814 1.00 66.57  ? 140 ARG C CZ    1 
ATOM   582 N NH1   . ARG C 3 2  ? -1.954  2.532   -15.767 1.00 65.77  ? 140 ARG C NH1   1 
ATOM   583 N NH2   . ARG C 3 2  ? -3.051  0.954   -14.500 1.00 65.31  ? 140 ARG C NH2   1 
ATOM   584 N N     . PRO C 3 3  ? -7.270  6.741   -12.754 1.00 67.24  ? 141 PRO C N     1 
ATOM   585 C CA    . PRO C 3 3  ? -7.761  6.625   -11.394 1.00 65.30  ? 141 PRO C CA    1 
ATOM   586 C C     . PRO C 3 3  ? -6.676  5.946   -10.584 1.00 66.31  ? 141 PRO C C     1 
ATOM   587 O O     . PRO C 3 3  ? -5.936  5.119   -11.122 1.00 67.54  ? 141 PRO C O     1 
ATOM   588 C CB    . PRO C 3 3  ? -9.001  5.759   -11.561 1.00 70.47  ? 141 PRO C CB    1 
ATOM   589 C CG    . PRO C 3 3  ? -8.624  4.860   -12.688 1.00 69.76  ? 141 PRO C CG    1 
ATOM   590 C CD    . PRO C 3 3  ? -7.975  5.818   -13.656 1.00 67.01  ? 141 PRO C CD    1 
ATOM   591 N N     . ARG C 3 4  ? -6.559  6.327   -9.315  1.00 69.66  ? 142 ARG C N     1 
ATOM   592 C CA    . ARG C 3 4  ? -5.577  5.736   -8.420  1.00 69.58  ? 142 ARG C CA    1 
ATOM   593 C C     . ARG C 3 4  ? -5.938  4.281   -8.205  1.00 73.72  ? 142 ARG C C     1 
ATOM   594 O O     . ARG C 3 4  ? -6.972  3.808   -8.693  1.00 73.99  ? 142 ARG C O     1 
ATOM   595 C CB    . ARG C 3 4  ? -5.572  6.449   -7.070  1.00 55.68  ? 142 ARG C CB    1 
ATOM   596 C CG    . ARG C 3 4  ? -4.880  7.777   -7.107  1.00 46.08  ? 142 ARG C CG    1 
ATOM   597 C CD    . ARG C 3 4  ? -4.922  8.443   -5.775  1.00 44.88  ? 142 ARG C CD    1 
ATOM   598 N NE    . ARG C 3 4  ? -4.143  9.676   -5.810  1.00 55.38  ? 142 ARG C NE    1 
ATOM   599 C CZ    . ARG C 3 4  ? -2.817  9.726   -5.964  1.00 64.66  ? 142 ARG C CZ    1 
ATOM   600 N NH1   . ARG C 3 4  ? -2.111  8.603   -6.091  1.00 71.31  ? 142 ARG C NH1   1 
ATOM   601 N NH2   . ARG C 3 4  ? -2.198  10.905  -6.003  1.00 66.90  ? 142 ARG C NH2   1 
ATOM   602 N N     . ALA C 3 5  ? -5.081  3.571   -7.481  1.00 73.54  ? 143 ALA C N     1 
ATOM   603 C CA    . ALA C 3 5  ? -5.340  2.174   -7.199  1.00 79.02  ? 143 ALA C CA    1 
ATOM   604 C C     . ALA C 3 5  ? -5.741  2.037   -5.736  1.00 80.72  ? 143 ALA C C     1 
ATOM   605 O O     . ALA C 3 5  ? -6.394  1.070   -5.357  1.00 82.18  ? 143 ALA C O     1 
ATOM   606 C CB    . ALA C 3 5  ? -4.101  1.340   -7.505  1.00 84.32  ? 143 ALA C CB    1 
ATOM   607 N N     . ILE C 3 6  ? -5.359  3.019   -4.924  1.00 81.73  ? 144 ILE C N     1 
ATOM   608 C CA    . ILE C 3 6  ? -5.686  3.017   -3.498  1.00 82.79  ? 144 ILE C CA    1 
ATOM   609 C C     . ILE C 3 6  ? -6.158  4.387   -2.981  1.00 87.72  ? 144 ILE C C     1 
ATOM   610 O O     . ILE C 3 6  ? -5.393  5.352   -2.924  1.00 92.00  ? 144 ILE C O     1 
ATOM   611 C CB    . ILE C 3 6  ? -4.474  2.552   -2.646  1.00 79.27  ? 144 ILE C CB    1 
ATOM   612 C CG1   . ILE C 3 6  ? -3.248  3.421   -2.949  1.00 80.33  ? 144 ILE C CG1   1 
ATOM   613 C CG2   . ILE C 3 6  ? -4.181  1.093   -2.920  1.00 76.31  ? 144 ILE C CG2   1 
ATOM   614 C CD1   . ILE C 3 6  ? -1.984  2.999   -2.210  1.00 78.56  ? 144 ILE C CD1   1 
ATOM   615 N N     . ASN C 3 7  ? -7.424  4.459   -2.594  1.00 86.71  ? 145 ASN C N     1 
ATOM   616 C CA    . ASN C 3 7  ? -8.021  5.692   -2.077  1.00 89.57  ? 145 ASN C CA    1 
ATOM   617 C C     . ASN C 3 7  ? -7.590  6.016   -0.640  1.00 91.72  ? 145 ASN C C     1 
ATOM   618 O O     . ASN C 3 7  ? -7.103  5.143   0.080   1.00 95.94  ? 145 ASN C O     1 
ATOM   619 C CB    . ASN C 3 7  ? -9.529  5.556   -2.150  1.00 83.85  ? 145 ASN C CB    1 
ATOM   620 C CG    . ASN C 3 7  ? -9.978  4.175   -1.775  1.00 81.01  ? 145 ASN C CG    1 
ATOM   621 O OD1   . ASN C 3 7  ? -9.865  3.772   -0.621  1.00 81.64  ? 145 ASN C OD1   1 
ATOM   622 N ND2   . ASN C 3 7  ? -10.468 3.423   -2.753  1.00 80.91  ? 145 ASN C ND2   1 
ATOM   623 N N     . LYS C 3 8  ? -7.790  7.268   -0.226  1.00 90.41  ? 146 LYS C N     1 
ATOM   624 C CA    . LYS C 3 8  ? -7.395  7.721   1.113   1.00 88.09  ? 146 LYS C CA    1 
ATOM   625 C C     . LYS C 3 8  ? -7.816  6.798   2.250   1.00 85.25  ? 146 LYS C C     1 
ATOM   626 O O     . LYS C 3 8  ? -7.235  6.854   3.342   1.00 83.53  ? 146 LYS C O     1 
ATOM   627 C CB    . LYS C 3 8  ? -7.935  9.133   1.393   1.00 91.90  ? 146 LYS C CB    1 
ATOM   628 N N     . HIS C 3 9  ? -8.816  5.952   2.001   1.00 82.02  ? 147 HIS C N     1 
ATOM   629 C CA    . HIS C 3 9  ? -9.302  5.026   3.026   1.00 82.53  ? 147 HIS C CA    1 
ATOM   630 C C     . HIS C 3 9  ? -8.270  3.938   3.285   1.00 83.52  ? 147 HIS C C     1 
ATOM   631 O O     . HIS C 3 9  ? -7.948  3.634   4.437   1.00 79.49  ? 147 HIS C O     1 
ATOM   632 N N     . GLU C 3 10 ? -7.765  3.358   2.197   1.00 87.83  ? 148 GLU C N     1 
ATOM   633 C CA    . GLU C 3 10 ? -6.754  2.304   2.254   1.00 88.60  ? 148 GLU C CA    1 
ATOM   634 C C     . GLU C 3 10 ? -5.449  2.940   2.685   1.00 85.99  ? 148 GLU C C     1 
ATOM   635 O O     . GLU C 3 10 ? -4.677  2.360   3.442   1.00 86.05  ? 148 GLU C O     1 
ATOM   636 C CB    . GLU C 3 10 ? -6.573  1.679   0.876   1.00 89.56  ? 148 GLU C CB    1 
ATOM   637 N N     . GLN C 3 11 ? -5.201  4.144   2.194   1.00 84.51  ? 149 GLN C N     1 
ATOM   638 C CA    . GLN C 3 11 ? -3.980  4.829   2.560   1.00 85.80  ? 149 GLN C CA    1 
ATOM   639 C C     . GLN C 3 11 ? -3.860  4.826   4.076   1.00 86.61  ? 149 GLN C C     1 
ATOM   640 O O     . GLN C 3 11 ? -2.790  5.069   4.620   1.00 91.68  ? 149 GLN C O     1 
ATOM   641 N N     . GLU C 3 12 ? -4.969  4.537   4.751   1.00 88.46  ? 150 GLU C N     1 
ATOM   642 C CA    . GLU C 3 12 ? -4.989  4.465   6.208   1.00 87.01  ? 150 GLU C CA    1 
ATOM   643 C C     . GLU C 3 12 ? -5.071  3.013   6.673   1.00 78.06  ? 150 GLU C C     1 
ATOM   644 O O     . GLU C 3 12 ? -4.329  2.609   7.558   1.00 74.62  ? 150 GLU C O     1 
ATOM   645 N N     . GLN C 3 13 ? -5.962  2.229   6.077   1.00 73.39  ? 151 GLN C N     1 
ATOM   646 C CA    . GLN C 3 13 ? -6.087  0.819   6.437   1.00 76.13  ? 151 GLN C CA    1 
ATOM   647 C C     . GLN C 3 13 ? -4.784  0.059   6.152   1.00 81.07  ? 151 GLN C C     1 
ATOM   648 O O     . GLN C 3 13 ? -4.301  -0.718  6.981   1.00 80.76  ? 151 GLN C O     1 
ATOM   649 C CB    . GLN C 3 13 ? -7.240  0.176   5.662   1.00 74.48  ? 151 GLN C CB    1 
ATOM   650 C CG    . GLN C 3 13 ? -7.046  -1.301  5.399   1.00 74.58  ? 151 GLN C CG    1 
ATOM   651 C CD    . GLN C 3 13 ? -8.270  -1.947  4.801   1.00 83.94  ? 151 GLN C CD    1 
ATOM   652 O OE1   . GLN C 3 13 ? -8.995  -1.328  4.011   1.00 82.81  ? 151 GLN C OE1   1 
ATOM   653 N NE2   . GLN C 3 13 ? -8.502  -3.208  5.157   1.00 86.85  ? 151 GLN C NE2   1 
ATOM   654 N N     . ILE C 3 14 ? -4.227  0.280   4.963   1.00 86.57  ? 152 ILE C N     1 
ATOM   655 C CA    . ILE C 3 14 ? -2.981  -0.356  4.562   1.00 83.77  ? 152 ILE C CA    1 
ATOM   656 C C     . ILE C 3 14 ? -1.851  0.162   5.439   1.00 85.02  ? 152 ILE C C     1 
ATOM   657 O O     . ILE C 3 14 ? -1.025  -0.608  5.931   1.00 92.06  ? 152 ILE C O     1 
ATOM   658 C CB    . ILE C 3 14 ? -2.659  -0.058  3.078   1.00 77.61  ? 152 ILE C CB    1 
ATOM   659 C CG1   . ILE C 3 14 ? -3.429  -1.039  2.189   1.00 78.48  ? 152 ILE C CG1   1 
ATOM   660 C CG2   . ILE C 3 14 ? -1.158  -0.130  2.832   1.00 70.38  ? 152 ILE C CG2   1 
ATOM   661 C CD1   . ILE C 3 14 ? -3.244  -0.816  0.698   1.00 82.72  ? 152 ILE C CD1   1 
ATOM   662 N N     . SER C 3 15 ? -1.811  1.471   5.632   1.00 79.04  ? 153 SER C N     1 
ATOM   663 C CA    . SER C 3 15 ? -0.772  2.044   6.462   1.00 82.40  ? 153 SER C CA    1 
ATOM   664 C C     . SER C 3 15 ? -0.780  1.319   7.803   1.00 86.13  ? 153 SER C C     1 
ATOM   665 O O     . SER C 3 15 ? 0.277   0.969   8.343   1.00 88.50  ? 153 SER C O     1 
ATOM   666 C CB    . SER C 3 15 ? -1.020  3.536   6.675   1.00 81.30  ? 153 SER C CB    1 
ATOM   667 O OG    . SER C 3 15 ? 0.010   4.109   7.459   1.00 79.71  ? 153 SER C OG    1 
ATOM   668 N N     . ARG C 3 16 ? -1.981  1.085   8.329   1.00 86.00  ? 154 ARG C N     1 
ATOM   669 C CA    . ARG C 3 16 ? -2.141  0.401   9.605   1.00 85.28  ? 154 ARG C CA    1 
ATOM   670 C C     . ARG C 3 16 ? -1.565  -0.999  9.452   1.00 81.30  ? 154 ARG C C     1 
ATOM   671 O O     . ARG C 3 16 ? -0.718  -1.426  10.232  1.00 83.37  ? 154 ARG C O     1 
ATOM   672 N N     . LEU C 3 17 ? -2.022  -1.711  8.433   1.00 73.05  ? 155 LEU C N     1 
ATOM   673 C CA    . LEU C 3 17 ? -1.531  -3.051  8.182   1.00 68.72  ? 155 LEU C CA    1 
ATOM   674 C C     . LEU C 3 17 ? -0.018  -3.094  8.222   1.00 68.02  ? 155 LEU C C     1 
ATOM   675 O O     . LEU C 3 17 ? 0.558   -3.930  8.903   1.00 68.14  ? 155 LEU C O     1 
ATOM   676 C CB    . LEU C 3 17 ? -2.001  -3.531  6.819   1.00 64.97  ? 155 LEU C CB    1 
ATOM   677 C CG    . LEU C 3 17 ? -3.434  -4.004  6.809   1.00 57.04  ? 155 LEU C CG    1 
ATOM   678 C CD1   . LEU C 3 17 ? -3.787  -4.524  5.419   1.00 62.19  ? 155 LEU C CD1   1 
ATOM   679 C CD2   . LEU C 3 17 ? -3.566  -5.105  7.841   1.00 58.55  ? 155 LEU C CD2   1 
ATOM   680 N N     . LEU C 3 18 ? 0.626   -2.196  7.481   1.00 74.18  ? 156 LEU C N     1 
ATOM   681 C CA    . LEU C 3 18 ? 2.091   -2.142  7.436   1.00 83.15  ? 156 LEU C CA    1 
ATOM   682 C C     . LEU C 3 18 ? 2.683   -1.763  8.799   1.00 89.36  ? 156 LEU C C     1 
ATOM   683 O O     . LEU C 3 18 ? 3.783   -2.196  9.146   1.00 89.49  ? 156 LEU C O     1 
ATOM   684 C CB    . LEU C 3 18 ? 2.564   -1.121  6.391   1.00 80.80  ? 156 LEU C CB    1 
ATOM   685 C CG    . LEU C 3 18 ? 2.209   -1.318  4.916   1.00 74.94  ? 156 LEU C CG    1 
ATOM   686 C CD1   . LEU C 3 18 ? 2.654   -0.094  4.108   1.00 63.75  ? 156 LEU C CD1   1 
ATOM   687 C CD2   . LEU C 3 18 ? 2.872   -2.576  4.409   1.00 71.72  ? 156 LEU C CD2   1 
ATOM   688 N N     . GLU C 3 19 ? 1.952   -0.949  9.559   1.00 95.15  ? 157 GLU C N     1 
ATOM   689 C CA    . GLU C 3 19 ? 2.400   -0.502  10.877  1.00 100.81 ? 157 GLU C CA    1 
ATOM   690 C C     . GLU C 3 19 ? 2.386   -1.684  11.854  1.00 102.40 ? 157 GLU C C     1 
ATOM   691 O O     . GLU C 3 19 ? 3.047   -1.655  12.894  1.00 105.93 ? 157 GLU C O     1 
ATOM   692 N N     . LYS C 3 20 ? 1.621   -2.718  11.504  1.00 99.76  ? 158 LYS C N     1 
ATOM   693 C CA    . LYS C 3 20 ? 1.515   -3.942  12.296  1.00 92.52  ? 158 LYS C CA    1 
ATOM   694 C C     . LYS C 3 20 ? 2.530   -4.937  11.738  1.00 90.87  ? 158 LYS C C     1 
ATOM   695 O O     . LYS C 3 20 ? 2.474   -6.133  12.023  1.00 88.63  ? 158 LYS C O     1 
ATOM   696 C CB    . LYS C 3 20 ? 0.122   -4.559  12.163  1.00 90.80  ? 158 LYS C CB    1 
ATOM   697 N N     . GLY C 3 21 ? 3.452   -4.430  10.927  1.00 88.68  ? 159 GLY C N     1 
ATOM   698 C CA    . GLY C 3 21 ? 4.458   -5.280  10.327  1.00 82.26  ? 159 GLY C CA    1 
ATOM   699 C C     . GLY C 3 21 ? 3.850   -6.159  9.255   1.00 78.71  ? 159 GLY C C     1 
ATOM   700 O O     . GLY C 3 21 ? 3.710   -7.367  9.421   1.00 75.33  ? 159 GLY C O     1 
ATOM   701 N N     . HIS C 3 22 ? 3.454   -5.550  8.151   1.00 78.51  ? 160 HIS C N     1 
ATOM   702 C CA    . HIS C 3 22 ? 2.883   -6.318  7.060   1.00 80.99  ? 160 HIS C CA    1 
ATOM   703 C C     . HIS C 3 22 ? 3.762   -6.138  5.836   1.00 83.93  ? 160 HIS C C     1 
ATOM   704 O O     . HIS C 3 22 ? 4.243   -5.035  5.561   1.00 89.04  ? 160 HIS C O     1 
ATOM   705 C CB    . HIS C 3 22 ? 1.442   -5.875  6.784   1.00 81.67  ? 160 HIS C CB    1 
ATOM   706 C CG    . HIS C 3 22 ? 0.424   -6.639  7.574   1.00 85.79  ? 160 HIS C CG    1 
ATOM   707 N ND1   . HIS C 3 22 ? 0.210   -7.989  7.395   1.00 88.52  ? 160 HIS C ND1   1 
ATOM   708 C CD2   . HIS C 3 22 ? -0.419  -6.254  8.562   1.00 85.37  ? 160 HIS C CD2   1 
ATOM   709 C CE1   . HIS C 3 22 ? -0.720  -8.402  8.238   1.00 87.37  ? 160 HIS C CE1   1 
ATOM   710 N NE2   . HIS C 3 22 ? -1.118  -7.368  8.958   1.00 90.51  ? 160 HIS C NE2   1 
ATOM   711 N N     . PRO C 3 23 ? 4.013   -7.234  5.104   1.00 80.33  ? 161 PRO C N     1 
ATOM   712 C CA    . PRO C 3 23 ? 4.846   -7.222  3.901   1.00 76.38  ? 161 PRO C CA    1 
ATOM   713 C C     . PRO C 3 23 ? 4.183   -6.576  2.696   1.00 71.33  ? 161 PRO C C     1 
ATOM   714 O O     . PRO C 3 23 ? 3.160   -7.063  2.200   1.00 70.91  ? 161 PRO C O     1 
ATOM   715 C CB    . PRO C 3 23 ? 5.137   -8.705  3.674   1.00 77.79  ? 161 PRO C CB    1 
ATOM   716 C CG    . PRO C 3 23 ? 3.875   -9.355  4.135   1.00 74.88  ? 161 PRO C CG    1 
ATOM   717 C CD    . PRO C 3 23 ? 3.587   -8.608  5.427   1.00 81.18  ? 161 PRO C CD    1 
ATOM   718 N N     . ARG C 3 24 ? 4.779   -5.485  2.227   1.00 65.74  ? 162 ARG C N     1 
ATOM   719 C CA    . ARG C 3 24 ? 4.251   -4.782  1.073   1.00 67.14  ? 162 ARG C CA    1 
ATOM   720 C C     . ARG C 3 24 ? 4.067   -5.749  -0.089  1.00 71.73  ? 162 ARG C C     1 
ATOM   721 O O     . ARG C 3 24 ? 3.052   -5.726  -0.786  1.00 71.95  ? 162 ARG C O     1 
ATOM   722 C CB    . ARG C 3 24 ? 5.197   -3.678  0.663   1.00 60.03  ? 162 ARG C CB    1 
ATOM   723 C CG    . ARG C 3 24 ? 5.467   -2.648  1.734   1.00 50.08  ? 162 ARG C CG    1 
ATOM   724 C CD    . ARG C 3 24 ? 5.929   -1.363  1.050   1.00 56.77  ? 162 ARG C CD    1 
ATOM   725 N NE    . ARG C 3 24 ? 6.553   -0.388  1.939   1.00 55.24  ? 162 ARG C NE    1 
ATOM   726 C CZ    . ARG C 3 24 ? 7.379   -0.696  2.938   1.00 58.94  ? 162 ARG C CZ    1 
ATOM   727 N NH1   . ARG C 3 24 ? 7.920   0.275   3.683   1.00 57.05  ? 162 ARG C NH1   1 
ATOM   728 N NH2   . ARG C 3 24 ? 7.631   -1.979  3.225   1.00 56.29  ? 162 ARG C NH2   1 
ATOM   729 N N     . GLN C 3 25 ? 5.050   -6.613  -0.282  1.00 71.67  ? 163 GLN C N     1 
ATOM   730 C CA    . GLN C 3 25 ? 4.998   -7.584  -1.360  1.00 76.39  ? 163 GLN C CA    1 
ATOM   731 C C     . GLN C 3 25 ? 3.746   -8.464  -1.287  1.00 74.43  ? 163 GLN C C     1 
ATOM   732 O O     . GLN C 3 25 ? 3.232   -8.925  -2.302  1.00 71.90  ? 163 GLN C O     1 
ATOM   733 C CB    . GLN C 3 25 ? 6.268   -8.448  -1.336  1.00 84.36  ? 163 GLN C CB    1 
ATOM   734 N N     . GLN C 3 26 ? 3.247   -8.690  -0.081  1.00 77.70  ? 164 GLN C N     1 
ATOM   735 C CA    . GLN C 3 26 ? 2.070   -9.534  0.099   1.00 79.95  ? 164 GLN C CA    1 
ATOM   736 C C     . GLN C 3 26 ? 0.865   -8.628  0.115   1.00 76.66  ? 164 GLN C C     1 
ATOM   737 O O     . GLN C 3 26 ? -0.205  -8.960  -0.419  1.00 68.66  ? 164 GLN C O     1 
ATOM   738 N N     . LEU C 3 27 ? 1.073   -7.470  0.737   1.00 76.10  ? 165 LEU C N     1 
ATOM   739 C CA    . LEU C 3 27 ? 0.045   -6.456  0.861   1.00 79.38  ? 165 LEU C CA    1 
ATOM   740 C C     . LEU C 3 27 ? -0.373  -5.993  -0.522  1.00 84.70  ? 165 LEU C C     1 
ATOM   741 O O     . LEU C 3 27 ? -1.344  -5.257  -0.667  1.00 89.80  ? 165 LEU C O     1 
ATOM   742 C CB    . LEU C 3 27 ? 0.572   -5.272  1.678   1.00 71.25  ? 165 LEU C CB    1 
ATOM   743 C CG    . LEU C 3 27 ? -0.499  -4.521  2.478   1.00 71.03  ? 165 LEU C CG    1 
ATOM   744 C CD1   . LEU C 3 27 ? -1.238  -5.517  3.363   1.00 70.28  ? 165 LEU C CD1   1 
ATOM   745 C CD2   . LEU C 3 27 ? 0.121   -3.432  3.318   1.00 66.11  ? 165 LEU C CD2   1 
ATOM   746 N N     . ALA C 3 28 ? 0.362   -6.441  -1.535  1.00 84.80  ? 166 ALA C N     1 
ATOM   747 C CA    . ALA C 3 28 ? 0.084   -6.077  -2.917  1.00 78.81  ? 166 ALA C CA    1 
ATOM   748 C C     . ALA C 3 28 ? -0.604  -7.214  -3.654  1.00 79.19  ? 166 ALA C C     1 
ATOM   749 O O     . ALA C 3 28 ? -1.636  -7.008  -4.280  1.00 83.96  ? 166 ALA C O     1 
ATOM   750 C CB    . ALA C 3 28 ? 1.369   -5.714  -3.620  1.00 73.80  ? 166 ALA C CB    1 
ATOM   751 N N     . ILE C 3 29 ? -0.029  -8.409  -3.593  1.00 80.26  ? 167 ILE C N     1 
ATOM   752 C CA    . ILE C 3 29 ? -0.624  -9.559  -4.262  1.00 84.04  ? 167 ILE C CA    1 
ATOM   753 C C     . ILE C 3 29 ? -2.119  -9.523  -3.987  1.00 86.13  ? 167 ILE C C     1 
ATOM   754 O O     . ILE C 3 29 ? -2.941  -9.394  -4.893  1.00 82.13  ? 167 ILE C O     1 
ATOM   755 C CB    . ILE C 3 29 ? -0.102  -10.901 -3.693  1.00 86.10  ? 167 ILE C CB    1 
ATOM   756 C CG1   . ILE C 3 29 ? 1.430   -10.916 -3.680  1.00 88.18  ? 167 ILE C CG1   1 
ATOM   757 C CG2   . ILE C 3 29 ? -0.658  -12.065 -4.519  1.00 81.96  ? 167 ILE C CG2   1 
ATOM   758 C CD1   . ILE C 3 29 ? 2.027   -12.202 -3.120  1.00 81.97  ? 167 ILE C CD1   1 
ATOM   759 N N     . ILE C 3 30 ? -2.437  -9.617  -2.701  1.00 89.92  ? 168 ILE C N     1 
ATOM   760 C CA    . ILE C 3 30 ? -3.803  -9.634  -2.198  1.00 89.42  ? 168 ILE C CA    1 
ATOM   761 C C     . ILE C 3 30 ? -4.667  -8.472  -2.681  1.00 87.82  ? 168 ILE C C     1 
ATOM   762 O O     . ILE C 3 30 ? -5.672  -8.681  -3.370  1.00 88.04  ? 168 ILE C O     1 
ATOM   763 C CB    . ILE C 3 30 ? -3.786  -9.665  -0.660  1.00 87.79  ? 168 ILE C CB    1 
ATOM   764 C CG1   . ILE C 3 30 ? -2.934  -10.848 -0.185  1.00 87.67  ? 168 ILE C CG1   1 
ATOM   765 C CG2   . ILE C 3 30 ? -5.191  -9.814  -0.130  1.00 85.10  ? 168 ILE C CG2   1 
ATOM   766 C CD1   . ILE C 3 30 ? -2.594  -10.828 1.285   1.00 89.04  ? 168 ILE C CD1   1 
ATOM   767 N N     . PHE C 3 31 ? -4.287  -7.253  -2.313  1.00 82.83  ? 169 PHE C N     1 
ATOM   768 C CA    . PHE C 3 31 ? -5.042  -6.087  -2.737  1.00 83.07  ? 169 PHE C CA    1 
ATOM   769 C C     . PHE C 3 31 ? -5.268  -6.092  -4.243  1.00 87.64  ? 169 PHE C C     1 
ATOM   770 O O     . PHE C 3 31 ? -6.410  -6.124  -4.714  1.00 92.38  ? 169 PHE C O     1 
ATOM   771 C CB    . PHE C 3 31 ? -4.318  -4.815  -2.323  1.00 83.12  ? 169 PHE C CB    1 
ATOM   772 C CG    . PHE C 3 31 ? -4.715  -4.322  -0.967  1.00 92.04  ? 169 PHE C CG    1 
ATOM   773 C CD1   . PHE C 3 31 ? -4.423  -5.063  0.169   1.00 94.05  ? 169 PHE C CD1   1 
ATOM   774 C CD2   . PHE C 3 31 ? -5.423  -3.131  -0.830  1.00 97.12  ? 169 PHE C CD2   1 
ATOM   775 C CE1   . PHE C 3 31 ? -4.832  -4.630  1.426   1.00 96.92  ? 169 PHE C CE1   1 
ATOM   776 C CE2   . PHE C 3 31 ? -5.840  -2.686  0.421   1.00 98.08  ? 169 PHE C CE2   1 
ATOM   777 C CZ    . PHE C 3 31 ? -5.544  -3.437  1.553   1.00 99.08  ? 169 PHE C CZ    1 
ATOM   778 N N     . GLY C 3 32 ? -4.175  -6.068  -4.998  1.00 87.10  ? 170 GLY C N     1 
ATOM   779 C CA    . GLY C 3 32 ? -4.278  -6.082  -6.447  1.00 81.90  ? 170 GLY C CA    1 
ATOM   780 C C     . GLY C 3 32 ? -3.275  -5.154  -7.104  1.00 75.40  ? 170 GLY C C     1 
ATOM   781 O O     . GLY C 3 32 ? -2.973  -5.295  -8.279  1.00 71.71  ? 170 GLY C O     1 
ATOM   782 N N     . ILE C 3 33 ? -2.756  -4.211  -6.328  1.00 72.74  ? 171 ILE C N     1 
ATOM   783 C CA    . ILE C 3 33 ? -1.793  -3.248  -6.828  1.00 69.60  ? 171 ILE C CA    1 
ATOM   784 C C     . ILE C 3 33 ? -0.364  -3.813  -6.845  1.00 73.87  ? 171 ILE C C     1 
ATOM   785 O O     . ILE C 3 33 ? -0.055  -4.802  -6.170  1.00 73.94  ? 171 ILE C O     1 
ATOM   786 C CB    . ILE C 3 33 ? -1.822  -1.951  -5.984  1.00 59.94  ? 171 ILE C CB    1 
ATOM   787 C CG1   . ILE C 3 33 ? -1.196  -2.177  -4.625  1.00 53.00  ? 171 ILE C CG1   1 
ATOM   788 C CG2   . ILE C 3 33 ? -3.240  -1.533  -5.715  1.00 57.28  ? 171 ILE C CG2   1 
ATOM   789 C CD1   . ILE C 3 33 ? -1.065  -0.885  -3.834  1.00 62.49  ? 171 ILE C CD1   1 
ATOM   790 N N     . GLY C 3 34 ? 0.498   -3.177  -7.634  1.00 72.93  ? 172 GLY C N     1 
ATOM   791 C CA    . GLY C 3 34 ? 1.877   -3.612  -7.746  1.00 66.20  ? 172 GLY C CA    1 
ATOM   792 C C     . GLY C 3 34 ? 2.727   -3.100  -6.605  1.00 57.93  ? 172 GLY C C     1 
ATOM   793 O O     . GLY C 3 34 ? 2.397   -2.086  -5.977  1.00 56.27  ? 172 GLY C O     1 
ATOM   794 N N     . VAL C 3 35 ? 3.828   -3.803  -6.351  1.00 50.19  ? 173 VAL C N     1 
ATOM   795 C CA    . VAL C 3 35 ? 4.750   -3.460  -5.272  1.00 41.46  ? 173 VAL C CA    1 
ATOM   796 C C     . VAL C 3 35 ? 5.323   -2.045  -5.395  1.00 42.23  ? 173 VAL C C     1 
ATOM   797 O O     . VAL C 3 35 ? 5.490   -1.356  -4.384  1.00 44.69  ? 173 VAL C O     1 
ATOM   798 C CB    . VAL C 3 35 ? 5.923   -4.476  -5.233  1.00 40.93  ? 173 VAL C CB    1 
ATOM   799 C CG1   . VAL C 3 35 ? 6.871   -4.148  -4.101  1.00 47.00  ? 173 VAL C CG1   1 
ATOM   800 C CG2   . VAL C 3 35 ? 5.382   -5.875  -5.067  1.00 32.12  ? 173 VAL C CG2   1 
ATOM   801 N N     . SER C 3 36 ? 5.623   -1.589  -6.608  1.00 38.41  ? 174 SER C N     1 
ATOM   802 C CA    . SER C 3 36 ? 6.188   -0.236  -6.724  1.00 40.91  ? 174 SER C CA    1 
ATOM   803 C C     . SER C 3 36 ? 5.223   0.825   -6.265  1.00 45.40  ? 174 SER C C     1 
ATOM   804 O O     . SER C 3 36 ? 5.638   1.840   -5.694  1.00 48.94  ? 174 SER C O     1 
ATOM   805 C CB    . SER C 3 36 ? 6.612   0.105   -8.168  1.00 39.38  ? 174 SER C CB    1 
ATOM   806 O OG    . SER C 3 36 ? 6.016   -0.758  -9.120  1.00 54.84  ? 174 SER C OG    1 
ATOM   807 N N     . THR C 3 37 ? 3.936   0.603   -6.543  1.00 49.69  ? 175 THR C N     1 
ATOM   808 C CA    . THR C 3 37 ? 2.909   1.560   -6.157  1.00 52.33  ? 175 THR C CA    1 
ATOM   809 C C     . THR C 3 37 ? 2.981   1.646   -4.652  1.00 55.31  ? 175 THR C C     1 
ATOM   810 O O     . THR C 3 37 ? 3.212   2.723   -4.107  1.00 57.04  ? 175 THR C O     1 
ATOM   811 C CB    . THR C 3 37 ? 1.481   1.114   -6.604  1.00 58.37  ? 175 THR C CB    1 
ATOM   812 O OG1   . THR C 3 37 ? 1.456   0.894   -8.028  1.00 52.72  ? 175 THR C OG1   1 
ATOM   813 C CG2   . THR C 3 37 ? 0.438   2.194   -6.244  1.00 57.66  ? 175 THR C CG2   1 
ATOM   814 N N     . LEU C 3 38 ? 2.839   0.501   -3.982  1.00 59.27  ? 176 LEU C N     1 
ATOM   815 C CA    . LEU C 3 38 ? 2.917   0.469   -2.507  1.00 57.81  ? 176 LEU C CA    1 
ATOM   816 C C     . LEU C 3 38 ? 4.170   1.135   -1.920  1.00 59.90  ? 176 LEU C C     1 
ATOM   817 O O     . LEU C 3 38 ? 4.051   1.965   -1.024  1.00 70.00  ? 176 LEU C O     1 
ATOM   818 C CB    . LEU C 3 38 ? 2.807   -0.963  -1.978  1.00 58.10  ? 176 LEU C CB    1 
ATOM   819 C CG    . LEU C 3 38 ? 1.412   -1.600  -1.942  1.00 63.17  ? 176 LEU C CG    1 
ATOM   820 C CD1   . LEU C 3 38 ? 1.517   -3.100  -1.714  1.00 71.13  ? 176 LEU C CD1   1 
ATOM   821 C CD2   . LEU C 3 38 ? 0.585   -0.971  -0.834  1.00 61.16  ? 176 LEU C CD2   1 
ATOM   822 N N     . TYR C 3 39 ? 5.365   0.807   -2.399  1.00 55.21  ? 177 TYR C N     1 
ATOM   823 C CA    . TYR C 3 39 ? 6.560   1.462   -1.836  1.00 50.79  ? 177 TYR C CA    1 
ATOM   824 C C     . TYR C 3 39 ? 6.526   2.969   -2.067  1.00 49.76  ? 177 TYR C C     1 
ATOM   825 O O     . TYR C 3 39 ? 7.114   3.739   -1.315  1.00 52.59  ? 177 TYR C O     1 
ATOM   826 C CB    . TYR C 3 39 ? 7.847   0.888   -2.450  1.00 44.38  ? 177 TYR C CB    1 
ATOM   827 C CG    . TYR C 3 39 ? 8.295   -0.409  -1.824  1.00 44.26  ? 177 TYR C CG    1 
ATOM   828 C CD1   . TYR C 3 39 ? 8.800   -0.441  -0.533  1.00 35.69  ? 177 TYR C CD1   1 
ATOM   829 C CD2   . TYR C 3 39 ? 8.224   -1.602  -2.528  1.00 46.67  ? 177 TYR C CD2   1 
ATOM   830 C CE1   . TYR C 3 39 ? 9.224   -1.635  0.036   1.00 47.70  ? 177 TYR C CE1   1 
ATOM   831 C CE2   . TYR C 3 39 ? 8.646   -2.795  -1.979  1.00 40.59  ? 177 TYR C CE2   1 
ATOM   832 C CZ    . TYR C 3 39 ? 9.144   -2.814  -0.698  1.00 49.71  ? 177 TYR C CZ    1 
ATOM   833 O OH    . TYR C 3 39 ? 9.561   -4.010  -0.159  1.00 53.08  ? 177 TYR C OH    1 
ATOM   834 N N     . ARG C 3 40 ? 5.836   3.381   -3.125  1.00 55.09  ? 178 ARG C N     1 
ATOM   835 C CA    . ARG C 3 40 ? 5.729   4.797   -3.485  1.00 61.49  ? 178 ARG C CA    1 
ATOM   836 C C     . ARG C 3 40 ? 4.856   5.537   -2.463  1.00 66.61  ? 178 ARG C C     1 
ATOM   837 O O     . ARG C 3 40 ? 5.207   6.631   -2.017  1.00 70.27  ? 178 ARG C O     1 
ATOM   838 C CB    . ARG C 3 40 ? 5.164   4.915   -4.914  1.00 63.34  ? 178 ARG C CB    1 
ATOM   839 C CG    . ARG C 3 40 ? 5.004   6.326   -5.473  1.00 54.39  ? 178 ARG C CG    1 
ATOM   840 C CD    . ARG C 3 40 ? 5.202   6.324   -6.994  1.00 58.11  ? 178 ARG C CD    1 
ATOM   841 N NE    . ARG C 3 40 ? 4.559   5.180   -7.642  1.00 59.83  ? 178 ARG C NE    1 
ATOM   842 C CZ    . ARG C 3 40 ? 3.275   5.143   -7.982  1.00 55.92  ? 178 ARG C CZ    1 
ATOM   843 N NH1   . ARG C 3 40 ? 2.761   4.063   -8.558  1.00 46.65  ? 178 ARG C NH1   1 
ATOM   844 N NH2   . ARG C 3 40 ? 2.508   6.198   -7.758  1.00 66.69  ? 178 ARG C NH2   1 
ATOM   845 N N     . TYR C 3 41 ? 3.728   4.938   -2.090  1.00 70.02  ? 179 TYR C N     1 
ATOM   846 C CA    . TYR C 3 41 ? 2.842   5.530   -1.091  1.00 71.06  ? 179 TYR C CA    1 
ATOM   847 C C     . TYR C 3 41 ? 3.430   5.353   0.336   1.00 69.99  ? 179 TYR C C     1 
ATOM   848 O O     . TYR C 3 41 ? 3.272   6.213   1.199   1.00 70.72  ? 179 TYR C O     1 
ATOM   849 C CB    . TYR C 3 41 ? 1.460   4.865   -1.134  1.00 71.11  ? 179 TYR C CB    1 
ATOM   850 C CG    . TYR C 3 41 ? 0.528   5.269   -2.270  1.00 67.71  ? 179 TYR C CG    1 
ATOM   851 C CD1   . TYR C 3 41 ? 0.614   4.668   -3.530  1.00 71.49  ? 179 TYR C CD1   1 
ATOM   852 C CD2   . TYR C 3 41 ? -0.521  6.153   -2.041  1.00 67.67  ? 179 TYR C CD2   1 
ATOM   853 C CE1   . TYR C 3 41 ? -0.331  4.922   -4.518  1.00 71.74  ? 179 TYR C CE1   1 
ATOM   854 C CE2   . TYR C 3 41 ? -1.467  6.414   -3.017  1.00 71.70  ? 179 TYR C CE2   1 
ATOM   855 C CZ    . TYR C 3 41 ? -1.374  5.791   -4.252  1.00 72.82  ? 179 TYR C CZ    1 
ATOM   856 O OH    . TYR C 3 41 ? -2.363  6.002   -5.188  1.00 68.80  ? 179 TYR C OH    1 
ATOM   857 N N     . PHE C 3 42 ? 4.123   4.244   0.573   1.00 68.25  ? 180 PHE C N     1 
ATOM   858 C CA    . PHE C 3 42 ? 4.689   3.991   1.884   1.00 64.83  ? 180 PHE C CA    1 
ATOM   859 C C     . PHE C 3 42 ? 6.187   3.737   1.893   1.00 63.50  ? 180 PHE C C     1 
ATOM   860 O O     . PHE C 3 42 ? 6.636   2.602   2.059   1.00 58.12  ? 180 PHE C O     1 
ATOM   861 C CB    . PHE C 3 42 ? 3.954   2.823   2.511   1.00 66.09  ? 180 PHE C CB    1 
ATOM   862 C CG    . PHE C 3 42 ? 2.476   2.977   2.460   1.00 67.89  ? 180 PHE C CG    1 
ATOM   863 C CD1   . PHE C 3 42 ? 1.702   2.165   1.637   1.00 69.25  ? 180 PHE C CD1   1 
ATOM   864 C CD2   . PHE C 3 42 ? 1.853   3.982   3.195   1.00 59.34  ? 180 PHE C CD2   1 
ATOM   865 C CE1   . PHE C 3 42 ? 0.328   2.356   1.546   1.00 69.16  ? 180 PHE C CE1   1 
ATOM   866 C CE2   . PHE C 3 42 ? 0.493   4.174   3.109   1.00 60.10  ? 180 PHE C CE2   1 
ATOM   867 C CZ    . PHE C 3 42 ? -0.276  3.364   2.285   1.00 64.97  ? 180 PHE C CZ    1 
ATOM   868 N N     . PRO C 3 43 ? 6.982   4.806   1.733   1.00 61.85  ? 181 PRO C N     1 
ATOM   869 C CA    . PRO C 3 43 ? 8.436   4.666   1.729   1.00 64.86  ? 181 PRO C CA    1 
ATOM   870 C C     . PRO C 3 43 ? 8.869   3.795   2.898   1.00 76.44  ? 181 PRO C C     1 
ATOM   871 O O     . PRO C 3 43 ? 8.167   3.715   3.912   1.00 73.71  ? 181 PRO C O     1 
ATOM   872 C CB    . PRO C 3 43 ? 8.921   6.103   1.880   1.00 58.40  ? 181 PRO C CB    1 
ATOM   873 C CG    . PRO C 3 43 ? 7.863   6.883   1.202   1.00 53.71  ? 181 PRO C CG    1 
ATOM   874 C CD    . PRO C 3 43 ? 6.588   6.223   1.666   1.00 58.93  ? 181 PRO C CD    1 
ATOM   875 N N     . ALA C 3 44 ? 10.016  3.135   2.756   1.00 83.01  ? 182 ALA C N     1 
ATOM   876 C CA    . ALA C 3 44 ? 10.527  2.290   3.829   1.00 85.32  ? 182 ALA C CA    1 
ATOM   877 C C     . ALA C 3 44 ? 11.015  3.241   4.906   1.00 85.97  ? 182 ALA C C     1 
ATOM   878 O O     . ALA C 3 44 ? 11.454  2.827   5.978   1.00 91.57  ? 182 ALA C O     1 
ATOM   879 C CB    . ALA C 3 44 ? 11.665  1.420   3.331   1.00 85.46  ? 182 ALA C CB    1 
ATOM   880 N N     . SER C 3 45 ? 10.941  4.527   4.592   1.00 84.95  ? 183 SER C N     1 
ATOM   881 C CA    . SER C 3 45 ? 11.326  5.574   5.525   1.00 88.52  ? 183 SER C CA    1 
ATOM   882 C C     . SER C 3 45 ? 10.032  6.040   6.194   1.00 90.88  ? 183 SER C C     1 
ATOM   883 O O     . SER C 3 45 ? 9.877   7.225   6.507   1.00 91.00  ? 183 SER C O     1 
ATOM   884 C CB    . SER C 3 45 ? 11.984  6.748   4.780   1.00 89.90  ? 183 SER C CB    1 
ATOM   885 O OG    . SER C 3 45 ? 13.191  6.359   4.142   1.00 83.78  ? 183 SER C OG    1 
ATOM   886 N N     . SER C 3 46 ? 9.107   5.094   6.392   1.00 91.31  ? 184 SER C N     1 
ATOM   887 C CA    . SER C 3 46 ? 7.803   5.353   7.013   1.00 89.86  ? 184 SER C CA    1 
ATOM   888 C C     . SER C 3 46 ? 7.573   4.471   8.248   1.00 85.83  ? 184 SER C C     1 
ATOM   889 O O     . SER C 3 46 ? 6.673   3.594   8.191   1.00 81.68  ? 184 SER C O     1 
ATOM   890 C CB    . SER C 3 46 ? 6.675   5.102   5.997   1.00 94.57  ? 184 SER C CB    1 
ATOM   891 O OG    . SER C 3 46 ? 6.839   5.883   4.822   1.00 97.92  ? 184 SER C OG    1 
HETATM 892 C C     . TRS D 4 .  ? 4.268   -1.658  -18.173 1.00 60.94  ? 204 TRS A C     1 
HETATM 893 C C1    . TRS D 4 .  ? 4.308   -3.100  -18.705 1.00 53.70  ? 204 TRS A C1    1 
HETATM 894 C C2    . TRS D 4 .  ? 4.364   -1.733  -16.781 1.00 59.18  ? 204 TRS A C2    1 
HETATM 895 C C3    . TRS D 4 .  ? 2.981   -1.029  -18.741 1.00 67.62  ? 204 TRS A C3    1 
HETATM 896 N N     . TRS D 4 .  ? 5.430   -0.899  -18.683 1.00 45.41  ? 204 TRS A N     1 
HETATM 897 O O1    . TRS D 4 .  ? 3.257   -3.846  -18.262 1.00 68.86  ? 204 TRS A O1    1 
HETATM 898 O O2    . TRS D 4 .  ? 3.714   -0.778  -16.027 1.00 67.07  ? 204 TRS A O2    1 
HETATM 899 O O3    . TRS D 4 .  ? 2.745   0.313   -18.393 1.00 78.93  ? 204 TRS A O3    1 
HETATM 900 O O     . HOH E 5 .  ? 1.331   12.777  -25.234 1.00 74.95  ? 202 HOH A O     1 
HETATM 901 O O     . HOH E 5 .  ? -5.632  -2.892  -10.500 1.00 65.84  ? 203 HOH A O     1 
HETATM 902 O O     . HOH E 5 .  ? 0.477   11.489  -29.294 1.00 56.85  ? 206 HOH A O     1 
HETATM 903 O O     . HOH E 5 .  ? -3.080  8.158   -25.945 1.00 49.10  ? 207 HOH A O     1 
HETATM 904 O O     . HOH E 5 .  ? 18.273  -6.481  -10.971 1.00 80.94  ? 209 HOH A O     1 
HETATM 905 O O     . HOH E 5 .  ? 16.669  2.270   -13.377 1.00 55.97  ? 210 HOH A O     1 
HETATM 906 O O     . HOH F 5 .  ? 14.021  2.580   -20.607 1.00 70.15  ? 201 HOH B O     1 
HETATM 907 O O     . HOH F 5 .  ? -13.091 12.963  -13.340 1.00 55.48  ? 208 HOH B O     1 
HETATM 908 O O     . HOH F 5 .  ? -14.721 0.940   -17.186 1.00 83.98  ? 211 HOH B O     1 
HETATM 909 O O     . HOH G 5 .  ? 8.293   2.859   -5.952  1.00 46.91  ? 205 HOH C O     1 
HETATM 910 O O     . HOH G 5 .  ? -6.217  9.432   12.181  1.00 58.21  ? 212 HOH C O     1 
HETATM 911 O O     . HOH G 5 .  ? -10.693 9.357   -2.499  1.00 51.80  ? 213 HOH C O     1 
HETATM 912 O O     . HOH G 5 .  ? -1.780  11.142  -0.612  1.00 83.20  ? 214 HOH C O     1 
# 
loop_
_pdbx_poly_seq_scheme.asym_id 
_pdbx_poly_seq_scheme.entity_id 
_pdbx_poly_seq_scheme.seq_id 
_pdbx_poly_seq_scheme.mon_id 
_pdbx_poly_seq_scheme.ndb_seq_num 
_pdbx_poly_seq_scheme.pdb_seq_num 
_pdbx_poly_seq_scheme.auth_seq_num 
_pdbx_poly_seq_scheme.pdb_mon_id 
_pdbx_poly_seq_scheme.auth_mon_id 
_pdbx_poly_seq_scheme.pdb_strand_id 
_pdbx_poly_seq_scheme.pdb_ins_code 
_pdbx_poly_seq_scheme.hetero 
A 1 1  DT  1  2   2   DT  T   A . n 
A 1 2  DG  2  3   3   DG  G   A . n 
A 1 3  DT  3  4   4   DT  T   A . n 
A 1 4  DT  4  5   5   DT  T   A . n 
A 1 5  DT  5  6   6   DT  T   A . n 
A 1 6  DT  6  7   7   DT  T   A . n 
A 1 7  DT  7  8   8   DT  T   A . n 
A 1 8  DG  8  9   9   DG  G   A . n 
A 1 9  DG  9  10  10  DG  G   A . n 
A 1 10 DT  10 11  11  DT  T   A . n 
A 1 11 DA  11 12  12  DA  A   A . n 
A 1 12 DA  12 13  13  DA  A   A . n 
A 1 13 DG  13 14  14  DG  G   A . n 
A 1 14 DA  14 15  15  DA  A   A . n 
B 2 1  DA  1  16  16  DA  A   B . n 
B 2 2  DT  2  17  17  DT  T   B . n 
B 2 3  DC  3  18  18  DC  C   B . n 
B 2 4  DT  4  19  19  DT  T   B . n 
B 2 5  DT  5  20  20  DT  T   B . n 
B 2 6  DA  6  21  21  DA  A   B . n 
B 2 7  DC  7  22  22  DC  C   B . n 
B 2 8  DC  8  23  23  DC  C   B . n 
B 2 9  DA  9  24  24  DA  A   B . n 
B 2 10 DA  10 25  25  DA  A   B . n 
B 2 11 DA  11 26  26  DA  A   B . n 
B 2 12 DA  12 27  27  DA  A   B . n 
B 2 13 DA  13 28  28  DA  A   B . n 
B 2 14 DC  14 29  29  DC  C   B . n 
C 3 1  GLY 1  139 139 GLY GLY C . n 
C 3 2  ARG 2  140 140 ARG ARG C . n 
C 3 3  PRO 3  141 141 PRO PRO C . n 
C 3 4  ARG 4  142 142 ARG ARG C . n 
C 3 5  ALA 5  143 143 ALA ALA C . n 
C 3 6  ILE 6  144 144 ILE ILE C . n 
C 3 7  ASN 7  145 145 ASN ASN C . n 
C 3 8  LYS 8  146 146 LYS LYS C . n 
C 3 9  HIS 9  147 147 HIS HIS C . n 
C 3 10 GLU 10 148 148 GLU GLU C . n 
C 3 11 GLN 11 149 149 GLN GLN C . n 
C 3 12 GLU 12 150 150 GLU GLU C . n 
C 3 13 GLN 13 151 151 GLN GLN C . n 
C 3 14 ILE 14 152 152 ILE ILE C . n 
C 3 15 SER 15 153 153 SER SER C . n 
C 3 16 ARG 16 154 154 ARG ARG C . n 
C 3 17 LEU 17 155 155 LEU LEU C . n 
C 3 18 LEU 18 156 156 LEU LEU C . n 
C 3 19 GLU 19 157 157 GLU GLU C . n 
C 3 20 LYS 20 158 158 LYS LYS C . n 
C 3 21 GLY 21 159 159 GLY GLY C . n 
C 3 22 HIS 22 160 160 HIS HIS C . n 
C 3 23 PRO 23 161 161 PRO PRO C . n 
C 3 24 ARG 24 162 162 ARG ARG C . n 
C 3 25 GLN 25 163 163 GLN GLN C . n 
C 3 26 GLN 26 164 164 GLN GLN C . n 
C 3 27 LEU 27 165 165 LEU LEU C . n 
C 3 28 ALA 28 166 166 ALA ALA C . n 
C 3 29 ILE 29 167 167 ILE ILE C . n 
C 3 30 ILE 30 168 168 ILE ILE C . n 
C 3 31 PHE 31 169 169 PHE PHE C . n 
C 3 32 GLY 32 170 170 GLY GLY C . n 
C 3 33 ILE 33 171 171 ILE ILE C . n 
C 3 34 GLY 34 172 172 GLY GLY C . n 
C 3 35 VAL 35 173 173 VAL VAL C . n 
C 3 36 SER 36 174 174 SER SER C . n 
C 3 37 THR 37 175 175 THR THR C . n 
C 3 38 LEU 38 176 176 LEU LEU C . n 
C 3 39 TYR 39 177 177 TYR TYR C . n 
C 3 40 ARG 40 178 178 ARG ARG C . n 
C 3 41 TYR 41 179 179 TYR TYR C . n 
C 3 42 PHE 42 180 180 PHE PHE C . n 
C 3 43 PRO 43 181 181 PRO PRO C . n 
C 3 44 ALA 44 182 182 ALA ALA C . n 
C 3 45 SER 45 183 183 SER SER C . n 
C 3 46 SER 46 184 184 SER SER C . n 
C 3 47 ILE 47 185 ?   ?   ?   C . n 
C 3 48 LYS 48 186 ?   ?   ?   C . n 
C 3 49 LYS 49 187 ?   ?   ?   C . n 
C 3 50 ARG 50 188 ?   ?   ?   C . n 
C 3 51 MET 51 189 ?   ?   ?   C . n 
C 3 52 ASN 52 190 ?   ?   ?   C . n 
# 
loop_
_pdbx_nonpoly_scheme.asym_id 
_pdbx_nonpoly_scheme.entity_id 
_pdbx_nonpoly_scheme.mon_id 
_pdbx_nonpoly_scheme.ndb_seq_num 
_pdbx_nonpoly_scheme.pdb_seq_num 
_pdbx_nonpoly_scheme.auth_seq_num 
_pdbx_nonpoly_scheme.pdb_mon_id 
_pdbx_nonpoly_scheme.auth_mon_id 
_pdbx_nonpoly_scheme.pdb_strand_id 
_pdbx_nonpoly_scheme.pdb_ins_code 
D 4 TRS 1 204 204 TRS TRS A . 
E 5 HOH 1 202 202 HOH HOH A . 
E 5 HOH 2 203 203 HOH HOH A . 
E 5 HOH 3 206 206 HOH HOH A . 
E 5 HOH 4 207 207 HOH HOH A . 
E 5 HOH 5 209 209 HOH HOH A . 
E 5 HOH 6 210 210 HOH HOH A . 
F 5 HOH 1 201 201 HOH HOH B . 
F 5 HOH 2 208 208 HOH HOH B . 
F 5 HOH 3 211 211 HOH HOH B . 
G 5 HOH 1 205 205 HOH HOH C . 
G 5 HOH 2 212 212 HOH HOH C . 
G 5 HOH 3 213 213 HOH HOH C . 
G 5 HOH 4 214 214 HOH HOH C . 
# 
_pdbx_struct_assembly.id                   1 
_pdbx_struct_assembly.details              author_defined_assembly 
_pdbx_struct_assembly.method_details       ? 
_pdbx_struct_assembly.oligomeric_details   trimeric 
_pdbx_struct_assembly.oligomeric_count     3 
# 
_pdbx_struct_assembly_gen.assembly_id       1 
_pdbx_struct_assembly_gen.oper_expression   1 
_pdbx_struct_assembly_gen.asym_id_list      A,B,C,D,E,F,G 
# 
_pdbx_struct_oper_list.id                   1 
_pdbx_struct_oper_list.type                 'identity operation' 
_pdbx_struct_oper_list.name                 1_555 
_pdbx_struct_oper_list.symmetry_operation   x,y,z 
_pdbx_struct_oper_list.matrix[1][1]         1.0000000000 
_pdbx_struct_oper_list.matrix[1][2]         0.0000000000 
_pdbx_struct_oper_list.matrix[1][3]         0.0000000000 
_pdbx_struct_oper_list.vector[1]            0.0000000000 
_pdbx_struct_oper_list.matrix[2][1]         0.0000000000 
_pdbx_struct_oper_list.matrix[2][2]         1.0000000000 
_pdbx_struct_oper_list.matrix[2][3]         0.0000000000 
_pdbx_struct_oper_list.vector[2]            0.0000000000 
_pdbx_struct_oper_list.matrix[3][1]         0.0000000000 
_pdbx_struct_oper_list.matrix[3][2]         0.0000000000 
_pdbx_struct_oper_list.matrix[3][3]         1.0000000000 
_pdbx_struct_oper_list.vector[3]            0.0000000000 
# 
loop_
_pdbx_audit_revision_history.ordinal 
_pdbx_audit_revision_history.data_content_type 
_pdbx_audit_revision_history.major_revision 
_pdbx_audit_revision_history.minor_revision 
_pdbx_audit_revision_history.revision_date 
1 'Structure model' 1 0 2002-02-22 
2 'Structure model' 1 1 2008-04-27 
3 'Structure model' 1 2 2011-07-13 
4 'Structure model' 1 3 2023-08-16 
# 
_pdbx_audit_revision_details.ordinal             1 
_pdbx_audit_revision_details.revision_ordinal    1 
_pdbx_audit_revision_details.data_content_type   'Structure model' 
_pdbx_audit_revision_details.provider            repository 
_pdbx_audit_revision_details.type                'Initial release' 
_pdbx_audit_revision_details.description         ? 
_pdbx_audit_revision_details.details             ? 
# 
loop_
_pdbx_audit_revision_group.ordinal 
_pdbx_audit_revision_group.revision_ordinal 
_pdbx_audit_revision_group.data_content_type 
_pdbx_audit_revision_group.group 
1 2 'Structure model' 'Version format compliance' 
2 3 'Structure model' 'Version format compliance' 
3 4 'Structure model' 'Data collection'           
4 4 'Structure model' 'Database references'       
5 4 'Structure model' 'Derived calculations'      
6 4 'Structure model' 'Refinement description'    
# 
loop_
_pdbx_audit_revision_category.ordinal 
_pdbx_audit_revision_category.revision_ordinal 
_pdbx_audit_revision_category.data_content_type 
_pdbx_audit_revision_category.category 
1 4 'Structure model' chem_comp_atom                
2 4 'Structure model' chem_comp_bond                
3 4 'Structure model' database_2                    
4 4 'Structure model' pdbx_initial_refinement_model 
5 4 'Structure model' struct_site                   
# 
loop_
_pdbx_audit_revision_item.ordinal 
_pdbx_audit_revision_item.revision_ordinal 
_pdbx_audit_revision_item.data_content_type 
_pdbx_audit_revision_item.item 
1 4 'Structure model' '_database_2.pdbx_DOI'                
2 4 'Structure model' '_database_2.pdbx_database_accession' 
3 4 'Structure model' '_struct_site.pdbx_auth_asym_id'      
4 4 'Structure model' '_struct_site.pdbx_auth_comp_id'      
5 4 'Structure model' '_struct_site.pdbx_auth_seq_id'       
# 
loop_
_software.name 
_software.classification 
_software.version 
_software.citation_id 
_software.pdbx_ordinal 
CNS       refinement       . ? 1 
DENZO     'data reduction' . ? 2 
SCALEPACK 'data scaling'   . ? 3 
CNS       phasing          . ? 4 
# 
loop_
_pdbx_validate_torsion.id 
_pdbx_validate_torsion.PDB_model_num 
_pdbx_validate_torsion.auth_comp_id 
_pdbx_validate_torsion.auth_asym_id 
_pdbx_validate_torsion.auth_seq_id 
_pdbx_validate_torsion.PDB_ins_code 
_pdbx_validate_torsion.label_alt_id 
_pdbx_validate_torsion.phi 
_pdbx_validate_torsion.psi 
1 1 PRO C 181 ? ? -46.91 153.76 
2 1 SER C 183 ? ? -96.57 34.11  
# 
loop_
_pdbx_validate_planes.id 
_pdbx_validate_planes.PDB_model_num 
_pdbx_validate_planes.auth_comp_id 
_pdbx_validate_planes.auth_asym_id 
_pdbx_validate_planes.auth_seq_id 
_pdbx_validate_planes.PDB_ins_code 
_pdbx_validate_planes.label_alt_id 
_pdbx_validate_planes.rmsd 
_pdbx_validate_planes.type 
1 1 DA A 15 ? ? 0.072 'SIDE CHAIN' 
2 1 DA B 27 ? ? 0.055 'SIDE CHAIN' 
3 1 DA B 28 ? ? 0.067 'SIDE CHAIN' 
# 
loop_
_pdbx_unobs_or_zero_occ_atoms.id 
_pdbx_unobs_or_zero_occ_atoms.PDB_model_num 
_pdbx_unobs_or_zero_occ_atoms.polymer_flag 
_pdbx_unobs_or_zero_occ_atoms.occupancy_flag 
_pdbx_unobs_or_zero_occ_atoms.auth_asym_id 
_pdbx_unobs_or_zero_occ_atoms.auth_comp_id 
_pdbx_unobs_or_zero_occ_atoms.auth_seq_id 
_pdbx_unobs_or_zero_occ_atoms.PDB_ins_code 
_pdbx_unobs_or_zero_occ_atoms.auth_atom_id 
_pdbx_unobs_or_zero_occ_atoms.label_alt_id 
_pdbx_unobs_or_zero_occ_atoms.label_asym_id 
_pdbx_unobs_or_zero_occ_atoms.label_comp_id 
_pdbx_unobs_or_zero_occ_atoms.label_seq_id 
_pdbx_unobs_or_zero_occ_atoms.label_atom_id 
1  1 Y 1 C LYS 146 ? CG  ? C LYS 8  CG  
2  1 Y 1 C LYS 146 ? CD  ? C LYS 8  CD  
3  1 Y 1 C LYS 146 ? CE  ? C LYS 8  CE  
4  1 Y 1 C LYS 146 ? NZ  ? C LYS 8  NZ  
5  1 Y 1 C HIS 147 ? CB  ? C HIS 9  CB  
6  1 Y 1 C HIS 147 ? CG  ? C HIS 9  CG  
7  1 Y 1 C HIS 147 ? ND1 ? C HIS 9  ND1 
8  1 Y 1 C HIS 147 ? CD2 ? C HIS 9  CD2 
9  1 Y 1 C HIS 147 ? CE1 ? C HIS 9  CE1 
10 1 Y 1 C HIS 147 ? NE2 ? C HIS 9  NE2 
11 1 Y 1 C GLU 148 ? CG  ? C GLU 10 CG  
12 1 Y 1 C GLU 148 ? CD  ? C GLU 10 CD  
13 1 Y 1 C GLU 148 ? OE1 ? C GLU 10 OE1 
14 1 Y 1 C GLU 148 ? OE2 ? C GLU 10 OE2 
15 1 Y 1 C GLN 149 ? CB  ? C GLN 11 CB  
16 1 Y 1 C GLN 149 ? CG  ? C GLN 11 CG  
17 1 Y 1 C GLN 149 ? CD  ? C GLN 11 CD  
18 1 Y 1 C GLN 149 ? OE1 ? C GLN 11 OE1 
19 1 Y 1 C GLN 149 ? NE2 ? C GLN 11 NE2 
20 1 Y 1 C GLU 150 ? CB  ? C GLU 12 CB  
21 1 Y 1 C GLU 150 ? CG  ? C GLU 12 CG  
22 1 Y 1 C GLU 150 ? CD  ? C GLU 12 CD  
23 1 Y 1 C GLU 150 ? OE1 ? C GLU 12 OE1 
24 1 Y 1 C GLU 150 ? OE2 ? C GLU 12 OE2 
25 1 Y 1 C ARG 154 ? CB  ? C ARG 16 CB  
26 1 Y 1 C ARG 154 ? CG  ? C ARG 16 CG  
27 1 Y 1 C ARG 154 ? CD  ? C ARG 16 CD  
28 1 Y 1 C ARG 154 ? NE  ? C ARG 16 NE  
29 1 Y 1 C ARG 154 ? CZ  ? C ARG 16 CZ  
30 1 Y 1 C ARG 154 ? NH1 ? C ARG 16 NH1 
31 1 Y 1 C ARG 154 ? NH2 ? C ARG 16 NH2 
32 1 Y 1 C GLU 157 ? CB  ? C GLU 19 CB  
33 1 Y 1 C GLU 157 ? CG  ? C GLU 19 CG  
34 1 Y 1 C GLU 157 ? CD  ? C GLU 19 CD  
35 1 Y 1 C GLU 157 ? OE1 ? C GLU 19 OE1 
36 1 Y 1 C GLU 157 ? OE2 ? C GLU 19 OE2 
37 1 Y 1 C LYS 158 ? CG  ? C LYS 20 CG  
38 1 Y 1 C LYS 158 ? CD  ? C LYS 20 CD  
39 1 Y 1 C LYS 158 ? CE  ? C LYS 20 CE  
40 1 Y 1 C LYS 158 ? NZ  ? C LYS 20 NZ  
41 1 Y 1 C GLN 163 ? CG  ? C GLN 25 CG  
42 1 Y 1 C GLN 163 ? CD  ? C GLN 25 CD  
43 1 Y 1 C GLN 163 ? OE1 ? C GLN 25 OE1 
44 1 Y 1 C GLN 163 ? NE2 ? C GLN 25 NE2 
45 1 Y 1 C GLN 164 ? CB  ? C GLN 26 CB  
46 1 Y 1 C GLN 164 ? CG  ? C GLN 26 CG  
47 1 Y 1 C GLN 164 ? CD  ? C GLN 26 CD  
48 1 Y 1 C GLN 164 ? OE1 ? C GLN 26 OE1 
49 1 Y 1 C GLN 164 ? NE2 ? C GLN 26 NE2 
# 
loop_
_pdbx_unobs_or_zero_occ_residues.id 
_pdbx_unobs_or_zero_occ_residues.PDB_model_num 
_pdbx_unobs_or_zero_occ_residues.polymer_flag 
_pdbx_unobs_or_zero_occ_residues.occupancy_flag 
_pdbx_unobs_or_zero_occ_residues.auth_asym_id 
_pdbx_unobs_or_zero_occ_residues.auth_comp_id 
_pdbx_unobs_or_zero_occ_residues.auth_seq_id 
_pdbx_unobs_or_zero_occ_residues.PDB_ins_code 
_pdbx_unobs_or_zero_occ_residues.label_asym_id 
_pdbx_unobs_or_zero_occ_residues.label_comp_id 
_pdbx_unobs_or_zero_occ_residues.label_seq_id 
1 1 Y 1 C ILE 185 ? C ILE 47 
2 1 Y 1 C LYS 186 ? C LYS 48 
3 1 Y 1 C LYS 187 ? C LYS 49 
4 1 Y 1 C ARG 188 ? C ARG 50 
5 1 Y 1 C MET 189 ? C MET 51 
6 1 Y 1 C ASN 190 ? C ASN 52 
# 
loop_
_chem_comp_atom.comp_id 
_chem_comp_atom.atom_id 
_chem_comp_atom.type_symbol 
_chem_comp_atom.pdbx_aromatic_flag 
_chem_comp_atom.pdbx_stereo_config 
_chem_comp_atom.pdbx_ordinal 
ALA N      N N N 1   
ALA CA     C N S 2   
ALA C      C N N 3   
ALA O      O N N 4   
ALA CB     C N N 5   
ALA OXT    O N N 6   
ALA H      H N N 7   
ALA H2     H N N 8   
ALA HA     H N N 9   
ALA HB1    H N N 10  
ALA HB2    H N N 11  
ALA HB3    H N N 12  
ALA HXT    H N N 13  
ARG N      N N N 14  
ARG CA     C N S 15  
ARG C      C N N 16  
ARG O      O N N 17  
ARG CB     C N N 18  
ARG CG     C N N 19  
ARG CD     C N N 20  
ARG NE     N N N 21  
ARG CZ     C N N 22  
ARG NH1    N N N 23  
ARG NH2    N N N 24  
ARG OXT    O N N 25  
ARG H      H N N 26  
ARG H2     H N N 27  
ARG HA     H N N 28  
ARG HB2    H N N 29  
ARG HB3    H N N 30  
ARG HG2    H N N 31  
ARG HG3    H N N 32  
ARG HD2    H N N 33  
ARG HD3    H N N 34  
ARG HE     H N N 35  
ARG HH11   H N N 36  
ARG HH12   H N N 37  
ARG HH21   H N N 38  
ARG HH22   H N N 39  
ARG HXT    H N N 40  
ASN N      N N N 41  
ASN CA     C N S 42  
ASN C      C N N 43  
ASN O      O N N 44  
ASN CB     C N N 45  
ASN CG     C N N 46  
ASN OD1    O N N 47  
ASN ND2    N N N 48  
ASN OXT    O N N 49  
ASN H      H N N 50  
ASN H2     H N N 51  
ASN HA     H N N 52  
ASN HB2    H N N 53  
ASN HB3    H N N 54  
ASN HD21   H N N 55  
ASN HD22   H N N 56  
ASN HXT    H N N 57  
DA  OP3    O N N 58  
DA  P      P N N 59  
DA  OP1    O N N 60  
DA  OP2    O N N 61  
DA  "O5'"  O N N 62  
DA  "C5'"  C N N 63  
DA  "C4'"  C N R 64  
DA  "O4'"  O N N 65  
DA  "C3'"  C N S 66  
DA  "O3'"  O N N 67  
DA  "C2'"  C N N 68  
DA  "C1'"  C N R 69  
DA  N9     N Y N 70  
DA  C8     C Y N 71  
DA  N7     N Y N 72  
DA  C5     C Y N 73  
DA  C6     C Y N 74  
DA  N6     N N N 75  
DA  N1     N Y N 76  
DA  C2     C Y N 77  
DA  N3     N Y N 78  
DA  C4     C Y N 79  
DA  HOP3   H N N 80  
DA  HOP2   H N N 81  
DA  "H5'"  H N N 82  
DA  "H5''" H N N 83  
DA  "H4'"  H N N 84  
DA  "H3'"  H N N 85  
DA  "HO3'" H N N 86  
DA  "H2'"  H N N 87  
DA  "H2''" H N N 88  
DA  "H1'"  H N N 89  
DA  H8     H N N 90  
DA  H61    H N N 91  
DA  H62    H N N 92  
DA  H2     H N N 93  
DC  OP3    O N N 94  
DC  P      P N N 95  
DC  OP1    O N N 96  
DC  OP2    O N N 97  
DC  "O5'"  O N N 98  
DC  "C5'"  C N N 99  
DC  "C4'"  C N R 100 
DC  "O4'"  O N N 101 
DC  "C3'"  C N S 102 
DC  "O3'"  O N N 103 
DC  "C2'"  C N N 104 
DC  "C1'"  C N R 105 
DC  N1     N N N 106 
DC  C2     C N N 107 
DC  O2     O N N 108 
DC  N3     N N N 109 
DC  C4     C N N 110 
DC  N4     N N N 111 
DC  C5     C N N 112 
DC  C6     C N N 113 
DC  HOP3   H N N 114 
DC  HOP2   H N N 115 
DC  "H5'"  H N N 116 
DC  "H5''" H N N 117 
DC  "H4'"  H N N 118 
DC  "H3'"  H N N 119 
DC  "HO3'" H N N 120 
DC  "H2'"  H N N 121 
DC  "H2''" H N N 122 
DC  "H1'"  H N N 123 
DC  H41    H N N 124 
DC  H42    H N N 125 
DC  H5     H N N 126 
DC  H6     H N N 127 
DG  OP3    O N N 128 
DG  P      P N N 129 
DG  OP1    O N N 130 
DG  OP2    O N N 131 
DG  "O5'"  O N N 132 
DG  "C5'"  C N N 133 
DG  "C4'"  C N R 134 
DG  "O4'"  O N N 135 
DG  "C3'"  C N S 136 
DG  "O3'"  O N N 137 
DG  "C2'"  C N N 138 
DG  "C1'"  C N R 139 
DG  N9     N Y N 140 
DG  C8     C Y N 141 
DG  N7     N Y N 142 
DG  C5     C Y N 143 
DG  C6     C N N 144 
DG  O6     O N N 145 
DG  N1     N N N 146 
DG  C2     C N N 147 
DG  N2     N N N 148 
DG  N3     N N N 149 
DG  C4     C Y N 150 
DG  HOP3   H N N 151 
DG  HOP2   H N N 152 
DG  "H5'"  H N N 153 
DG  "H5''" H N N 154 
DG  "H4'"  H N N 155 
DG  "H3'"  H N N 156 
DG  "HO3'" H N N 157 
DG  "H2'"  H N N 158 
DG  "H2''" H N N 159 
DG  "H1'"  H N N 160 
DG  H8     H N N 161 
DG  H1     H N N 162 
DG  H21    H N N 163 
DG  H22    H N N 164 
DT  OP3    O N N 165 
DT  P      P N N 166 
DT  OP1    O N N 167 
DT  OP2    O N N 168 
DT  "O5'"  O N N 169 
DT  "C5'"  C N N 170 
DT  "C4'"  C N R 171 
DT  "O4'"  O N N 172 
DT  "C3'"  C N S 173 
DT  "O3'"  O N N 174 
DT  "C2'"  C N N 175 
DT  "C1'"  C N R 176 
DT  N1     N N N 177 
DT  C2     C N N 178 
DT  O2     O N N 179 
DT  N3     N N N 180 
DT  C4     C N N 181 
DT  O4     O N N 182 
DT  C5     C N N 183 
DT  C7     C N N 184 
DT  C6     C N N 185 
DT  HOP3   H N N 186 
DT  HOP2   H N N 187 
DT  "H5'"  H N N 188 
DT  "H5''" H N N 189 
DT  "H4'"  H N N 190 
DT  "H3'"  H N N 191 
DT  "HO3'" H N N 192 
DT  "H2'"  H N N 193 
DT  "H2''" H N N 194 
DT  "H1'"  H N N 195 
DT  H3     H N N 196 
DT  H71    H N N 197 
DT  H72    H N N 198 
DT  H73    H N N 199 
DT  H6     H N N 200 
GLN N      N N N 201 
GLN CA     C N S 202 
GLN C      C N N 203 
GLN O      O N N 204 
GLN CB     C N N 205 
GLN CG     C N N 206 
GLN CD     C N N 207 
GLN OE1    O N N 208 
GLN NE2    N N N 209 
GLN OXT    O N N 210 
GLN H      H N N 211 
GLN H2     H N N 212 
GLN HA     H N N 213 
GLN HB2    H N N 214 
GLN HB3    H N N 215 
GLN HG2    H N N 216 
GLN HG3    H N N 217 
GLN HE21   H N N 218 
GLN HE22   H N N 219 
GLN HXT    H N N 220 
GLU N      N N N 221 
GLU CA     C N S 222 
GLU C      C N N 223 
GLU O      O N N 224 
GLU CB     C N N 225 
GLU CG     C N N 226 
GLU CD     C N N 227 
GLU OE1    O N N 228 
GLU OE2    O N N 229 
GLU OXT    O N N 230 
GLU H      H N N 231 
GLU H2     H N N 232 
GLU HA     H N N 233 
GLU HB2    H N N 234 
GLU HB3    H N N 235 
GLU HG2    H N N 236 
GLU HG3    H N N 237 
GLU HE2    H N N 238 
GLU HXT    H N N 239 
GLY N      N N N 240 
GLY CA     C N N 241 
GLY C      C N N 242 
GLY O      O N N 243 
GLY OXT    O N N 244 
GLY H      H N N 245 
GLY H2     H N N 246 
GLY HA2    H N N 247 
GLY HA3    H N N 248 
GLY HXT    H N N 249 
HIS N      N N N 250 
HIS CA     C N S 251 
HIS C      C N N 252 
HIS O      O N N 253 
HIS CB     C N N 254 
HIS CG     C Y N 255 
HIS ND1    N Y N 256 
HIS CD2    C Y N 257 
HIS CE1    C Y N 258 
HIS NE2    N Y N 259 
HIS OXT    O N N 260 
HIS H      H N N 261 
HIS H2     H N N 262 
HIS HA     H N N 263 
HIS HB2    H N N 264 
HIS HB3    H N N 265 
HIS HD1    H N N 266 
HIS HD2    H N N 267 
HIS HE1    H N N 268 
HIS HE2    H N N 269 
HIS HXT    H N N 270 
HOH O      O N N 271 
HOH H1     H N N 272 
HOH H2     H N N 273 
ILE N      N N N 274 
ILE CA     C N S 275 
ILE C      C N N 276 
ILE O      O N N 277 
ILE CB     C N S 278 
ILE CG1    C N N 279 
ILE CG2    C N N 280 
ILE CD1    C N N 281 
ILE OXT    O N N 282 
ILE H      H N N 283 
ILE H2     H N N 284 
ILE HA     H N N 285 
ILE HB     H N N 286 
ILE HG12   H N N 287 
ILE HG13   H N N 288 
ILE HG21   H N N 289 
ILE HG22   H N N 290 
ILE HG23   H N N 291 
ILE HD11   H N N 292 
ILE HD12   H N N 293 
ILE HD13   H N N 294 
ILE HXT    H N N 295 
LEU N      N N N 296 
LEU CA     C N S 297 
LEU C      C N N 298 
LEU O      O N N 299 
LEU CB     C N N 300 
LEU CG     C N N 301 
LEU CD1    C N N 302 
LEU CD2    C N N 303 
LEU OXT    O N N 304 
LEU H      H N N 305 
LEU H2     H N N 306 
LEU HA     H N N 307 
LEU HB2    H N N 308 
LEU HB3    H N N 309 
LEU HG     H N N 310 
LEU HD11   H N N 311 
LEU HD12   H N N 312 
LEU HD13   H N N 313 
LEU HD21   H N N 314 
LEU HD22   H N N 315 
LEU HD23   H N N 316 
LEU HXT    H N N 317 
LYS N      N N N 318 
LYS CA     C N S 319 
LYS C      C N N 320 
LYS O      O N N 321 
LYS CB     C N N 322 
LYS CG     C N N 323 
LYS CD     C N N 324 
LYS CE     C N N 325 
LYS NZ     N N N 326 
LYS OXT    O N N 327 
LYS H      H N N 328 
LYS H2     H N N 329 
LYS HA     H N N 330 
LYS HB2    H N N 331 
LYS HB3    H N N 332 
LYS HG2    H N N 333 
LYS HG3    H N N 334 
LYS HD2    H N N 335 
LYS HD3    H N N 336 
LYS HE2    H N N 337 
LYS HE3    H N N 338 
LYS HZ1    H N N 339 
LYS HZ2    H N N 340 
LYS HZ3    H N N 341 
LYS HXT    H N N 342 
MET N      N N N 343 
MET CA     C N S 344 
MET C      C N N 345 
MET O      O N N 346 
MET CB     C N N 347 
MET CG     C N N 348 
MET SD     S N N 349 
MET CE     C N N 350 
MET OXT    O N N 351 
MET H      H N N 352 
MET H2     H N N 353 
MET HA     H N N 354 
MET HB2    H N N 355 
MET HB3    H N N 356 
MET HG2    H N N 357 
MET HG3    H N N 358 
MET HE1    H N N 359 
MET HE2    H N N 360 
MET HE3    H N N 361 
MET HXT    H N N 362 
PHE N      N N N 363 
PHE CA     C N S 364 
PHE C      C N N 365 
PHE O      O N N 366 
PHE CB     C N N 367 
PHE CG     C Y N 368 
PHE CD1    C Y N 369 
PHE CD2    C Y N 370 
PHE CE1    C Y N 371 
PHE CE2    C Y N 372 
PHE CZ     C Y N 373 
PHE OXT    O N N 374 
PHE H      H N N 375 
PHE H2     H N N 376 
PHE HA     H N N 377 
PHE HB2    H N N 378 
PHE HB3    H N N 379 
PHE HD1    H N N 380 
PHE HD2    H N N 381 
PHE HE1    H N N 382 
PHE HE2    H N N 383 
PHE HZ     H N N 384 
PHE HXT    H N N 385 
PRO N      N N N 386 
PRO CA     C N S 387 
PRO C      C N N 388 
PRO O      O N N 389 
PRO CB     C N N 390 
PRO CG     C N N 391 
PRO CD     C N N 392 
PRO OXT    O N N 393 
PRO H      H N N 394 
PRO HA     H N N 395 
PRO HB2    H N N 396 
PRO HB3    H N N 397 
PRO HG2    H N N 398 
PRO HG3    H N N 399 
PRO HD2    H N N 400 
PRO HD3    H N N 401 
PRO HXT    H N N 402 
SER N      N N N 403 
SER CA     C N S 404 
SER C      C N N 405 
SER O      O N N 406 
SER CB     C N N 407 
SER OG     O N N 408 
SER OXT    O N N 409 
SER H      H N N 410 
SER H2     H N N 411 
SER HA     H N N 412 
SER HB2    H N N 413 
SER HB3    H N N 414 
SER HG     H N N 415 
SER HXT    H N N 416 
THR N      N N N 417 
THR CA     C N S 418 
THR C      C N N 419 
THR O      O N N 420 
THR CB     C N R 421 
THR OG1    O N N 422 
THR CG2    C N N 423 
THR OXT    O N N 424 
THR H      H N N 425 
THR H2     H N N 426 
THR HA     H N N 427 
THR HB     H N N 428 
THR HG1    H N N 429 
THR HG21   H N N 430 
THR HG22   H N N 431 
THR HG23   H N N 432 
THR HXT    H N N 433 
TRS C      C N N 434 
TRS C1     C N N 435 
TRS C2     C N N 436 
TRS C3     C N N 437 
TRS N      N N N 438 
TRS O1     O N N 439 
TRS O2     O N N 440 
TRS O3     O N N 441 
TRS H11    H N N 442 
TRS H12    H N N 443 
TRS H21    H N N 444 
TRS H22    H N N 445 
TRS H31    H N N 446 
TRS H32    H N N 447 
TRS HN1    H N N 448 
TRS HN2    H N N 449 
TRS HN3    H N N 450 
TRS HO1    H N N 451 
TRS HO2    H N N 452 
TRS HO3    H N N 453 
TYR N      N N N 454 
TYR CA     C N S 455 
TYR C      C N N 456 
TYR O      O N N 457 
TYR CB     C N N 458 
TYR CG     C Y N 459 
TYR CD1    C Y N 460 
TYR CD2    C Y N 461 
TYR CE1    C Y N 462 
TYR CE2    C Y N 463 
TYR CZ     C Y N 464 
TYR OH     O N N 465 
TYR OXT    O N N 466 
TYR H      H N N 467 
TYR H2     H N N 468 
TYR HA     H N N 469 
TYR HB2    H N N 470 
TYR HB3    H N N 471 
TYR HD1    H N N 472 
TYR HD2    H N N 473 
TYR HE1    H N N 474 
TYR HE2    H N N 475 
TYR HH     H N N 476 
TYR HXT    H N N 477 
VAL N      N N N 478 
VAL CA     C N S 479 
VAL C      C N N 480 
VAL O      O N N 481 
VAL CB     C N N 482 
VAL CG1    C N N 483 
VAL CG2    C N N 484 
VAL OXT    O N N 485 
VAL H      H N N 486 
VAL H2     H N N 487 
VAL HA     H N N 488 
VAL HB     H N N 489 
VAL HG11   H N N 490 
VAL HG12   H N N 491 
VAL HG13   H N N 492 
VAL HG21   H N N 493 
VAL HG22   H N N 494 
VAL HG23   H N N 495 
VAL HXT    H N N 496 
# 
loop_
_chem_comp_bond.comp_id 
_chem_comp_bond.atom_id_1 
_chem_comp_bond.atom_id_2 
_chem_comp_bond.value_order 
_chem_comp_bond.pdbx_aromatic_flag 
_chem_comp_bond.pdbx_stereo_config 
_chem_comp_bond.pdbx_ordinal 
ALA N     CA     sing N N 1   
ALA N     H      sing N N 2   
ALA N     H2     sing N N 3   
ALA CA    C      sing N N 4   
ALA CA    CB     sing N N 5   
ALA CA    HA     sing N N 6   
ALA C     O      doub N N 7   
ALA C     OXT    sing N N 8   
ALA CB    HB1    sing N N 9   
ALA CB    HB2    sing N N 10  
ALA CB    HB3    sing N N 11  
ALA OXT   HXT    sing N N 12  
ARG N     CA     sing N N 13  
ARG N     H      sing N N 14  
ARG N     H2     sing N N 15  
ARG CA    C      sing N N 16  
ARG CA    CB     sing N N 17  
ARG CA    HA     sing N N 18  
ARG C     O      doub N N 19  
ARG C     OXT    sing N N 20  
ARG CB    CG     sing N N 21  
ARG CB    HB2    sing N N 22  
ARG CB    HB3    sing N N 23  
ARG CG    CD     sing N N 24  
ARG CG    HG2    sing N N 25  
ARG CG    HG3    sing N N 26  
ARG CD    NE     sing N N 27  
ARG CD    HD2    sing N N 28  
ARG CD    HD3    sing N N 29  
ARG NE    CZ     sing N N 30  
ARG NE    HE     sing N N 31  
ARG CZ    NH1    sing N N 32  
ARG CZ    NH2    doub N N 33  
ARG NH1   HH11   sing N N 34  
ARG NH1   HH12   sing N N 35  
ARG NH2   HH21   sing N N 36  
ARG NH2   HH22   sing N N 37  
ARG OXT   HXT    sing N N 38  
ASN N     CA     sing N N 39  
ASN N     H      sing N N 40  
ASN N     H2     sing N N 41  
ASN CA    C      sing N N 42  
ASN CA    CB     sing N N 43  
ASN CA    HA     sing N N 44  
ASN C     O      doub N N 45  
ASN C     OXT    sing N N 46  
ASN CB    CG     sing N N 47  
ASN CB    HB2    sing N N 48  
ASN CB    HB3    sing N N 49  
ASN CG    OD1    doub N N 50  
ASN CG    ND2    sing N N 51  
ASN ND2   HD21   sing N N 52  
ASN ND2   HD22   sing N N 53  
ASN OXT   HXT    sing N N 54  
DA  OP3   P      sing N N 55  
DA  OP3   HOP3   sing N N 56  
DA  P     OP1    doub N N 57  
DA  P     OP2    sing N N 58  
DA  P     "O5'"  sing N N 59  
DA  OP2   HOP2   sing N N 60  
DA  "O5'" "C5'"  sing N N 61  
DA  "C5'" "C4'"  sing N N 62  
DA  "C5'" "H5'"  sing N N 63  
DA  "C5'" "H5''" sing N N 64  
DA  "C4'" "O4'"  sing N N 65  
DA  "C4'" "C3'"  sing N N 66  
DA  "C4'" "H4'"  sing N N 67  
DA  "O4'" "C1'"  sing N N 68  
DA  "C3'" "O3'"  sing N N 69  
DA  "C3'" "C2'"  sing N N 70  
DA  "C3'" "H3'"  sing N N 71  
DA  "O3'" "HO3'" sing N N 72  
DA  "C2'" "C1'"  sing N N 73  
DA  "C2'" "H2'"  sing N N 74  
DA  "C2'" "H2''" sing N N 75  
DA  "C1'" N9     sing N N 76  
DA  "C1'" "H1'"  sing N N 77  
DA  N9    C8     sing Y N 78  
DA  N9    C4     sing Y N 79  
DA  C8    N7     doub Y N 80  
DA  C8    H8     sing N N 81  
DA  N7    C5     sing Y N 82  
DA  C5    C6     sing Y N 83  
DA  C5    C4     doub Y N 84  
DA  C6    N6     sing N N 85  
DA  C6    N1     doub Y N 86  
DA  N6    H61    sing N N 87  
DA  N6    H62    sing N N 88  
DA  N1    C2     sing Y N 89  
DA  C2    N3     doub Y N 90  
DA  C2    H2     sing N N 91  
DA  N3    C4     sing Y N 92  
DC  OP3   P      sing N N 93  
DC  OP3   HOP3   sing N N 94  
DC  P     OP1    doub N N 95  
DC  P     OP2    sing N N 96  
DC  P     "O5'"  sing N N 97  
DC  OP2   HOP2   sing N N 98  
DC  "O5'" "C5'"  sing N N 99  
DC  "C5'" "C4'"  sing N N 100 
DC  "C5'" "H5'"  sing N N 101 
DC  "C5'" "H5''" sing N N 102 
DC  "C4'" "O4'"  sing N N 103 
DC  "C4'" "C3'"  sing N N 104 
DC  "C4'" "H4'"  sing N N 105 
DC  "O4'" "C1'"  sing N N 106 
DC  "C3'" "O3'"  sing N N 107 
DC  "C3'" "C2'"  sing N N 108 
DC  "C3'" "H3'"  sing N N 109 
DC  "O3'" "HO3'" sing N N 110 
DC  "C2'" "C1'"  sing N N 111 
DC  "C2'" "H2'"  sing N N 112 
DC  "C2'" "H2''" sing N N 113 
DC  "C1'" N1     sing N N 114 
DC  "C1'" "H1'"  sing N N 115 
DC  N1    C2     sing N N 116 
DC  N1    C6     sing N N 117 
DC  C2    O2     doub N N 118 
DC  C2    N3     sing N N 119 
DC  N3    C4     doub N N 120 
DC  C4    N4     sing N N 121 
DC  C4    C5     sing N N 122 
DC  N4    H41    sing N N 123 
DC  N4    H42    sing N N 124 
DC  C5    C6     doub N N 125 
DC  C5    H5     sing N N 126 
DC  C6    H6     sing N N 127 
DG  OP3   P      sing N N 128 
DG  OP3   HOP3   sing N N 129 
DG  P     OP1    doub N N 130 
DG  P     OP2    sing N N 131 
DG  P     "O5'"  sing N N 132 
DG  OP2   HOP2   sing N N 133 
DG  "O5'" "C5'"  sing N N 134 
DG  "C5'" "C4'"  sing N N 135 
DG  "C5'" "H5'"  sing N N 136 
DG  "C5'" "H5''" sing N N 137 
DG  "C4'" "O4'"  sing N N 138 
DG  "C4'" "C3'"  sing N N 139 
DG  "C4'" "H4'"  sing N N 140 
DG  "O4'" "C1'"  sing N N 141 
DG  "C3'" "O3'"  sing N N 142 
DG  "C3'" "C2'"  sing N N 143 
DG  "C3'" "H3'"  sing N N 144 
DG  "O3'" "HO3'" sing N N 145 
DG  "C2'" "C1'"  sing N N 146 
DG  "C2'" "H2'"  sing N N 147 
DG  "C2'" "H2''" sing N N 148 
DG  "C1'" N9     sing N N 149 
DG  "C1'" "H1'"  sing N N 150 
DG  N9    C8     sing Y N 151 
DG  N9    C4     sing Y N 152 
DG  C8    N7     doub Y N 153 
DG  C8    H8     sing N N 154 
DG  N7    C5     sing Y N 155 
DG  C5    C6     sing N N 156 
DG  C5    C4     doub Y N 157 
DG  C6    O6     doub N N 158 
DG  C6    N1     sing N N 159 
DG  N1    C2     sing N N 160 
DG  N1    H1     sing N N 161 
DG  C2    N2     sing N N 162 
DG  C2    N3     doub N N 163 
DG  N2    H21    sing N N 164 
DG  N2    H22    sing N N 165 
DG  N3    C4     sing N N 166 
DT  OP3   P      sing N N 167 
DT  OP3   HOP3   sing N N 168 
DT  P     OP1    doub N N 169 
DT  P     OP2    sing N N 170 
DT  P     "O5'"  sing N N 171 
DT  OP2   HOP2   sing N N 172 
DT  "O5'" "C5'"  sing N N 173 
DT  "C5'" "C4'"  sing N N 174 
DT  "C5'" "H5'"  sing N N 175 
DT  "C5'" "H5''" sing N N 176 
DT  "C4'" "O4'"  sing N N 177 
DT  "C4'" "C3'"  sing N N 178 
DT  "C4'" "H4'"  sing N N 179 
DT  "O4'" "C1'"  sing N N 180 
DT  "C3'" "O3'"  sing N N 181 
DT  "C3'" "C2'"  sing N N 182 
DT  "C3'" "H3'"  sing N N 183 
DT  "O3'" "HO3'" sing N N 184 
DT  "C2'" "C1'"  sing N N 185 
DT  "C2'" "H2'"  sing N N 186 
DT  "C2'" "H2''" sing N N 187 
DT  "C1'" N1     sing N N 188 
DT  "C1'" "H1'"  sing N N 189 
DT  N1    C2     sing N N 190 
DT  N1    C6     sing N N 191 
DT  C2    O2     doub N N 192 
DT  C2    N3     sing N N 193 
DT  N3    C4     sing N N 194 
DT  N3    H3     sing N N 195 
DT  C4    O4     doub N N 196 
DT  C4    C5     sing N N 197 
DT  C5    C7     sing N N 198 
DT  C5    C6     doub N N 199 
DT  C7    H71    sing N N 200 
DT  C7    H72    sing N N 201 
DT  C7    H73    sing N N 202 
DT  C6    H6     sing N N 203 
GLN N     CA     sing N N 204 
GLN N     H      sing N N 205 
GLN N     H2     sing N N 206 
GLN CA    C      sing N N 207 
GLN CA    CB     sing N N 208 
GLN CA    HA     sing N N 209 
GLN C     O      doub N N 210 
GLN C     OXT    sing N N 211 
GLN CB    CG     sing N N 212 
GLN CB    HB2    sing N N 213 
GLN CB    HB3    sing N N 214 
GLN CG    CD     sing N N 215 
GLN CG    HG2    sing N N 216 
GLN CG    HG3    sing N N 217 
GLN CD    OE1    doub N N 218 
GLN CD    NE2    sing N N 219 
GLN NE2   HE21   sing N N 220 
GLN NE2   HE22   sing N N 221 
GLN OXT   HXT    sing N N 222 
GLU N     CA     sing N N 223 
GLU N     H      sing N N 224 
GLU N     H2     sing N N 225 
GLU CA    C      sing N N 226 
GLU CA    CB     sing N N 227 
GLU CA    HA     sing N N 228 
GLU C     O      doub N N 229 
GLU C     OXT    sing N N 230 
GLU CB    CG     sing N N 231 
GLU CB    HB2    sing N N 232 
GLU CB    HB3    sing N N 233 
GLU CG    CD     sing N N 234 
GLU CG    HG2    sing N N 235 
GLU CG    HG3    sing N N 236 
GLU CD    OE1    doub N N 237 
GLU CD    OE2    sing N N 238 
GLU OE2   HE2    sing N N 239 
GLU OXT   HXT    sing N N 240 
GLY N     CA     sing N N 241 
GLY N     H      sing N N 242 
GLY N     H2     sing N N 243 
GLY CA    C      sing N N 244 
GLY CA    HA2    sing N N 245 
GLY CA    HA3    sing N N 246 
GLY C     O      doub N N 247 
GLY C     OXT    sing N N 248 
GLY OXT   HXT    sing N N 249 
HIS N     CA     sing N N 250 
HIS N     H      sing N N 251 
HIS N     H2     sing N N 252 
HIS CA    C      sing N N 253 
HIS CA    CB     sing N N 254 
HIS CA    HA     sing N N 255 
HIS C     O      doub N N 256 
HIS C     OXT    sing N N 257 
HIS CB    CG     sing N N 258 
HIS CB    HB2    sing N N 259 
HIS CB    HB3    sing N N 260 
HIS CG    ND1    sing Y N 261 
HIS CG    CD2    doub Y N 262 
HIS ND1   CE1    doub Y N 263 
HIS ND1   HD1    sing N N 264 
HIS CD2   NE2    sing Y N 265 
HIS CD2   HD2    sing N N 266 
HIS CE1   NE2    sing Y N 267 
HIS CE1   HE1    sing N N 268 
HIS NE2   HE2    sing N N 269 
HIS OXT   HXT    sing N N 270 
HOH O     H1     sing N N 271 
HOH O     H2     sing N N 272 
ILE N     CA     sing N N 273 
ILE N     H      sing N N 274 
ILE N     H2     sing N N 275 
ILE CA    C      sing N N 276 
ILE CA    CB     sing N N 277 
ILE CA    HA     sing N N 278 
ILE C     O      doub N N 279 
ILE C     OXT    sing N N 280 
ILE CB    CG1    sing N N 281 
ILE CB    CG2    sing N N 282 
ILE CB    HB     sing N N 283 
ILE CG1   CD1    sing N N 284 
ILE CG1   HG12   sing N N 285 
ILE CG1   HG13   sing N N 286 
ILE CG2   HG21   sing N N 287 
ILE CG2   HG22   sing N N 288 
ILE CG2   HG23   sing N N 289 
ILE CD1   HD11   sing N N 290 
ILE CD1   HD12   sing N N 291 
ILE CD1   HD13   sing N N 292 
ILE OXT   HXT    sing N N 293 
LEU N     CA     sing N N 294 
LEU N     H      sing N N 295 
LEU N     H2     sing N N 296 
LEU CA    C      sing N N 297 
LEU CA    CB     sing N N 298 
LEU CA    HA     sing N N 299 
LEU C     O      doub N N 300 
LEU C     OXT    sing N N 301 
LEU CB    CG     sing N N 302 
LEU CB    HB2    sing N N 303 
LEU CB    HB3    sing N N 304 
LEU CG    CD1    sing N N 305 
LEU CG    CD2    sing N N 306 
LEU CG    HG     sing N N 307 
LEU CD1   HD11   sing N N 308 
LEU CD1   HD12   sing N N 309 
LEU CD1   HD13   sing N N 310 
LEU CD2   HD21   sing N N 311 
LEU CD2   HD22   sing N N 312 
LEU CD2   HD23   sing N N 313 
LEU OXT   HXT    sing N N 314 
LYS N     CA     sing N N 315 
LYS N     H      sing N N 316 
LYS N     H2     sing N N 317 
LYS CA    C      sing N N 318 
LYS CA    CB     sing N N 319 
LYS CA    HA     sing N N 320 
LYS C     O      doub N N 321 
LYS C     OXT    sing N N 322 
LYS CB    CG     sing N N 323 
LYS CB    HB2    sing N N 324 
LYS CB    HB3    sing N N 325 
LYS CG    CD     sing N N 326 
LYS CG    HG2    sing N N 327 
LYS CG    HG3    sing N N 328 
LYS CD    CE     sing N N 329 
LYS CD    HD2    sing N N 330 
LYS CD    HD3    sing N N 331 
LYS CE    NZ     sing N N 332 
LYS CE    HE2    sing N N 333 
LYS CE    HE3    sing N N 334 
LYS NZ    HZ1    sing N N 335 
LYS NZ    HZ2    sing N N 336 
LYS NZ    HZ3    sing N N 337 
LYS OXT   HXT    sing N N 338 
MET N     CA     sing N N 339 
MET N     H      sing N N 340 
MET N     H2     sing N N 341 
MET CA    C      sing N N 342 
MET CA    CB     sing N N 343 
MET CA    HA     sing N N 344 
MET C     O      doub N N 345 
MET C     OXT    sing N N 346 
MET CB    CG     sing N N 347 
MET CB    HB2    sing N N 348 
MET CB    HB3    sing N N 349 
MET CG    SD     sing N N 350 
MET CG    HG2    sing N N 351 
MET CG    HG3    sing N N 352 
MET SD    CE     sing N N 353 
MET CE    HE1    sing N N 354 
MET CE    HE2    sing N N 355 
MET CE    HE3    sing N N 356 
MET OXT   HXT    sing N N 357 
PHE N     CA     sing N N 358 
PHE N     H      sing N N 359 
PHE N     H2     sing N N 360 
PHE CA    C      sing N N 361 
PHE CA    CB     sing N N 362 
PHE CA    HA     sing N N 363 
PHE C     O      doub N N 364 
PHE C     OXT    sing N N 365 
PHE CB    CG     sing N N 366 
PHE CB    HB2    sing N N 367 
PHE CB    HB3    sing N N 368 
PHE CG    CD1    doub Y N 369 
PHE CG    CD2    sing Y N 370 
PHE CD1   CE1    sing Y N 371 
PHE CD1   HD1    sing N N 372 
PHE CD2   CE2    doub Y N 373 
PHE CD2   HD2    sing N N 374 
PHE CE1   CZ     doub Y N 375 
PHE CE1   HE1    sing N N 376 
PHE CE2   CZ     sing Y N 377 
PHE CE2   HE2    sing N N 378 
PHE CZ    HZ     sing N N 379 
PHE OXT   HXT    sing N N 380 
PRO N     CA     sing N N 381 
PRO N     CD     sing N N 382 
PRO N     H      sing N N 383 
PRO CA    C      sing N N 384 
PRO CA    CB     sing N N 385 
PRO CA    HA     sing N N 386 
PRO C     O      doub N N 387 
PRO C     OXT    sing N N 388 
PRO CB    CG     sing N N 389 
PRO CB    HB2    sing N N 390 
PRO CB    HB3    sing N N 391 
PRO CG    CD     sing N N 392 
PRO CG    HG2    sing N N 393 
PRO CG    HG3    sing N N 394 
PRO CD    HD2    sing N N 395 
PRO CD    HD3    sing N N 396 
PRO OXT   HXT    sing N N 397 
SER N     CA     sing N N 398 
SER N     H      sing N N 399 
SER N     H2     sing N N 400 
SER CA    C      sing N N 401 
SER CA    CB     sing N N 402 
SER CA    HA     sing N N 403 
SER C     O      doub N N 404 
SER C     OXT    sing N N 405 
SER CB    OG     sing N N 406 
SER CB    HB2    sing N N 407 
SER CB    HB3    sing N N 408 
SER OG    HG     sing N N 409 
SER OXT   HXT    sing N N 410 
THR N     CA     sing N N 411 
THR N     H      sing N N 412 
THR N     H2     sing N N 413 
THR CA    C      sing N N 414 
THR CA    CB     sing N N 415 
THR CA    HA     sing N N 416 
THR C     O      doub N N 417 
THR C     OXT    sing N N 418 
THR CB    OG1    sing N N 419 
THR CB    CG2    sing N N 420 
THR CB    HB     sing N N 421 
THR OG1   HG1    sing N N 422 
THR CG2   HG21   sing N N 423 
THR CG2   HG22   sing N N 424 
THR CG2   HG23   sing N N 425 
THR OXT   HXT    sing N N 426 
TRS C     C1     sing N N 427 
TRS C     C2     sing N N 428 
TRS C     C3     sing N N 429 
TRS C     N      sing N N 430 
TRS C1    O1     sing N N 431 
TRS C1    H11    sing N N 432 
TRS C1    H12    sing N N 433 
TRS C2    O2     sing N N 434 
TRS C2    H21    sing N N 435 
TRS C2    H22    sing N N 436 
TRS C3    O3     sing N N 437 
TRS C3    H31    sing N N 438 
TRS C3    H32    sing N N 439 
TRS N     HN1    sing N N 440 
TRS N     HN2    sing N N 441 
TRS N     HN3    sing N N 442 
TRS O1    HO1    sing N N 443 
TRS O2    HO2    sing N N 444 
TRS O3    HO3    sing N N 445 
TYR N     CA     sing N N 446 
TYR N     H      sing N N 447 
TYR N     H2     sing N N 448 
TYR CA    C      sing N N 449 
TYR CA    CB     sing N N 450 
TYR CA    HA     sing N N 451 
TYR C     O      doub N N 452 
TYR C     OXT    sing N N 453 
TYR CB    CG     sing N N 454 
TYR CB    HB2    sing N N 455 
TYR CB    HB3    sing N N 456 
TYR CG    CD1    doub Y N 457 
TYR CG    CD2    sing Y N 458 
TYR CD1   CE1    sing Y N 459 
TYR CD1   HD1    sing N N 460 
TYR CD2   CE2    doub Y N 461 
TYR CD2   HD2    sing N N 462 
TYR CE1   CZ     doub Y N 463 
TYR CE1   HE1    sing N N 464 
TYR CE2   CZ     sing Y N 465 
TYR CE2   HE2    sing N N 466 
TYR CZ    OH     sing N N 467 
TYR OH    HH     sing N N 468 
TYR OXT   HXT    sing N N 469 
VAL N     CA     sing N N 470 
VAL N     H      sing N N 471 
VAL N     H2     sing N N 472 
VAL CA    C      sing N N 473 
VAL CA    CB     sing N N 474 
VAL CA    HA     sing N N 475 
VAL C     O      doub N N 476 
VAL C     OXT    sing N N 477 
VAL CB    CG1    sing N N 478 
VAL CB    CG2    sing N N 479 
VAL CB    HB     sing N N 480 
VAL CG1   HG11   sing N N 481 
VAL CG1   HG12   sing N N 482 
VAL CG1   HG13   sing N N 483 
VAL CG2   HG21   sing N N 484 
VAL CG2   HG22   sing N N 485 
VAL CG2   HG23   sing N N 486 
VAL OXT   HXT    sing N N 487 
# 
_ndb_struct_conf_na.entry_id   1JKO 
_ndb_struct_conf_na.feature    'b-form double helix' 
# 
loop_
_ndb_struct_na_base_pair.model_number 
_ndb_struct_na_base_pair.i_label_asym_id 
_ndb_struct_na_base_pair.i_label_comp_id 
_ndb_struct_na_base_pair.i_label_seq_id 
_ndb_struct_na_base_pair.i_symmetry 
_ndb_struct_na_base_pair.j_label_asym_id 
_ndb_struct_na_base_pair.j_label_comp_id 
_ndb_struct_na_base_pair.j_label_seq_id 
_ndb_struct_na_base_pair.j_symmetry 
_ndb_struct_na_base_pair.shear 
_ndb_struct_na_base_pair.stretch 
_ndb_struct_na_base_pair.stagger 
_ndb_struct_na_base_pair.buckle 
_ndb_struct_na_base_pair.propeller 
_ndb_struct_na_base_pair.opening 
_ndb_struct_na_base_pair.pair_number 
_ndb_struct_na_base_pair.pair_name 
_ndb_struct_na_base_pair.i_auth_asym_id 
_ndb_struct_na_base_pair.i_auth_seq_id 
_ndb_struct_na_base_pair.i_PDB_ins_code 
_ndb_struct_na_base_pair.j_auth_asym_id 
_ndb_struct_na_base_pair.j_auth_seq_id 
_ndb_struct_na_base_pair.j_PDB_ins_code 
_ndb_struct_na_base_pair.hbond_type_28 
_ndb_struct_na_base_pair.hbond_type_12 
1 A DG 2  1_555 B DC 14 1_555 0.013  0.043  -0.579 -12.617 4.824   -1.233  1  A_DG3:DC29_B  A 3  ? B 29 ? 19 1 
1 A DT 3  1_555 B DA 13 1_555 -0.187 -0.224 -0.243 -7.485  -12.746 -12.543 2  A_DT4:DA28_B  A 4  ? B 28 ? 20 1 
1 A DT 4  1_555 B DA 12 1_555 -0.602 -0.217 -0.566 -1.005  -21.512 2.848   3  A_DT5:DA27_B  A 5  ? B 27 ? 20 1 
1 A DT 5  1_555 B DA 11 1_555 -0.224 -0.211 -0.558 4.716   -26.448 -2.954  4  A_DT6:DA26_B  A 6  ? B 26 ? 20 1 
1 A DT 6  1_555 B DA 10 1_555 -0.702 -0.093 -0.414 -6.830  -14.319 0.707   5  A_DT7:DA25_B  A 7  ? B 25 ? 20 1 
1 A DT 7  1_555 B DA 9  1_555 -0.541 -0.094 -0.133 -6.637  -20.935 -1.094  6  A_DT8:DA24_B  A 8  ? B 24 ? 20 1 
1 A DG 8  1_555 B DC 8  1_555 -0.564 -0.132 -0.091 -6.365  -5.087  3.744   7  A_DG9:DC23_B  A 9  ? B 23 ? 19 1 
1 A DG 9  1_555 B DC 7  1_555 0.130  -0.316 0.089  1.736   -13.934 0.396   8  A_DG10:DC22_B A 10 ? B 22 ? 19 1 
1 A DT 10 1_555 B DA 6  1_555 -0.413 -0.337 -0.029 -2.389  -7.728  -1.363  9  A_DT11:DA21_B A 11 ? B 21 ? 20 1 
1 A DA 11 1_555 B DT 5  1_555 -0.248 -0.449 -0.522 -4.334  -19.213 0.759   10 A_DA12:DT20_B A 12 ? B 20 ? 20 1 
1 A DA 12 1_555 B DT 4  1_555 -0.082 -0.095 0.426  13.258  -6.880  9.802   11 A_DA13:DT19_B A 13 ? B 19 ? 20 1 
1 A DG 13 1_555 B DC 3  1_555 -0.237 -0.440 -0.202 1.474   -10.087 -4.352  12 A_DG14:DC18_B A 14 ? B 18 ? 19 1 
# 
loop_
_ndb_struct_na_base_pair_step.model_number 
_ndb_struct_na_base_pair_step.i_label_asym_id_1 
_ndb_struct_na_base_pair_step.i_label_comp_id_1 
_ndb_struct_na_base_pair_step.i_label_seq_id_1 
_ndb_struct_na_base_pair_step.i_symmetry_1 
_ndb_struct_na_base_pair_step.j_label_asym_id_1 
_ndb_struct_na_base_pair_step.j_label_comp_id_1 
_ndb_struct_na_base_pair_step.j_label_seq_id_1 
_ndb_struct_na_base_pair_step.j_symmetry_1 
_ndb_struct_na_base_pair_step.i_label_asym_id_2 
_ndb_struct_na_base_pair_step.i_label_comp_id_2 
_ndb_struct_na_base_pair_step.i_label_seq_id_2 
_ndb_struct_na_base_pair_step.i_symmetry_2 
_ndb_struct_na_base_pair_step.j_label_asym_id_2 
_ndb_struct_na_base_pair_step.j_label_comp_id_2 
_ndb_struct_na_base_pair_step.j_label_seq_id_2 
_ndb_struct_na_base_pair_step.j_symmetry_2 
_ndb_struct_na_base_pair_step.shift 
_ndb_struct_na_base_pair_step.slide 
_ndb_struct_na_base_pair_step.rise 
_ndb_struct_na_base_pair_step.tilt 
_ndb_struct_na_base_pair_step.roll 
_ndb_struct_na_base_pair_step.twist 
_ndb_struct_na_base_pair_step.x_displacement 
_ndb_struct_na_base_pair_step.y_displacement 
_ndb_struct_na_base_pair_step.helical_rise 
_ndb_struct_na_base_pair_step.inclination 
_ndb_struct_na_base_pair_step.tip 
_ndb_struct_na_base_pair_step.helical_twist 
_ndb_struct_na_base_pair_step.step_number 
_ndb_struct_na_base_pair_step.step_name 
_ndb_struct_na_base_pair_step.i_auth_asym_id_1 
_ndb_struct_na_base_pair_step.i_auth_seq_id_1 
_ndb_struct_na_base_pair_step.i_PDB_ins_code_1 
_ndb_struct_na_base_pair_step.j_auth_asym_id_1 
_ndb_struct_na_base_pair_step.j_auth_seq_id_1 
_ndb_struct_na_base_pair_step.j_PDB_ins_code_1 
_ndb_struct_na_base_pair_step.i_auth_asym_id_2 
_ndb_struct_na_base_pair_step.i_auth_seq_id_2 
_ndb_struct_na_base_pair_step.i_PDB_ins_code_2 
_ndb_struct_na_base_pair_step.j_auth_asym_id_2 
_ndb_struct_na_base_pair_step.j_auth_seq_id_2 
_ndb_struct_na_base_pair_step.j_PDB_ins_code_2 
1 A DG 2  1_555 B DC 14 1_555 A DT 3  1_555 B DA 13 1_555 -1.153 -0.103 3.237 -3.689 10.311 30.239 -2.050 1.417  3.149 18.999 
6.798  32.117 1  AA_DG3DT4:DA28DC29_BB   A 3  ? B 29 ? A 4  ? B 28 ? 
1 A DT 3  1_555 B DA 13 1_555 A DT 4  1_555 B DA 12 1_555 0.215  -0.459 2.921 3.978  1.951  28.972 -1.283 0.342  2.887 3.872  
-7.893 29.302 2  AA_DT4DT5:DA27DA28_BB   A 4  ? B 28 ? A 5  ? B 27 ? 
1 A DT 4  1_555 B DA 12 1_555 A DT 5  1_555 B DA 11 1_555 -0.220 0.393  3.092 0.632  10.933 34.756 -0.839 0.437  3.069 17.764 
-1.027 36.389 3  AA_DT5DT6:DA26DA27_BB   A 5  ? B 27 ? A 6  ? B 26 ? 
1 A DT 5  1_555 B DA 11 1_555 A DT 6  1_555 B DA 10 1_555 1.140  1.013  3.641 3.117  -2.857 39.388 1.868  -1.276 3.638 -4.223 
-4.608 39.606 4  AA_DT6DT7:DA25DA26_BB   A 6  ? B 26 ? A 7  ? B 25 ? 
1 A DT 6  1_555 B DA 10 1_555 A DT 7  1_555 B DA 9  1_555 -0.786 -0.396 3.182 -2.493 4.513  35.435 -1.276 0.930  3.155 7.367  
4.069  35.796 5  AA_DT7DT8:DA24DA25_BB   A 7  ? B 25 ? A 8  ? B 24 ? 
1 A DT 7  1_555 B DA 9  1_555 A DG 8  1_555 B DC 8  1_555 1.002  1.300  3.375 1.228  3.730  38.037 1.490  -1.367 3.511 5.704  
-1.878 38.232 6  AA_DT8DG9:DC23DA24_BB   A 8  ? B 24 ? A 9  ? B 23 ? 
1 A DG 8  1_555 B DC 8  1_555 A DG 9  1_555 B DC 7  1_555 -1.295 1.625  3.093 -4.418 5.546  37.941 1.773  1.412  3.412 8.440  
6.724  38.574 7  AA_DG9DG10:DC22DC23_BB  A 9  ? B 23 ? A 10 ? B 22 ? 
1 A DG 9  1_555 B DC 7  1_555 A DT 10 1_555 B DA 6  1_555 0.618  -0.678 3.504 0.717  1.387  25.526 -1.953 -1.179 3.478 3.135  
-1.620 25.573 8  AA_DG10DT11:DA21DC22_BB A 10 ? B 22 ? A 11 ? B 21 ? 
1 A DT 10 1_555 B DA 6  1_555 A DA 11 1_555 B DT 5  1_555 -0.272 1.424  3.527 2.547  4.618  39.041 1.511  0.736  3.642 6.872  
-3.790 39.382 9  AA_DT11DA12:DT20DA21_BB A 11 ? B 21 ? A 12 ? B 20 ? 
1 A DA 11 1_555 B DT 5  1_555 A DA 12 1_555 B DT 4  1_555 0.500  0.015  2.732 -7.741 3.826  32.684 -0.481 -1.888 2.536 6.655  
13.466 33.775 10 AA_DA12DA13:DT19DT20_BB A 12 ? B 20 ? A 13 ? B 19 ? 
1 A DA 12 1_555 B DT 4  1_555 A DG 13 1_555 B DC 3  1_555 -0.732 -0.466 3.490 0.643  9.782  34.879 -2.193 1.273  3.233 15.934 
-1.047 36.189 11 AA_DA13DG14:DC18DT19_BB A 13 ? B 19 ? A 14 ? B 18 ? 
# 
loop_
_pdbx_entity_nonpoly.entity_id 
_pdbx_entity_nonpoly.name 
_pdbx_entity_nonpoly.comp_id 
4 2-AMINO-2-HYDROXYMETHYL-PROPANE-1,3-DIOL TRS 
5 water                                    HOH 
# 
_pdbx_initial_refinement_model.id               1 
_pdbx_initial_refinement_model.entity_id_list   ? 
_pdbx_initial_refinement_model.type             'experimental model' 
_pdbx_initial_refinement_model.source_name      PDB 
_pdbx_initial_refinement_model.accession_code   1IJW 
_pdbx_initial_refinement_model.details          ? 
# 
